data_3U8L
#
_entry.id   3U8L
#
_cell.length_a   73.960
_cell.length_b   114.810
_cell.length_c   127.060
_cell.angle_alpha   90.00
_cell.angle_beta   91.08
_cell.angle_gamma   90.00
#
_symmetry.space_group_name_H-M   'P 1 21 1'
#
loop_
_entity.id
_entity.type
_entity.pdbx_description
1 polymer 'Acetylcholine-binding protein'
2 non-polymer 1-(5-phenylpyridin-3-yl)-1,4-diazepane
3 non-polymer 'SULFATE ION'
4 water water
#
_entity_poly.entity_id   1
_entity_poly.type   'polypeptide(L)'
_entity_poly.pdbx_seq_one_letter_code
;LDRADILYNIRQTSRPDVIPTQRDRPVAVSVSLKFINILEVNEITNEVDVVFWQQTTWSDRTLAWNSSHSPDQVSVPISS
LWVPDLAAYNAISKPEVLTPQLARVVSDGEVLYMPSIRQRFSCDVSGVDTESGATCRIKIGSWTHHSREISVDPTTENSD
DSEYFSQYSRFEILDVTQKKNSVTYSCCPEAYEDVEVSLNFRKKGRSEIL
;
_entity_poly.pdbx_strand_id   A,B,C,D,E,F,G,H,I,J
#
# COMPACT_ATOMS: atom_id res chain seq x y z
N LEU A 1 25.65 -12.19 -2.56
CA LEU A 1 24.94 -10.91 -2.52
C LEU A 1 25.61 -9.87 -3.39
N ASP A 2 24.83 -9.23 -4.26
CA ASP A 2 25.32 -8.02 -4.93
C ASP A 2 24.79 -6.79 -4.21
N ARG A 3 25.19 -5.61 -4.69
CA ARG A 3 24.78 -4.36 -4.04
C ARG A 3 23.25 -4.20 -4.00
N ALA A 4 22.59 -4.59 -5.09
CA ALA A 4 21.14 -4.53 -5.17
C ALA A 4 20.47 -5.31 -4.05
N ASP A 5 20.96 -6.53 -3.79
CA ASP A 5 20.42 -7.36 -2.70
C ASP A 5 20.67 -6.75 -1.31
N ILE A 6 21.89 -6.29 -1.08
CA ILE A 6 22.27 -5.66 0.20
C ILE A 6 21.39 -4.45 0.49
N LEU A 7 21.23 -3.56 -0.49
CA LEU A 7 20.40 -2.37 -0.34
C LEU A 7 18.91 -2.69 -0.19
N TYR A 8 18.43 -3.70 -0.92
CA TYR A 8 17.08 -4.20 -0.73
C TYR A 8 16.86 -4.67 0.70
N ASN A 9 17.77 -5.49 1.20
CA ASN A 9 17.66 -6.01 2.56
C ASN A 9 17.66 -4.91 3.63
N ILE A 10 18.55 -3.93 3.47
CA ILE A 10 18.63 -2.78 4.37
C ILE A 10 17.33 -1.97 4.34
N ARG A 11 16.87 -1.65 3.15
CA ARG A 11 15.62 -0.91 3.00
C ARG A 11 14.42 -1.60 3.61
N GLN A 12 14.30 -2.92 3.43
CA GLN A 12 13.17 -3.65 3.99
C GLN A 12 13.18 -3.82 5.52
N THR A 13 14.37 -3.77 6.14
CA THR A 13 14.51 -4.20 7.55
C THR A 13 15.21 -3.24 8.53
N SER A 14 15.75 -2.15 8.03
CA SER A 14 16.34 -1.16 8.94
C SER A 14 15.19 -0.39 9.56
N ARG A 15 15.30 -0.17 10.86
CA ARG A 15 14.30 0.58 11.59
C ARG A 15 14.93 1.93 11.93
N PRO A 16 14.74 2.92 11.07
CA PRO A 16 15.38 4.24 11.24
C PRO A 16 15.02 4.91 12.57
N ASP A 17 13.89 4.54 13.14
CA ASP A 17 13.45 5.14 14.40
C ASP A 17 14.01 4.42 15.63
N VAL A 18 14.73 3.33 15.41
CA VAL A 18 15.14 2.47 16.53
C VAL A 18 16.63 2.58 16.83
N ILE A 19 16.95 3.17 17.97
CA ILE A 19 18.33 3.27 18.41
C ILE A 19 18.91 1.85 18.55
N PRO A 20 20.07 1.60 17.93
CA PRO A 20 20.65 0.26 17.90
C PRO A 20 21.51 -0.06 19.12
N THR A 21 20.95 0.06 20.32
CA THR A 21 21.66 -0.34 21.52
C THR A 21 21.73 -1.86 21.57
N GLN A 22 22.82 -2.37 22.14
CA GLN A 22 23.05 -3.79 22.33
C GLN A 22 23.20 -4.04 23.82
N ARG A 23 22.60 -5.10 24.33
CA ARG A 23 22.77 -5.52 25.74
C ARG A 23 22.77 -4.36 26.76
N ASP A 24 21.74 -3.50 26.69
CA ASP A 24 21.64 -2.29 27.53
C ASP A 24 22.91 -1.42 27.61
N ARG A 25 23.75 -1.50 26.59
CA ARG A 25 24.93 -0.65 26.47
C ARG A 25 24.55 0.57 25.64
N PRO A 26 25.32 1.67 25.77
CA PRO A 26 25.11 2.82 24.90
C PRO A 26 25.61 2.55 23.47
N VAL A 27 25.03 3.20 22.50
CA VAL A 27 25.61 3.27 21.16
C VAL A 27 26.80 4.24 21.25
N ALA A 28 27.99 3.76 20.92
CA ALA A 28 29.19 4.61 20.89
C ALA A 28 29.24 5.40 19.59
N VAL A 29 29.12 6.72 19.70
CA VAL A 29 29.14 7.58 18.53
C VAL A 29 30.42 8.40 18.53
N SER A 30 31.20 8.29 17.46
CA SER A 30 32.37 9.12 17.29
C SER A 30 32.00 10.34 16.49
N VAL A 31 32.47 11.50 16.97
CA VAL A 31 32.25 12.78 16.31
C VAL A 31 33.57 13.51 16.17
N SER A 32 33.80 14.10 15.00
CA SER A 32 35.00 14.88 14.74
C SER A 32 34.69 15.95 13.69
N LEU A 33 34.99 17.22 13.98
CA LEU A 33 34.76 18.28 12.99
C LEU A 33 36.05 18.62 12.22
N LYS A 34 35.98 18.59 10.90
CA LYS A 34 37.08 19.05 10.07
C LYS A 34 36.65 20.37 9.44
N PHE A 35 37.33 21.46 9.80
CA PHE A 35 36.91 22.77 9.32
C PHE A 35 37.33 23.00 7.88
N ILE A 36 36.37 23.45 7.07
CA ILE A 36 36.58 23.69 5.66
C ILE A 36 36.72 25.18 5.40
N ASN A 37 35.98 25.99 6.17
CA ASN A 37 35.95 27.40 5.91
C ASN A 37 35.33 28.18 7.06
N ILE A 38 35.79 29.41 7.22
CA ILE A 38 35.21 30.38 8.12
C ILE A 38 34.83 31.57 7.24
N LEU A 39 33.53 31.83 7.13
CA LEU A 39 32.99 32.73 6.10
C LEU A 39 32.71 34.12 6.64
N GLU A 40 32.23 34.19 7.87
CA GLU A 40 31.89 35.46 8.45
C GLU A 40 32.08 35.43 9.95
N VAL A 41 32.63 36.51 10.47
CA VAL A 41 32.92 36.62 11.88
C VAL A 41 32.46 38.01 12.30
N ASN A 42 31.75 38.08 13.42
CA ASN A 42 31.33 39.37 13.94
C ASN A 42 31.78 39.49 15.39
N GLU A 43 32.83 40.29 15.60
CA GLU A 43 33.43 40.45 16.92
C GLU A 43 32.54 41.28 17.86
N ILE A 44 31.56 41.99 17.30
CA ILE A 44 30.61 42.75 18.12
C ILE A 44 29.43 41.88 18.58
N THR A 45 28.87 41.10 17.67
CA THR A 45 27.77 40.20 18.02
C THR A 45 28.23 38.85 18.57
N ASN A 46 29.53 38.55 18.47
CA ASN A 46 30.02 37.22 18.84
C ASN A 46 29.33 36.09 18.08
N GLU A 47 29.31 36.22 16.75
CA GLU A 47 28.73 35.21 15.88
C GLU A 47 29.74 34.84 14.78
N VAL A 48 29.73 33.57 14.40
CA VAL A 48 30.59 33.09 13.32
C VAL A 48 29.78 32.18 12.41
N ASP A 49 30.14 32.21 11.13
CA ASP A 49 29.52 31.41 10.09
C ASP A 49 30.63 30.47 9.59
N VAL A 50 30.50 29.17 9.82
CA VAL A 50 31.53 28.23 9.39
C VAL A 50 31.00 27.07 8.55
N VAL A 51 31.91 26.44 7.81
CA VAL A 51 31.62 25.21 7.08
C VAL A 51 32.56 24.12 7.58
N PHE A 52 32.01 22.96 7.95
CA PHE A 52 32.83 21.87 8.47
C PHE A 52 32.35 20.48 8.01
N TRP A 53 33.27 19.52 7.91
CA TRP A 53 32.98 18.09 7.73
C TRP A 53 32.49 17.57 9.07
N GLN A 54 31.26 17.12 9.18
CA GLN A 54 30.86 16.51 10.45
C GLN A 54 30.98 15.02 10.35
N GLN A 55 32.17 14.53 10.71
CA GLN A 55 32.53 13.14 10.56
C GLN A 55 31.96 12.29 11.70
N THR A 56 30.93 11.52 11.37
CA THR A 56 30.16 10.80 12.37
C THR A 56 30.17 9.29 12.14
N THR A 57 30.43 8.55 13.20
CA THR A 57 30.67 7.11 13.10
C THR A 57 29.95 6.39 14.22
N TRP A 58 29.31 5.27 13.88
CA TRP A 58 28.72 4.41 14.89
C TRP A 58 28.48 3.01 14.32
N SER A 59 28.12 2.08 15.20
CA SER A 59 27.85 0.72 14.82
C SER A 59 26.35 0.39 14.89
N ASP A 60 25.84 -0.25 13.85
CA ASP A 60 24.48 -0.79 13.87
C ASP A 60 24.48 -2.22 13.32
N ARG A 61 24.52 -3.20 14.22
CA ARG A 61 24.65 -4.60 13.82
C ARG A 61 23.49 -5.16 12.99
N THR A 62 22.33 -4.53 13.07
CA THR A 62 21.18 -4.98 12.29
C THR A 62 21.40 -4.75 10.79
N LEU A 63 22.45 -4.00 10.44
CA LEU A 63 22.75 -3.70 9.05
C LEU A 63 23.75 -4.71 8.48
N ALA A 64 24.40 -5.47 9.36
CA ALA A 64 25.49 -6.34 8.96
C ALA A 64 25.08 -7.40 7.94
N TRP A 65 26.01 -7.78 7.09
CA TRP A 65 25.79 -8.88 6.17
C TRP A 65 27.07 -9.70 5.99
N ASN A 66 26.92 -10.96 5.56
CA ASN A 66 28.05 -11.81 5.25
C ASN A 66 28.68 -11.31 3.95
N SER A 67 29.93 -10.84 4.02
CA SER A 67 30.56 -10.27 2.83
C SER A 67 31.66 -11.15 2.25
N SER A 68 31.62 -12.45 2.57
CA SER A 68 32.65 -13.39 2.10
C SER A 68 32.85 -13.31 0.58
N HIS A 69 31.75 -13.31 -0.16
CA HIS A 69 31.83 -13.19 -1.62
C HIS A 69 30.93 -12.06 -2.08
N SER A 70 30.99 -10.95 -1.37
CA SER A 70 30.12 -9.82 -1.64
C SER A 70 30.86 -8.53 -1.42
N PRO A 71 30.31 -7.42 -1.94
CA PRO A 71 30.83 -6.08 -1.63
C PRO A 71 30.86 -5.91 -0.13
N ASP A 72 31.93 -5.34 0.41
CA ASP A 72 31.96 -5.14 1.86
C ASP A 72 31.51 -3.74 2.29
N GLN A 73 31.12 -2.90 1.33
CA GLN A 73 30.57 -1.57 1.63
C GLN A 73 29.53 -1.13 0.61
N VAL A 74 28.51 -0.42 1.08
CA VAL A 74 27.56 0.28 0.21
C VAL A 74 27.25 1.70 0.71
N SER A 75 26.80 2.56 -0.19
CA SER A 75 26.29 3.88 0.20
C SER A 75 24.77 3.79 0.36
N VAL A 76 24.26 4.41 1.42
CA VAL A 76 22.85 4.29 1.79
C VAL A 76 22.28 5.65 2.21
N PRO A 77 21.09 6.01 1.69
CA PRO A 77 20.45 7.26 2.12
C PRO A 77 20.19 7.23 3.63
N ILE A 78 20.46 8.31 4.35
CA ILE A 78 20.30 8.28 5.80
C ILE A 78 18.83 8.16 6.19
N SER A 79 17.94 8.43 5.26
CA SER A 79 16.52 8.25 5.51
C SER A 79 16.18 6.78 5.73
N SER A 80 17.03 5.87 5.25
CA SER A 80 16.82 4.43 5.48
C SER A 80 17.60 3.89 6.67
N LEU A 81 18.22 4.77 7.46
CA LEU A 81 19.06 4.33 8.57
C LEU A 81 18.72 5.07 9.84
N TRP A 82 18.93 4.42 10.99
CA TRP A 82 18.93 5.17 12.22
C TRP A 82 20.17 6.04 12.20
N VAL A 83 20.02 7.31 12.59
CA VAL A 83 21.18 8.15 12.83
C VAL A 83 21.00 8.85 14.17
N PRO A 84 22.11 9.11 14.87
CA PRO A 84 22.10 9.79 16.17
C PRO A 84 21.53 11.21 16.04
N ASP A 85 20.78 11.65 17.05
CA ASP A 85 20.09 12.93 17.04
C ASP A 85 20.99 14.05 17.60
N LEU A 86 22.14 14.24 16.95
CA LEU A 86 23.13 15.25 17.39
C LEU A 86 22.70 16.66 17.09
N ALA A 87 23.06 17.58 17.98
CA ALA A 87 22.82 19.00 17.77
C ALA A 87 23.91 19.82 18.43
N ALA A 88 24.24 20.93 17.80
CA ALA A 88 25.17 21.90 18.38
C ALA A 88 24.38 22.80 19.32
N TYR A 89 24.76 22.81 20.60
CA TYR A 89 24.04 23.58 21.61
C TYR A 89 24.10 25.08 21.38
N ASN A 90 25.15 25.58 20.75
CA ASN A 90 25.29 27.02 20.59
C ASN A 90 25.11 27.45 19.14
N ALA A 91 24.52 26.57 18.34
CA ALA A 91 24.11 26.95 16.99
C ALA A 91 22.96 27.96 17.05
N ILE A 92 22.97 28.91 16.12
CA ILE A 92 21.89 29.88 16.02
C ILE A 92 21.21 29.87 14.65
N SER A 93 21.56 28.91 13.81
CA SER A 93 20.84 28.63 12.58
C SER A 93 20.74 27.13 12.48
N LYS A 94 19.80 26.60 11.71
CA LYS A 94 19.82 25.14 11.53
C LYS A 94 20.93 24.72 10.58
N PRO A 95 21.37 23.47 10.70
CA PRO A 95 22.48 23.03 9.87
C PRO A 95 22.10 23.11 8.40
N GLU A 96 22.92 23.74 7.57
CA GLU A 96 22.70 23.72 6.13
C GLU A 96 23.57 22.61 5.57
N VAL A 97 22.97 21.48 5.22
CA VAL A 97 23.73 20.35 4.71
C VAL A 97 24.05 20.59 3.24
N LEU A 98 25.33 20.65 2.90
CA LEU A 98 25.75 21.05 1.55
C LEU A 98 25.89 19.87 0.60
N THR A 99 25.95 18.65 1.16
CA THR A 99 26.29 17.46 0.38
C THR A 99 25.16 16.42 0.33
N PRO A 100 25.25 15.46 -0.60
CA PRO A 100 24.24 14.40 -0.68
C PRO A 100 24.13 13.67 0.64
N GLN A 101 22.91 13.41 1.08
CA GLN A 101 22.70 12.82 2.40
C GLN A 101 22.73 11.30 2.40
N LEU A 102 23.92 10.77 2.14
CA LEU A 102 24.21 9.34 2.05
C LEU A 102 25.26 8.98 3.08
N ALA A 103 25.06 7.84 3.75
CA ALA A 103 26.06 7.28 4.65
C ALA A 103 26.71 6.08 4.00
N ARG A 104 27.93 5.77 4.42
CA ARG A 104 28.63 4.57 3.98
C ARG A 104 28.44 3.49 5.06
N VAL A 105 27.96 2.32 4.65
CA VAL A 105 27.72 1.21 5.56
C VAL A 105 28.64 0.05 5.24
N VAL A 106 29.41 -0.40 6.24
CA VAL A 106 30.31 -1.52 6.08
C VAL A 106 29.60 -2.82 6.48
N SER A 107 30.05 -3.95 5.95
CA SER A 107 29.33 -5.23 6.14
C SER A 107 29.27 -5.70 7.60
N ASP A 108 30.15 -5.16 8.44
CA ASP A 108 30.11 -5.51 9.85
C ASP A 108 29.13 -4.65 10.63
N GLY A 109 28.48 -3.72 9.93
CA GLY A 109 27.49 -2.86 10.56
C GLY A 109 27.99 -1.48 10.92
N GLU A 110 29.26 -1.18 10.63
CA GLU A 110 29.77 0.17 10.84
C GLU A 110 29.15 1.16 9.84
N VAL A 111 28.65 2.28 10.35
CA VAL A 111 28.08 3.33 9.51
C VAL A 111 28.94 4.58 9.61
N LEU A 112 29.23 5.19 8.47
CA LEU A 112 29.98 6.44 8.48
C LEU A 112 29.22 7.51 7.72
N TYR A 113 28.80 8.54 8.43
CA TYR A 113 28.06 9.64 7.84
C TYR A 113 28.89 10.90 8.03
N MET A 114 29.26 11.53 6.91
CA MET A 114 30.14 12.69 6.96
CA MET A 114 30.16 12.67 6.95
C MET A 114 29.67 13.80 6.04
N PRO A 115 28.62 14.52 6.46
CA PRO A 115 28.13 15.60 5.62
C PRO A 115 28.99 16.84 5.79
N SER A 116 29.03 17.67 4.76
CA SER A 116 29.59 19.01 4.87
C SER A 116 28.47 19.95 5.29
N ILE A 117 28.73 20.74 6.32
CA ILE A 117 27.67 21.55 6.92
C ILE A 117 28.09 23.02 7.03
N ARG A 118 27.19 23.91 6.64
CA ARG A 118 27.36 25.31 6.93
C ARG A 118 26.41 25.72 8.05
N GLN A 119 26.92 26.38 9.09
CA GLN A 119 26.11 26.75 10.25
C GLN A 119 26.64 27.98 11.00
N ARG A 120 25.72 28.74 11.60
CA ARG A 120 26.06 29.94 12.36
C ARG A 120 26.00 29.62 13.85
N PHE A 121 26.99 30.12 14.58
CA PHE A 121 27.13 29.85 16.00
C PHE A 121 27.34 31.12 16.83
N SER A 122 26.87 31.06 18.08
CA SER A 122 27.19 32.07 19.06
C SER A 122 28.38 31.58 19.85
N CYS A 123 29.46 32.34 19.83
CA CYS A 123 30.65 31.98 20.60
C CYS A 123 31.61 33.16 20.77
N ASP A 124 32.68 32.93 21.53
CA ASP A 124 33.66 33.98 21.83
C ASP A 124 34.52 34.36 20.63
N VAL A 125 34.25 35.52 20.05
CA VAL A 125 35.00 35.96 18.89
C VAL A 125 36.11 36.96 19.25
N SER A 126 36.20 37.33 20.53
CA SER A 126 37.21 38.29 20.95
C SER A 126 38.62 37.78 20.64
N GLY A 127 39.47 38.69 20.18
CA GLY A 127 40.85 38.34 19.88
C GLY A 127 41.09 37.86 18.47
N VAL A 128 40.04 37.81 17.66
CA VAL A 128 40.15 37.26 16.31
C VAL A 128 41.21 38.00 15.47
N ASP A 129 41.50 39.25 15.81
CA ASP A 129 42.45 40.06 15.06
C ASP A 129 43.81 40.13 15.71
N THR A 130 44.18 39.09 16.46
CA THR A 130 45.44 39.13 17.17
C THR A 130 46.27 37.86 17.05
N GLU A 131 47.53 37.99 17.44
CA GLU A 131 48.50 36.92 17.47
C GLU A 131 47.89 35.64 18.02
N SER A 132 47.26 35.75 19.18
CA SER A 132 46.73 34.60 19.89
C SER A 132 45.40 34.15 19.28
N GLY A 133 44.74 35.06 18.57
CA GLY A 133 43.48 34.76 17.91
C GLY A 133 42.30 34.57 18.86
N ALA A 134 41.15 34.25 18.28
CA ALA A 134 39.94 33.96 19.05
C ALA A 134 39.83 32.46 19.26
N THR A 135 39.12 32.05 20.31
CA THR A 135 38.80 30.65 20.50
C THR A 135 37.28 30.46 20.60
N CYS A 136 36.72 29.89 19.54
CA CYS A 136 35.29 29.64 19.48
C CYS A 136 35.04 28.18 19.84
N ARG A 137 34.15 27.97 20.80
CA ARG A 137 33.83 26.64 21.28
C ARG A 137 32.45 26.16 20.79
N ILE A 138 32.37 24.92 20.37
CA ILE A 138 31.13 24.38 19.80
C ILE A 138 30.79 23.06 20.45
N LYS A 139 29.68 23.02 21.17
CA LYS A 139 29.26 21.79 21.83
C LYS A 139 28.26 21.02 20.99
N ILE A 140 28.59 19.77 20.74
CA ILE A 140 27.70 18.89 20.02
C ILE A 140 27.41 17.65 20.86
N GLY A 141 26.13 17.32 21.02
CA GLY A 141 25.73 16.10 21.68
C GLY A 141 24.35 15.62 21.25
N SER A 142 23.98 14.43 21.74
CA SER A 142 22.66 13.89 21.51
C SER A 142 21.62 14.79 22.16
N TRP A 143 20.58 15.12 21.41
CA TRP A 143 19.53 15.97 21.94
C TRP A 143 18.66 15.26 23.00
N THR A 144 18.30 13.99 22.77
CA THR A 144 17.34 13.32 23.62
C THR A 144 17.81 12.04 24.30
N HIS A 145 19.01 11.57 23.96
CA HIS A 145 19.54 10.33 24.52
C HIS A 145 20.62 10.59 25.57
N HIS A 146 20.40 10.12 26.79
CA HIS A 146 21.39 10.30 27.86
C HIS A 146 22.56 9.34 27.70
N SER A 147 23.45 9.33 28.68
CA SER A 147 24.72 8.65 28.53
C SER A 147 24.65 7.11 28.52
N ARG A 148 23.54 6.55 29.01
CA ARG A 148 23.40 5.10 28.96
C ARG A 148 22.83 4.64 27.62
N GLU A 149 22.50 5.59 26.75
CA GLU A 149 21.95 5.28 25.43
C GLU A 149 22.87 5.72 24.28
N ILE A 150 23.41 6.93 24.39
CA ILE A 150 24.42 7.38 23.46
C ILE A 150 25.62 7.98 24.20
N SER A 151 26.82 7.49 23.88
CA SER A 151 28.02 8.15 24.34
C SER A 151 28.67 8.81 23.13
N VAL A 152 29.22 10.00 23.33
CA VAL A 152 29.92 10.69 22.26
C VAL A 152 31.39 10.82 22.62
N ASP A 153 32.23 10.62 21.62
CA ASP A 153 33.65 10.59 21.85
C ASP A 153 34.40 11.19 20.68
N PRO A 154 35.31 12.12 21.00
CA PRO A 154 36.21 12.74 20.03
C PRO A 154 37.11 11.67 19.45
N THR A 155 37.29 11.68 18.13
CA THR A 155 38.35 10.90 17.52
C THR A 155 39.32 11.87 16.83
N THR A 156 40.52 11.41 16.53
CA THR A 156 41.52 12.28 15.93
C THR A 156 42.71 11.47 15.42
N ASP A 160 46.96 17.13 10.44
CA ASP A 160 46.98 18.59 10.44
C ASP A 160 45.57 19.18 10.42
N ASP A 161 45.34 20.15 11.30
CA ASP A 161 44.03 20.80 11.44
C ASP A 161 43.57 21.57 10.20
N SER A 162 44.51 22.08 9.40
CA SER A 162 44.16 22.85 8.20
C SER A 162 44.15 22.00 6.93
N GLU A 163 44.15 20.68 7.09
CA GLU A 163 44.26 19.77 5.95
C GLU A 163 43.22 20.10 4.88
N TYR A 164 42.00 20.34 5.34
CA TYR A 164 40.92 20.61 4.41
C TYR A 164 40.51 22.07 4.44
N PHE A 165 41.19 22.88 5.24
CA PHE A 165 40.80 24.28 5.39
C PHE A 165 41.12 25.08 4.12
N SER A 166 40.18 25.91 3.69
CA SER A 166 40.34 26.65 2.44
C SER A 166 41.45 27.69 2.55
N GLN A 167 42.36 27.67 1.58
CA GLN A 167 43.43 28.67 1.52
C GLN A 167 42.89 30.06 1.15
N TYR A 168 41.61 30.13 0.78
CA TYR A 168 41.05 31.40 0.29
C TYR A 168 40.19 32.12 1.33
N SER A 169 40.01 31.50 2.49
CA SER A 169 39.38 32.17 3.62
C SER A 169 40.15 33.43 4.04
N ARG A 170 39.47 34.41 4.62
CA ARG A 170 40.15 35.53 5.24
C ARG A 170 40.77 35.14 6.57
N PHE A 171 40.44 33.95 7.05
CA PHE A 171 40.94 33.50 8.34
C PHE A 171 41.89 32.31 8.20
N GLU A 172 42.65 32.05 9.24
CA GLU A 172 43.50 30.88 9.31
C GLU A 172 43.30 30.19 10.66
N ILE A 173 43.46 28.87 10.67
CA ILE A 173 43.31 28.07 11.87
C ILE A 173 44.64 27.89 12.59
N LEU A 174 44.67 28.24 13.87
CA LEU A 174 45.88 28.10 14.65
C LEU A 174 45.90 26.73 15.32
N ASP A 175 44.72 26.25 15.70
CA ASP A 175 44.62 24.99 16.42
C ASP A 175 43.16 24.55 16.62
N VAL A 176 42.94 23.24 16.60
CA VAL A 176 41.65 22.66 16.92
C VAL A 176 41.84 21.58 17.98
N THR A 177 41.14 21.72 19.11
CA THR A 177 41.16 20.68 20.12
C THR A 177 39.73 20.22 20.40
N GLN A 178 39.59 18.98 20.81
CA GLN A 178 38.28 18.44 21.17
C GLN A 178 38.40 17.84 22.56
N LYS A 179 37.29 17.79 23.27
CA LYS A 179 37.30 17.27 24.62
C LYS A 179 35.91 16.72 24.90
N LYS A 180 35.82 15.75 25.80
CA LYS A 180 34.54 15.12 26.09
C LYS A 180 33.97 15.60 27.40
N ASN A 181 32.67 15.82 27.43
CA ASN A 181 31.97 16.29 28.61
C ASN A 181 30.79 15.42 28.99
N SER A 182 30.58 15.28 30.28
CA SER A 182 29.39 14.65 30.81
C SER A 182 28.71 15.70 31.67
N VAL A 183 27.54 16.14 31.25
CA VAL A 183 26.85 17.22 31.92
C VAL A 183 25.53 16.73 32.49
N THR A 184 25.30 17.03 33.76
CA THR A 184 23.97 16.87 34.33
C THR A 184 23.34 18.25 34.38
N TYR A 185 22.08 18.30 33.94
CA TYR A 185 21.27 19.49 33.93
C TYR A 185 20.21 19.32 35.02
N SER A 186 20.05 20.35 35.84
CA SER A 186 19.14 20.35 36.99
C SER A 186 17.73 19.79 36.74
N CYS A 187 17.30 19.68 35.49
CA CYS A 187 15.93 19.22 35.23
C CYS A 187 15.83 17.76 34.77
N CYS A 188 16.97 17.11 34.57
CA CYS A 188 16.97 15.70 34.17
C CYS A 188 17.87 14.93 35.13
N PRO A 189 17.50 13.68 35.42
CA PRO A 189 18.33 12.90 36.36
C PRO A 189 19.59 12.33 35.73
N GLU A 190 19.62 12.18 34.41
CA GLU A 190 20.75 11.50 33.78
C GLU A 190 21.75 12.47 33.17
N ALA A 191 22.95 11.96 32.92
CA ALA A 191 24.01 12.72 32.29
C ALA A 191 23.92 12.63 30.77
N TYR A 192 24.25 13.73 30.11
CA TYR A 192 24.28 13.80 28.65
C TYR A 192 25.68 14.14 28.20
N GLU A 193 26.19 13.35 27.26
CA GLU A 193 27.56 13.56 26.81
C GLU A 193 27.60 14.51 25.62
N ASP A 194 28.65 15.31 25.54
CA ASP A 194 28.88 16.13 24.38
C ASP A 194 30.35 16.16 24.07
N VAL A 195 30.68 16.52 22.84
CA VAL A 195 32.04 16.83 22.46
C VAL A 195 32.11 18.34 22.28
N GLU A 196 33.10 18.93 22.91
CA GLU A 196 33.31 20.36 22.83
C GLU A 196 34.50 20.60 21.92
N VAL A 197 34.24 21.24 20.79
CA VAL A 197 35.31 21.49 19.83
C VAL A 197 35.77 22.94 19.94
N SER A 198 37.03 23.13 20.26
CA SER A 198 37.59 24.48 20.38
C SER A 198 38.37 24.86 19.13
N LEU A 199 37.87 25.85 18.41
CA LEU A 199 38.51 26.36 17.22
C LEU A 199 39.27 27.66 17.53
N ASN A 200 40.59 27.58 17.50
CA ASN A 200 41.46 28.73 17.68
C ASN A 200 41.84 29.24 16.30
N PHE A 201 41.35 30.42 15.94
CA PHE A 201 41.59 30.97 14.61
C PHE A 201 41.84 32.49 14.66
N ARG A 202 42.37 33.04 13.58
CA ARG A 202 42.55 34.48 13.48
C ARG A 202 42.42 34.97 12.06
N LYS A 203 42.21 36.27 11.91
CA LYS A 203 42.19 36.90 10.60
C LYS A 203 43.60 36.93 10.05
N LYS A 204 43.71 36.57 8.77
CA LYS A 204 45.01 36.58 8.13
C LYS A 204 45.51 38.00 8.12
N GLY A 205 46.82 38.17 7.95
CA GLY A 205 47.42 39.49 7.91
C GLY A 205 47.64 39.93 6.48
N LEU B 1 9.34 -6.53 26.38
CA LEU B 1 9.41 -5.56 25.29
C LEU B 1 10.78 -4.93 25.20
N ASP B 2 11.37 -4.92 24.00
CA ASP B 2 12.54 -4.11 23.77
C ASP B 2 12.14 -2.82 23.05
N ARG B 3 13.11 -1.94 22.80
CA ARG B 3 12.82 -0.64 22.22
C ARG B 3 12.15 -0.79 20.86
N ALA B 4 12.62 -1.75 20.07
CA ALA B 4 12.05 -2.00 18.75
C ALA B 4 10.54 -2.31 18.83
N ASP B 5 10.14 -3.11 19.81
CA ASP B 5 8.73 -3.46 19.97
C ASP B 5 7.90 -2.25 20.41
N ILE B 6 8.43 -1.49 21.37
CA ILE B 6 7.77 -0.30 21.86
C ILE B 6 7.54 0.71 20.73
N LEU B 7 8.58 0.97 19.95
CA LEU B 7 8.47 1.93 18.85
C LEU B 7 7.58 1.42 17.72
N TYR B 8 7.61 0.12 17.46
CA TYR B 8 6.68 -0.49 16.52
C TYR B 8 5.24 -0.25 16.97
N ASN B 9 4.95 -0.57 18.23
CA ASN B 9 3.61 -0.38 18.77
C ASN B 9 3.10 1.07 18.70
N ILE B 10 3.96 2.01 19.08
CA ILE B 10 3.64 3.42 19.02
C ILE B 10 3.37 3.86 17.58
N ARG B 11 4.27 3.51 16.67
CA ARG B 11 4.09 3.80 15.25
C ARG B 11 2.77 3.23 14.68
N GLN B 12 2.37 2.02 15.11
CA GLN B 12 1.12 1.39 14.64
C GLN B 12 -0.16 1.93 15.28
N THR B 13 -0.07 2.56 16.45
CA THR B 13 -1.28 2.92 17.18
C THR B 13 -1.35 4.36 17.75
N SER B 14 -0.39 5.20 17.44
CA SER B 14 -0.29 6.56 18.03
C SER B 14 -1.53 7.46 17.83
N ARG B 15 -2.05 7.51 16.61
CA ARG B 15 -3.13 8.42 16.25
C ARG B 15 -2.73 9.89 16.51
N PRO B 16 -1.75 10.38 15.73
CA PRO B 16 -1.14 11.71 15.88
C PRO B 16 -2.18 12.83 15.76
N ASP B 17 -3.29 12.56 15.08
CA ASP B 17 -4.32 13.58 14.87
C ASP B 17 -5.32 13.65 16.02
N VAL B 18 -5.22 12.74 16.98
CA VAL B 18 -6.23 12.64 18.02
C VAL B 18 -5.75 13.19 19.36
N ILE B 19 -6.33 14.30 19.79
CA ILE B 19 -6.04 14.85 21.11
C ILE B 19 -6.37 13.82 22.19
N PRO B 20 -5.42 13.56 23.10
CA PRO B 20 -5.62 12.50 24.09
C PRO B 20 -6.34 12.97 25.36
N THR B 21 -7.54 13.53 25.25
CA THR B 21 -8.32 13.89 26.45
C THR B 21 -8.76 12.62 27.17
N GLN B 22 -8.57 12.62 28.50
CA GLN B 22 -9.00 11.50 29.34
C GLN B 22 -10.36 11.84 29.93
N ARG B 23 -11.36 11.01 29.63
CA ARG B 23 -12.73 11.29 30.05
C ARG B 23 -13.12 12.66 29.52
N ASP B 24 -13.69 13.51 30.37
CA ASP B 24 -14.08 14.84 29.93
C ASP B 24 -13.18 15.95 30.50
N ARG B 25 -11.89 15.65 30.65
CA ARG B 25 -10.94 16.63 31.14
C ARG B 25 -10.08 17.19 30.03
N PRO B 26 -9.60 18.42 30.21
CA PRO B 26 -8.63 18.96 29.27
C PRO B 26 -7.32 18.16 29.32
N VAL B 27 -6.59 18.14 28.21
CA VAL B 27 -5.19 17.74 28.28
C VAL B 27 -4.37 18.86 28.96
N ALA B 28 -3.73 18.54 30.08
CA ALA B 28 -2.88 19.51 30.77
C ALA B 28 -1.51 19.62 30.10
N VAL B 29 -1.24 20.77 29.49
CA VAL B 29 0.02 20.97 28.82
C VAL B 29 0.89 21.93 29.63
N SER B 30 2.09 21.50 29.97
CA SER B 30 3.05 22.40 30.62
C SER B 30 3.96 23.00 29.56
N VAL B 31 4.17 24.31 29.64
CA VAL B 31 5.06 25.00 28.72
C VAL B 31 5.95 25.94 29.50
N SER B 32 7.19 26.06 29.05
CA SER B 32 8.15 26.97 29.66
C SER B 32 9.25 27.24 28.65
N LEU B 33 9.67 28.49 28.56
CA LEU B 33 10.76 28.89 27.67
C LEU B 33 12.06 29.14 28.46
N LYS B 34 13.13 28.49 28.03
CA LYS B 34 14.47 28.76 28.56
C LYS B 34 15.22 29.54 27.50
N PHE B 35 15.58 30.77 27.79
CA PHE B 35 16.22 31.59 26.79
C PHE B 35 17.70 31.25 26.64
N ILE B 36 18.10 31.05 25.39
CA ILE B 36 19.48 30.68 25.08
C ILE B 36 20.22 31.89 24.53
N ASN B 37 19.53 32.73 23.77
CA ASN B 37 20.19 33.85 23.14
C ASN B 37 19.23 34.92 22.68
N ILE B 38 19.70 36.17 22.67
CA ILE B 38 19.00 37.27 22.04
C ILE B 38 19.95 37.82 20.99
N LEU B 39 19.55 37.72 19.73
CA LEU B 39 20.46 37.91 18.61
C LEU B 39 20.38 39.29 17.99
N GLU B 40 19.17 39.82 17.95
CA GLU B 40 18.94 41.10 17.31
C GLU B 40 17.73 41.76 17.94
N VAL B 41 17.88 43.05 18.15
CA VAL B 41 16.85 43.85 18.77
C VAL B 41 16.75 45.14 17.97
N ASN B 42 15.53 45.56 17.68
CA ASN B 42 15.33 46.82 16.96
C ASN B 42 14.31 47.68 17.72
N GLU B 43 14.77 48.79 18.32
CA GLU B 43 13.91 49.59 19.19
C GLU B 43 12.96 50.51 18.43
N ILE B 44 13.25 50.78 17.17
CA ILE B 44 12.33 51.57 16.36
C ILE B 44 11.14 50.70 15.89
N THR B 45 11.42 49.48 15.45
CA THR B 45 10.35 48.60 15.00
C THR B 45 9.71 47.77 16.12
N ASN B 46 10.29 47.76 17.31
CA ASN B 46 9.79 46.88 18.37
C ASN B 46 9.77 45.40 17.94
N GLU B 47 10.91 44.93 17.44
CA GLU B 47 11.09 43.54 17.06
C GLU B 47 12.35 42.96 17.70
N VAL B 48 12.28 41.68 18.05
CA VAL B 48 13.42 40.99 18.62
C VAL B 48 13.57 39.62 17.96
N ASP B 49 14.82 39.18 17.88
CA ASP B 49 15.18 37.91 17.28
C ASP B 49 15.84 37.11 18.40
N VAL B 50 15.28 35.96 18.73
CA VAL B 50 15.64 35.30 19.97
C VAL B 50 15.73 33.77 19.77
N VAL B 51 16.62 33.14 20.53
CA VAL B 51 16.74 31.68 20.54
C VAL B 51 16.34 31.17 21.92
N PHE B 52 15.40 30.23 21.98
CA PHE B 52 14.94 29.68 23.26
C PHE B 52 14.65 28.18 23.15
N TRP B 53 14.70 27.49 24.28
CA TRP B 53 14.22 26.09 24.30
C TRP B 53 12.78 26.07 24.75
N GLN B 54 11.91 25.44 23.96
CA GLN B 54 10.49 25.43 24.29
C GLN B 54 10.10 24.11 24.98
N GLN B 55 10.38 24.07 26.28
CA GLN B 55 10.08 22.92 27.13
C GLN B 55 8.57 22.66 27.18
N THR B 56 8.17 21.48 26.68
CA THR B 56 6.75 21.14 26.56
C THR B 56 6.46 19.71 27.07
N THR B 57 5.44 19.59 27.90
CA THR B 57 5.17 18.35 28.61
C THR B 57 3.68 18.08 28.61
N TRP B 58 3.30 16.84 28.37
CA TRP B 58 1.89 16.44 28.48
C TRP B 58 1.79 14.94 28.64
N SER B 59 0.61 14.46 28.96
CA SER B 59 0.37 13.03 29.10
C SER B 59 -0.49 12.47 27.97
N ASP B 60 -0.08 11.34 27.39
CA ASP B 60 -0.89 10.62 26.41
C ASP B 60 -0.90 9.13 26.74
N ARG B 61 -1.94 8.69 27.45
CA ARG B 61 -2.02 7.31 27.96
C ARG B 61 -2.03 6.22 26.87
N THR B 62 -2.41 6.58 25.65
CA THR B 62 -2.44 5.61 24.57
C THR B 62 -1.03 5.17 24.19
N LEU B 63 -0.02 5.89 24.68
CA LEU B 63 1.37 5.54 24.40
C LEU B 63 1.95 4.62 25.47
N ALA B 64 1.27 4.50 26.61
CA ALA B 64 1.81 3.77 27.75
C ALA B 64 2.09 2.30 27.45
N TRP B 65 3.11 1.74 28.12
CA TRP B 65 3.40 0.32 28.02
C TRP B 65 3.86 -0.20 29.36
N ASN B 66 3.72 -1.50 29.58
CA ASN B 66 4.21 -2.17 30.78
C ASN B 66 5.75 -2.22 30.74
N SER B 67 6.40 -1.52 31.66
CA SER B 67 7.86 -1.44 31.62
C SER B 67 8.53 -2.26 32.72
N SER B 68 7.82 -3.25 33.25
CA SER B 68 8.37 -4.07 34.35
C SER B 68 9.73 -4.67 34.00
N HIS B 69 9.86 -5.21 32.79
CA HIS B 69 11.14 -5.75 32.33
C HIS B 69 11.50 -5.17 30.97
N SER B 70 11.32 -3.86 30.85
CA SER B 70 11.52 -3.17 29.59
C SER B 70 12.10 -1.79 29.83
N PRO B 71 12.63 -1.18 28.77
CA PRO B 71 13.06 0.21 28.82
C PRO B 71 11.88 1.05 29.28
N ASP B 72 12.11 2.03 30.16
CA ASP B 72 11.00 2.87 30.59
C ASP B 72 10.90 4.19 29.82
N GLN B 73 11.81 4.41 28.85
CA GLN B 73 11.74 5.58 27.98
C GLN B 73 12.26 5.27 26.58
N VAL B 74 11.67 5.92 25.58
CA VAL B 74 12.20 5.92 24.22
C VAL B 74 12.11 7.32 23.59
N SER B 75 12.94 7.58 22.59
CA SER B 75 12.83 8.79 21.77
C SER B 75 11.99 8.48 20.53
N VAL B 76 11.07 9.39 20.20
CA VAL B 76 10.09 9.17 19.15
C VAL B 76 9.93 10.44 18.29
N PRO B 77 9.95 10.28 16.95
CA PRO B 77 9.71 11.43 16.07
C PRO B 77 8.32 12.01 16.35
N ILE B 78 8.21 13.34 16.47
CA ILE B 78 6.92 13.95 16.79
C ILE B 78 5.90 13.73 15.66
N SER B 79 6.37 13.33 14.48
CA SER B 79 5.43 13.03 13.39
C SER B 79 4.60 11.78 13.71
N SER B 80 5.10 10.96 14.65
CA SER B 80 4.35 9.78 15.08
C SER B 80 3.51 10.01 16.34
N LEU B 81 3.42 11.26 16.80
CA LEU B 81 2.75 11.55 18.07
C LEU B 81 1.77 12.68 17.90
N TRP B 82 0.71 12.69 18.70
CA TRP B 82 -0.06 13.91 18.82
C TRP B 82 0.80 14.91 19.58
N VAL B 83 0.87 16.14 19.07
CA VAL B 83 1.53 17.21 19.81
C VAL B 83 0.56 18.37 19.88
N PRO B 84 0.61 19.09 21.00
CA PRO B 84 -0.27 20.25 21.14
C PRO B 84 0.03 21.30 20.06
N ASP B 85 -1.01 21.95 19.57
CA ASP B 85 -0.90 22.93 18.49
C ASP B 85 -0.60 24.32 19.04
N LEU B 86 0.53 24.45 19.73
CA LEU B 86 0.92 25.73 20.33
C LEU B 86 1.45 26.72 19.31
N ALA B 87 1.20 27.99 19.57
CA ALA B 87 1.72 29.07 18.75
C ALA B 87 1.94 30.29 19.62
N ALA B 88 2.97 31.06 19.26
CA ALA B 88 3.21 32.36 19.87
C ALA B 88 2.37 33.41 19.14
N TYR B 89 1.47 34.06 19.86
CA TYR B 89 0.55 35.01 19.25
C TYR B 89 1.24 36.23 18.63
N ASN B 90 2.37 36.64 19.19
CA ASN B 90 3.06 37.83 18.68
C ASN B 90 4.31 37.50 17.89
N ALA B 91 4.43 36.24 17.47
CA ALA B 91 5.49 35.86 16.52
C ALA B 91 5.25 36.50 15.16
N ILE B 92 6.34 36.91 14.50
CA ILE B 92 6.25 37.47 13.16
C ILE B 92 7.10 36.71 12.13
N SER B 93 7.61 35.55 12.54
CA SER B 93 8.23 34.60 11.63
C SER B 93 7.79 33.24 12.11
N LYS B 94 7.81 32.22 11.24
CA LYS B 94 7.50 30.89 11.75
C LYS B 94 8.65 30.35 12.56
N PRO B 95 8.36 29.43 13.48
CA PRO B 95 9.43 28.92 14.34
C PRO B 95 10.48 28.24 13.47
N GLU B 96 11.75 28.57 13.68
CA GLU B 96 12.82 27.85 13.03
C GLU B 96 13.36 26.83 14.02
N VAL B 97 13.00 25.57 13.85
CA VAL B 97 13.43 24.53 14.78
C VAL B 97 14.87 24.13 14.48
N LEU B 98 15.76 24.34 15.45
CA LEU B 98 17.18 24.12 15.24
C LEU B 98 17.64 22.69 15.53
N THR B 99 16.81 21.91 16.20
CA THR B 99 17.22 20.59 16.69
C THR B 99 16.42 19.44 16.10
N PRO B 100 16.94 18.21 16.23
CA PRO B 100 16.17 17.03 15.79
C PRO B 100 14.76 16.98 16.42
N GLN B 101 13.73 16.74 15.60
CA GLN B 101 12.33 16.79 16.05
C GLN B 101 11.82 15.47 16.66
N LEU B 102 12.38 15.16 17.82
CA LEU B 102 12.11 13.95 18.58
C LEU B 102 11.61 14.31 19.97
N ALA B 103 10.60 13.60 20.43
CA ALA B 103 10.12 13.73 21.81
C ALA B 103 10.56 12.53 22.62
N ARG B 104 10.67 12.72 23.93
CA ARG B 104 10.97 11.63 24.83
C ARG B 104 9.64 11.14 25.42
N VAL B 105 9.39 9.84 25.33
CA VAL B 105 8.14 9.25 25.84
C VAL B 105 8.44 8.27 26.97
N VAL B 106 7.80 8.48 28.11
CA VAL B 106 7.96 7.63 29.27
C VAL B 106 6.87 6.55 29.28
N SER B 107 7.15 5.41 29.88
CA SER B 107 6.25 4.25 29.82
C SER B 107 4.86 4.51 30.41
N ASP B 108 4.73 5.51 31.26
CA ASP B 108 3.42 5.83 31.81
C ASP B 108 2.61 6.77 30.88
N GLY B 109 3.18 7.07 29.72
CA GLY B 109 2.52 7.94 28.75
C GLY B 109 2.92 9.41 28.79
N GLU B 110 3.81 9.76 29.70
CA GLU B 110 4.31 11.13 29.75
C GLU B 110 5.19 11.46 28.53
N VAL B 111 4.91 12.58 27.89
CA VAL B 111 5.66 13.01 26.73
C VAL B 111 6.44 14.28 27.04
N LEU B 112 7.70 14.31 26.64
CA LEU B 112 8.51 15.52 26.84
C LEU B 112 9.12 15.96 25.52
N TYR B 113 8.72 17.13 25.05
CA TYR B 113 9.20 17.65 23.78
C TYR B 113 9.88 18.97 24.05
N MET B 114 11.11 19.11 23.60
CA MET B 114 11.80 20.38 23.81
C MET B 114 12.69 20.81 22.66
N PRO B 115 12.10 21.41 21.63
CA PRO B 115 12.95 21.86 20.53
C PRO B 115 13.63 23.17 20.86
N SER B 116 14.78 23.40 20.26
CA SER B 116 15.41 24.70 20.30
C SER B 116 14.90 25.49 19.10
N ILE B 117 14.42 26.69 19.35
CA ILE B 117 13.74 27.46 18.33
C ILE B 117 14.33 28.86 18.19
N ARG B 118 14.56 29.28 16.95
CA ARG B 118 14.86 30.67 16.66
C ARG B 118 13.64 31.34 16.01
N GLN B 119 13.23 32.49 16.56
CA GLN B 119 12.03 33.16 16.08
C GLN B 119 12.04 34.65 16.35
N ARG B 120 11.34 35.38 15.50
CA ARG B 120 11.19 36.82 15.64
C ARG B 120 9.82 37.16 16.20
N PHE B 121 9.82 38.11 17.14
CA PHE B 121 8.60 38.55 17.81
C PHE B 121 8.42 40.06 17.75
N SER B 122 7.15 40.45 17.73
CA SER B 122 6.76 41.84 17.92
C SER B 122 6.47 42.05 19.40
N CYS B 123 7.21 42.95 20.04
CA CYS B 123 6.99 43.25 21.44
C CYS B 123 7.66 44.56 21.90
N ASP B 124 7.48 44.92 23.16
CA ASP B 124 7.96 46.19 23.67
C ASP B 124 9.48 46.20 23.88
N VAL B 125 10.19 46.86 22.99
CA VAL B 125 11.63 46.92 23.10
C VAL B 125 12.13 48.21 23.79
N SER B 126 11.21 49.12 24.13
CA SER B 126 11.62 50.38 24.74
C SER B 126 12.35 50.14 26.06
N GLY B 127 13.40 50.93 26.30
CA GLY B 127 14.17 50.82 27.53
C GLY B 127 15.30 49.82 27.48
N VAL B 128 15.51 49.19 26.31
CA VAL B 128 16.51 48.12 26.22
C VAL B 128 17.93 48.61 26.54
N ASP B 129 18.21 49.86 26.19
CA ASP B 129 19.55 50.39 26.40
C ASP B 129 19.61 51.24 27.65
N THR B 130 18.80 50.88 28.65
CA THR B 130 18.79 51.55 29.96
C THR B 130 19.00 50.51 31.05
N GLU B 131 19.20 50.96 32.28
CA GLU B 131 19.52 50.03 33.37
C GLU B 131 18.34 49.17 33.83
N SER B 132 17.13 49.70 33.76
CA SER B 132 15.95 48.91 34.14
C SER B 132 15.53 47.98 32.99
N GLY B 133 16.03 48.28 31.79
CA GLY B 133 15.89 47.40 30.65
C GLY B 133 14.54 47.43 29.97
N ALA B 134 14.39 46.59 28.95
CA ALA B 134 13.12 46.42 28.26
C ALA B 134 12.39 45.19 28.81
N THR B 135 11.07 45.16 28.66
CA THR B 135 10.30 43.98 29.00
C THR B 135 9.48 43.51 27.80
N CYS B 136 9.92 42.40 27.22
CA CYS B 136 9.25 41.82 26.06
C CYS B 136 8.36 40.67 26.53
N ARG B 137 7.08 40.71 26.16
CA ARG B 137 6.16 39.64 26.54
C ARG B 137 5.83 38.71 25.36
N ILE B 138 5.98 37.42 25.59
CA ILE B 138 5.66 36.42 24.59
C ILE B 138 4.49 35.55 25.01
N LYS B 139 3.46 35.49 24.17
CA LYS B 139 2.22 34.84 24.51
C LYS B 139 2.08 33.51 23.76
N ILE B 140 1.98 32.40 24.50
CA ILE B 140 1.91 31.08 23.89
C ILE B 140 0.69 30.28 24.36
N GLY B 141 -0.10 29.80 23.41
CA GLY B 141 -1.24 28.96 23.72
C GLY B 141 -1.64 28.08 22.55
N SER B 142 -2.61 27.19 22.79
CA SER B 142 -3.18 26.36 21.75
C SER B 142 -3.90 27.25 20.74
N TRP B 143 -3.62 27.04 19.46
CA TRP B 143 -4.27 27.82 18.43
C TRP B 143 -5.78 27.50 18.26
N THR B 144 -6.14 26.22 18.32
CA THR B 144 -7.50 25.82 17.98
C THR B 144 -8.25 25.05 19.07
N HIS B 145 -7.58 24.74 20.17
CA HIS B 145 -8.25 24.01 21.25
C HIS B 145 -8.58 24.92 22.42
N HIS B 146 -9.87 25.03 22.74
CA HIS B 146 -10.34 25.85 23.88
C HIS B 146 -10.00 25.22 25.25
N SER B 147 -10.34 25.90 26.33
CA SER B 147 -9.88 25.51 27.67
C SER B 147 -10.40 24.16 28.16
N ARG B 148 -11.49 23.67 27.58
CA ARG B 148 -12.00 22.38 27.99
C ARG B 148 -11.28 21.24 27.26
N GLU B 149 -10.41 21.60 26.33
CA GLU B 149 -9.66 20.61 25.56
C GLU B 149 -8.14 20.65 25.86
N ILE B 150 -7.59 21.85 25.96
CA ILE B 150 -6.21 22.03 26.35
C ILE B 150 -6.08 23.14 27.39
N SER B 151 -5.44 22.83 28.51
CA SER B 151 -5.07 23.85 29.46
C SER B 151 -3.54 23.99 29.41
N VAL B 152 -3.06 25.22 29.54
CA VAL B 152 -1.63 25.46 29.54
C VAL B 152 -1.21 26.06 30.87
N ASP B 153 -0.09 25.55 31.39
CA ASP B 153 0.49 26.04 32.63
C ASP B 153 2.01 26.10 32.57
N PRO B 154 2.62 27.03 33.32
CA PRO B 154 4.07 27.04 33.37
C PRO B 154 4.55 25.80 34.14
N THR B 155 5.76 25.31 33.85
CA THR B 155 6.39 24.30 34.70
C THR B 155 7.10 25.01 35.84
N THR B 156 7.28 24.34 36.96
CA THR B 156 8.05 24.95 38.04
C THR B 156 9.56 24.96 37.72
N GLU B 157 10.23 26.01 38.19
CA GLU B 157 11.55 26.35 37.68
C GLU B 157 12.68 25.45 38.20
N ASN B 158 13.81 25.51 37.50
CA ASN B 158 15.06 24.86 37.93
C ASN B 158 16.09 25.93 38.32
N SER B 159 16.96 25.61 39.27
CA SER B 159 18.01 26.56 39.67
C SER B 159 18.97 26.83 38.52
N ASP B 160 18.90 25.94 37.54
CA ASP B 160 19.81 25.93 36.40
C ASP B 160 19.34 26.88 35.29
N ASP B 161 18.04 27.17 35.29
CA ASP B 161 17.38 27.83 34.17
C ASP B 161 18.05 29.09 33.67
N SER B 162 18.50 29.94 34.59
CA SER B 162 19.12 31.21 34.22
C SER B 162 20.48 30.99 33.56
N GLU B 163 21.01 29.77 33.68
CA GLU B 163 22.36 29.53 33.21
C GLU B 163 22.46 28.88 31.83
N TYR B 164 21.35 28.72 31.10
CA TYR B 164 21.56 28.30 29.71
C TYR B 164 21.79 29.50 28.80
N PHE B 165 21.58 30.71 29.32
CA PHE B 165 21.76 31.91 28.51
C PHE B 165 23.23 32.14 28.11
N SER B 166 23.44 32.42 26.83
CA SER B 166 24.80 32.59 26.30
C SER B 166 25.51 33.81 26.91
N GLN B 167 26.73 33.59 27.40
CA GLN B 167 27.55 34.67 27.95
C GLN B 167 28.05 35.59 26.82
N TYR B 168 27.83 35.20 25.57
CA TYR B 168 28.37 35.94 24.43
C TYR B 168 27.36 36.83 23.73
N SER B 169 26.11 36.77 24.18
CA SER B 169 25.08 37.69 23.72
C SER B 169 25.48 39.14 24.02
N ARG B 170 25.08 40.07 23.16
CA ARG B 170 25.25 41.50 23.45
C ARG B 170 24.35 41.90 24.60
N PHE B 171 23.41 41.02 24.94
CA PHE B 171 22.42 41.34 25.94
C PHE B 171 22.55 40.45 27.18
N GLU B 172 21.94 40.88 28.26
CA GLU B 172 21.86 40.08 29.47
C GLU B 172 20.43 40.06 29.97
N ILE B 173 20.05 38.95 30.60
CA ILE B 173 18.72 38.80 31.15
C ILE B 173 18.69 39.23 32.62
N LEU B 174 17.76 40.12 32.93
CA LEU B 174 17.59 40.60 34.28
C LEU B 174 16.60 39.72 35.03
N ASP B 175 15.61 39.20 34.30
CA ASP B 175 14.52 38.44 34.91
C ASP B 175 13.56 37.85 33.89
N VAL B 176 13.04 36.67 34.20
CA VAL B 176 12.02 36.04 33.37
C VAL B 176 10.85 35.62 34.26
N THR B 177 9.65 36.12 33.97
CA THR B 177 8.46 35.68 34.70
C THR B 177 7.40 35.12 33.75
N GLN B 178 6.51 34.31 34.30
CA GLN B 178 5.44 33.71 33.50
C GLN B 178 4.09 33.97 34.16
N LYS B 179 3.03 33.84 33.39
CA LYS B 179 1.70 34.06 33.93
C LYS B 179 0.65 33.38 33.07
N LYS B 180 -0.32 32.74 33.72
CA LYS B 180 -1.37 32.05 33.01
C LYS B 180 -2.52 33.03 32.73
N ASN B 181 -3.07 33.00 31.52
CA ASN B 181 -4.26 33.77 31.17
C ASN B 181 -5.33 32.92 30.48
N SER B 182 -6.59 33.32 30.62
CA SER B 182 -7.72 32.76 29.88
C SER B 182 -8.49 33.84 29.09
N VAL B 183 -8.30 33.86 27.77
CA VAL B 183 -8.86 34.91 26.93
C VAL B 183 -10.04 34.43 26.10
N THR B 184 -11.08 35.25 26.01
CA THR B 184 -12.17 34.98 25.08
C THR B 184 -12.01 35.90 23.88
N TYR B 185 -11.93 35.32 22.70
CA TYR B 185 -11.78 36.09 21.48
C TYR B 185 -13.14 36.37 20.85
N SER B 186 -13.29 37.55 20.27
CA SER B 186 -14.56 38.00 19.70
C SER B 186 -15.12 37.03 18.65
N CYS B 187 -14.25 36.28 17.98
CA CYS B 187 -14.69 35.36 16.93
C CYS B 187 -15.25 34.04 17.46
N CYS B 188 -15.09 33.77 18.74
CA CYS B 188 -15.32 32.44 19.29
C CYS B 188 -15.91 32.46 20.69
N PRO B 189 -16.85 31.55 20.97
CA PRO B 189 -17.58 31.56 22.24
C PRO B 189 -16.77 31.14 23.47
N GLU B 190 -15.82 30.21 23.32
CA GLU B 190 -15.11 29.66 24.49
C GLU B 190 -13.82 30.39 24.90
N ALA B 191 -13.31 30.03 26.08
CA ALA B 191 -12.06 30.59 26.57
C ALA B 191 -10.85 29.79 26.08
N TYR B 192 -9.78 30.50 25.75
CA TYR B 192 -8.51 29.88 25.34
C TYR B 192 -7.42 30.26 26.29
N GLU B 193 -6.68 29.28 26.77
CA GLU B 193 -5.62 29.54 27.73
C GLU B 193 -4.29 29.83 27.06
N ASP B 194 -3.50 30.71 27.66
CA ASP B 194 -2.14 30.96 27.21
C ASP B 194 -1.23 31.16 28.41
N VAL B 195 0.06 31.03 28.15
CA VAL B 195 1.07 31.43 29.11
C VAL B 195 1.74 32.67 28.52
N GLU B 196 1.87 33.73 29.32
CA GLU B 196 2.64 34.91 28.95
C GLU B 196 4.01 34.90 29.61
N VAL B 197 5.05 34.91 28.81
CA VAL B 197 6.40 34.92 29.33
C VAL B 197 6.97 36.31 29.19
N SER B 198 7.32 36.93 30.32
CA SER B 198 7.91 38.26 30.32
C SER B 198 9.43 38.20 30.43
N LEU B 199 10.11 38.63 29.38
CA LEU B 199 11.57 38.67 29.37
C LEU B 199 12.07 40.10 29.63
N ASN B 200 12.65 40.30 30.81
CA ASN B 200 13.27 41.58 31.17
C ASN B 200 14.76 41.51 30.85
N PHE B 201 15.21 42.30 29.89
CA PHE B 201 16.60 42.21 29.43
C PHE B 201 17.14 43.58 29.06
N ARG B 202 18.45 43.69 28.94
CA ARG B 202 19.07 44.95 28.52
C ARG B 202 20.36 44.71 27.76
N LYS B 203 20.79 45.71 27.00
CA LYS B 203 22.09 45.66 26.35
C LYS B 203 23.19 45.77 27.40
N LYS B 204 24.23 44.95 27.25
CA LYS B 204 25.39 45.05 28.15
C LYS B 204 26.07 46.37 27.89
N GLY B 205 26.64 46.97 28.93
CA GLY B 205 27.36 48.22 28.80
C GLY B 205 28.85 48.05 28.96
N LEU C 1 -19.87 8.00 19.02
CA LEU C 1 -18.61 8.40 18.42
C LEU C 1 -17.76 9.22 19.37
N ASP C 2 -16.50 8.83 19.54
CA ASP C 2 -15.54 9.69 20.21
C ASP C 2 -14.68 10.41 19.15
N ARG C 3 -13.76 11.25 19.61
CA ARG C 3 -12.95 12.04 18.69
C ARG C 3 -12.11 11.14 17.79
N ALA C 4 -11.59 10.06 18.35
CA ALA C 4 -10.78 9.13 17.57
C ALA C 4 -11.57 8.58 16.39
N ASP C 5 -12.84 8.22 16.62
CA ASP C 5 -13.68 7.69 15.55
C ASP C 5 -14.00 8.72 14.46
N ILE C 6 -14.38 9.92 14.89
CA ILE C 6 -14.64 11.03 13.99
C ILE C 6 -13.43 11.35 13.09
N LEU C 7 -12.26 11.48 13.69
CA LEU C 7 -11.04 11.77 12.94
C LEU C 7 -10.60 10.62 12.03
N TYR C 8 -10.80 9.38 12.49
CA TYR C 8 -10.58 8.21 11.64
C TYR C 8 -11.49 8.28 10.40
N ASN C 9 -12.78 8.54 10.63
CA ASN C 9 -13.74 8.63 9.52
C ASN C 9 -13.40 9.73 8.50
N ILE C 10 -13.02 10.90 9.02
CA ILE C 10 -12.65 12.02 8.18
C ILE C 10 -11.41 11.66 7.36
N ARG C 11 -10.39 11.13 8.03
CA ARG C 11 -9.16 10.73 7.34
C ARG C 11 -9.37 9.66 6.25
N GLN C 12 -10.17 8.65 6.55
CA GLN C 12 -10.38 7.51 5.64
C GLN C 12 -11.23 7.83 4.42
N THR C 13 -12.18 8.74 4.56
CA THR C 13 -13.01 9.16 3.45
C THR C 13 -12.62 10.56 3.03
N SER C 14 -11.32 10.82 3.17
CA SER C 14 -10.75 12.13 2.91
C SER C 14 -10.63 12.38 1.41
N ARG C 15 -11.42 13.33 0.90
CA ARG C 15 -11.33 13.74 -0.50
CA ARG C 15 -11.37 13.74 -0.49
C ARG C 15 -10.96 15.21 -0.60
N PRO C 16 -9.69 15.52 -0.33
CA PRO C 16 -9.14 16.88 -0.30
C PRO C 16 -9.18 17.58 -1.66
N ASP C 17 -9.19 16.81 -2.73
CA ASP C 17 -9.19 17.37 -4.08
C ASP C 17 -10.60 17.67 -4.60
N VAL C 18 -11.61 17.28 -3.85
CA VAL C 18 -12.99 17.37 -4.35
C VAL C 18 -13.75 18.52 -3.70
N ILE C 19 -14.08 19.54 -4.50
CA ILE C 19 -14.89 20.66 -4.00
C ILE C 19 -16.26 20.13 -3.56
N PRO C 20 -16.68 20.49 -2.34
CA PRO C 20 -17.92 19.93 -1.78
C PRO C 20 -19.18 20.71 -2.17
N THR C 21 -19.50 20.83 -3.45
CA THR C 21 -20.71 21.54 -3.83
C THR C 21 -21.95 20.70 -3.50
N GLN C 22 -22.99 21.35 -3.01
CA GLN C 22 -24.26 20.69 -2.78
C GLN C 22 -25.31 21.18 -3.79
N ARG C 23 -25.92 20.26 -4.52
CA ARG C 23 -27.10 20.58 -5.33
C ARG C 23 -26.83 21.62 -6.42
N ASP C 24 -25.63 21.59 -6.99
CA ASP C 24 -25.28 22.53 -8.06
C ASP C 24 -25.30 24.00 -7.59
N ARG C 25 -25.37 24.20 -6.29
CA ARG C 25 -25.14 25.52 -5.71
C ARG C 25 -23.63 25.65 -5.46
N PRO C 26 -23.12 26.88 -5.45
CA PRO C 26 -21.71 27.16 -5.14
C PRO C 26 -21.41 26.84 -3.68
N VAL C 27 -20.14 26.54 -3.39
CA VAL C 27 -19.68 26.50 -2.00
C VAL C 27 -19.55 27.94 -1.49
N ALA C 28 -20.31 28.28 -0.45
CA ALA C 28 -20.24 29.62 0.11
C ALA C 28 -19.03 29.76 1.04
N VAL C 29 -18.06 30.55 0.61
CA VAL C 29 -16.85 30.77 1.40
C VAL C 29 -16.88 32.16 2.03
N SER C 30 -16.74 32.23 3.34
CA SER C 30 -16.58 33.51 4.01
C SER C 30 -15.10 33.78 4.23
N VAL C 31 -14.67 34.99 3.97
CA VAL C 31 -13.30 35.35 4.34
C VAL C 31 -13.23 36.78 4.89
N SER C 32 -12.50 36.95 5.97
CA SER C 32 -12.20 38.26 6.52
C SER C 32 -10.79 38.24 7.06
N LEU C 33 -10.13 39.39 7.01
CA LEU C 33 -8.79 39.53 7.55
C LEU C 33 -8.80 40.33 8.84
N LYS C 34 -8.22 39.78 9.89
CA LYS C 34 -7.99 40.53 11.13
C LYS C 34 -6.52 40.93 11.21
N PHE C 35 -6.24 42.21 11.14
CA PHE C 35 -4.86 42.64 11.05
C PHE C 35 -4.20 42.61 12.41
N ILE C 36 -3.02 42.00 12.45
CA ILE C 36 -2.28 41.81 13.69
C ILE C 36 -1.12 42.80 13.74
N ASN C 37 -0.51 43.06 12.60
CA ASN C 37 0.66 43.90 12.57
C ASN C 37 0.98 44.39 11.17
N ILE C 38 1.57 45.58 11.11
CA ILE C 38 2.15 46.12 9.90
C ILE C 38 3.61 46.34 10.21
N LEU C 39 4.48 45.59 9.53
CA LEU C 39 5.88 45.48 9.91
C LEU C 39 6.79 46.41 9.13
N GLU C 40 6.48 46.56 7.85
CA GLU C 40 7.35 47.35 6.97
C GLU C 40 6.53 47.95 5.87
N VAL C 41 6.80 49.22 5.60
CA VAL C 41 6.09 49.96 4.59
C VAL C 41 7.12 50.71 3.78
N ASN C 42 6.99 50.68 2.45
CA ASN C 42 7.90 51.43 1.61
C ASN C 42 7.10 52.31 0.67
N GLU C 43 7.13 53.62 0.90
CA GLU C 43 6.31 54.55 0.13
C GLU C 43 6.86 54.81 -1.26
N ILE C 44 8.16 54.61 -1.44
CA ILE C 44 8.73 54.68 -2.78
C ILE C 44 8.34 53.46 -3.64
N THR C 45 8.45 52.24 -3.10
CA THR C 45 8.14 51.03 -3.88
C THR C 45 6.65 50.63 -3.83
N ASN C 46 5.88 51.24 -2.93
CA ASN C 46 4.48 50.85 -2.73
C ASN C 46 4.34 49.38 -2.33
N GLU C 47 5.08 49.00 -1.30
CA GLU C 47 5.05 47.63 -0.79
C GLU C 47 4.85 47.65 0.71
N VAL C 48 4.09 46.67 1.21
CA VAL C 48 3.84 46.55 2.62
C VAL C 48 4.02 45.10 3.06
N ASP C 49 4.47 44.93 4.30
CA ASP C 49 4.68 43.62 4.89
C ASP C 49 3.69 43.51 6.06
N VAL C 50 2.73 42.61 6.00
CA VAL C 50 1.71 42.58 7.06
C VAL C 50 1.48 41.23 7.70
N VAL C 51 0.93 41.25 8.91
CA VAL C 51 0.51 40.05 9.60
C VAL C 51 -0.99 40.10 9.90
N PHE C 52 -1.72 39.10 9.46
CA PHE C 52 -3.16 39.04 9.68
C PHE C 52 -3.66 37.62 9.98
N TRP C 53 -4.79 37.51 10.66
CA TRP C 53 -5.46 36.22 10.76
C TRP C 53 -6.43 36.10 9.60
N GLN C 54 -6.26 35.09 8.78
CA GLN C 54 -7.16 34.90 7.64
C GLN C 54 -8.34 34.03 8.07
N GLN C 55 -9.40 34.69 8.54
CA GLN C 55 -10.60 34.00 9.00
C GLN C 55 -11.42 33.44 7.84
N THR C 56 -11.42 32.12 7.67
CA THR C 56 -12.05 31.49 6.53
C THR C 56 -13.08 30.45 6.96
N THR C 57 -14.23 30.46 6.31
CA THR C 57 -15.36 29.63 6.72
C THR C 57 -16.06 29.07 5.51
N TRP C 58 -16.41 27.80 5.57
CA TRP C 58 -17.25 27.20 4.53
C TRP C 58 -17.90 25.91 5.04
N SER C 59 -18.82 25.38 4.24
CA SER C 59 -19.54 24.18 4.62
C SER C 59 -19.13 23.01 3.75
N ASP C 60 -18.87 21.87 4.38
CA ASP C 60 -18.60 20.61 3.67
C ASP C 60 -19.38 19.45 4.29
N ARG C 61 -20.57 19.19 3.75
CA ARG C 61 -21.49 18.21 4.35
C ARG C 61 -20.94 16.78 4.44
N THR C 62 -19.97 16.45 3.60
CA THR C 62 -19.38 15.11 3.63
C THR C 62 -18.60 14.87 4.93
N LEU C 63 -18.37 15.94 5.70
CA LEU C 63 -17.64 15.82 6.96
C LEU C 63 -18.59 15.61 8.14
N ALA C 64 -19.88 15.86 7.90
CA ALA C 64 -20.87 15.86 8.97
C ALA C 64 -21.00 14.53 9.69
N TRP C 65 -21.34 14.61 10.98
CA TRP C 65 -21.62 13.40 11.75
C TRP C 65 -22.75 13.65 12.73
N ASN C 66 -23.40 12.57 13.17
CA ASN C 66 -24.42 12.64 14.21
C ASN C 66 -23.77 12.94 15.56
N SER C 67 -24.03 14.10 16.13
CA SER C 67 -23.36 14.47 17.38
C SER C 67 -24.28 14.40 18.59
N SER C 68 -25.35 13.62 18.51
CA SER C 68 -26.31 13.53 19.61
C SER C 68 -25.64 13.16 20.93
N HIS C 69 -24.75 12.18 20.89
CA HIS C 69 -24.02 11.80 22.09
C HIS C 69 -22.52 11.77 21.79
N SER C 70 -22.06 12.83 21.13
CA SER C 70 -20.68 12.89 20.66
C SER C 70 -20.19 14.31 20.71
N PRO C 71 -18.86 14.49 20.67
CA PRO C 71 -18.27 15.82 20.52
C PRO C 71 -18.86 16.50 19.30
N ASP C 72 -19.20 17.77 19.41
CA ASP C 72 -19.75 18.45 18.24
C ASP C 72 -18.70 19.25 17.43
N GLN C 73 -17.44 19.21 17.87
CA GLN C 73 -16.32 19.81 17.12
C GLN C 73 -15.01 19.06 17.32
N VAL C 74 -14.21 19.00 16.25
CA VAL C 74 -12.84 18.50 16.31
C VAL C 74 -11.90 19.41 15.51
N SER C 75 -10.62 19.37 15.86
CA SER C 75 -9.57 20.02 15.09
C SER C 75 -8.97 19.00 14.10
N VAL C 76 -8.78 19.44 12.86
CA VAL C 76 -8.37 18.56 11.77
C VAL C 76 -7.28 19.24 10.92
N PRO C 77 -6.20 18.51 10.60
CA PRO C 77 -5.19 19.03 9.68
C PRO C 77 -5.82 19.40 8.32
N ILE C 78 -5.52 20.57 7.79
CA ILE C 78 -6.11 20.95 6.51
C ILE C 78 -5.64 20.04 5.38
N SER C 79 -4.59 19.28 5.60
CA SER C 79 -4.15 18.32 4.59
C SER C 79 -5.16 17.20 4.40
N SER C 80 -6.01 16.98 5.41
CA SER C 80 -7.09 15.98 5.30
C SER C 80 -8.43 16.55 4.83
N LEU C 81 -8.45 17.83 4.46
CA LEU C 81 -9.70 18.51 4.10
C LEU C 81 -9.59 19.20 2.76
N TRP C 82 -10.71 19.30 2.05
CA TRP C 82 -10.76 20.25 0.95
C TRP C 82 -10.70 21.64 1.54
N VAL C 83 -9.97 22.52 0.87
CA VAL C 83 -9.82 23.90 1.31
C VAL C 83 -9.95 24.79 0.08
N PRO C 84 -10.73 25.88 0.18
CA PRO C 84 -10.86 26.77 -0.97
C PRO C 84 -9.50 27.29 -1.45
N ASP C 85 -9.35 27.44 -2.77
CA ASP C 85 -8.08 27.82 -3.37
C ASP C 85 -7.92 29.33 -3.44
N LEU C 86 -8.01 30.00 -2.29
CA LEU C 86 -7.94 31.47 -2.24
C LEU C 86 -6.53 31.98 -2.49
N ALA C 87 -6.44 33.13 -3.14
CA ALA C 87 -5.17 33.84 -3.28
C ALA C 87 -5.40 35.33 -3.25
N ALA C 88 -4.43 36.07 -2.72
CA ALA C 88 -4.42 37.52 -2.82
C ALA C 88 -3.82 37.91 -4.16
N TYR C 89 -4.60 38.62 -4.96
CA TYR C 89 -4.17 39.00 -6.32
C TYR C 89 -2.95 39.92 -6.35
N ASN C 90 -2.80 40.77 -5.34
CA ASN C 90 -1.68 41.72 -5.31
C ASN C 90 -0.58 41.35 -4.31
N ALA C 91 -0.56 40.10 -3.89
CA ALA C 91 0.53 39.56 -3.10
C ALA C 91 1.79 39.47 -3.98
N ILE C 92 2.94 39.77 -3.38
CA ILE C 92 4.21 39.64 -4.08
C ILE C 92 5.18 38.69 -3.38
N SER C 93 4.67 38.00 -2.36
CA SER C 93 5.40 36.88 -1.74
C SER C 93 4.36 35.80 -1.49
N LYS C 94 4.78 34.55 -1.37
CA LYS C 94 3.80 33.54 -0.97
C LYS C 94 3.44 33.67 0.51
N PRO C 95 2.22 33.22 0.86
CA PRO C 95 1.79 33.37 2.25
C PRO C 95 2.75 32.63 3.18
N GLU C 96 3.21 33.27 4.24
CA GLU C 96 4.01 32.58 5.22
C GLU C 96 3.09 32.26 6.38
N VAL C 97 2.67 31.00 6.47
CA VAL C 97 1.72 30.58 7.51
C VAL C 97 2.46 30.42 8.84
N LEU C 98 2.08 31.19 9.85
CA LEU C 98 2.83 31.23 11.11
C LEU C 98 2.33 30.21 12.13
N THR C 99 1.14 29.67 11.91
CA THR C 99 0.49 28.83 12.91
C THR C 99 0.26 27.40 12.45
N PRO C 100 -0.08 26.50 13.38
CA PRO C 100 -0.39 25.10 13.03
C PRO C 100 -1.53 25.05 12.06
N GLN C 101 -1.38 24.31 10.98
CA GLN C 101 -2.39 24.36 9.93
C GLN C 101 -3.55 23.38 10.21
N LEU C 102 -4.32 23.72 11.23
CA LEU C 102 -5.48 22.94 11.65
C LEU C 102 -6.74 23.77 11.48
N ALA C 103 -7.80 23.12 11.01
CA ALA C 103 -9.11 23.75 10.93
C ALA C 103 -10.02 23.16 11.98
N ARG C 104 -11.04 23.91 12.36
CA ARG C 104 -12.02 23.43 13.30
C ARG C 104 -13.24 22.98 12.48
N VAL C 105 -13.67 21.74 12.69
CA VAL C 105 -14.81 21.18 11.99
C VAL C 105 -15.97 20.89 12.95
N VAL C 106 -17.13 21.44 12.63
CA VAL C 106 -18.33 21.26 13.45
C VAL C 106 -19.13 20.08 12.90
N SER C 107 -19.91 19.44 13.75
CA SER C 107 -20.62 18.21 13.38
C SER C 107 -21.63 18.37 12.25
N ASP C 108 -22.08 19.59 11.99
CA ASP C 108 -22.98 19.81 10.86
C ASP C 108 -22.22 20.00 9.53
N GLY C 109 -20.89 19.93 9.59
CA GLY C 109 -20.07 20.09 8.40
C GLY C 109 -19.46 21.47 8.19
N GLU C 110 -19.71 22.40 9.11
CA GLU C 110 -19.06 23.71 8.97
C GLU C 110 -17.56 23.63 9.26
N VAL C 111 -16.76 24.29 8.41
CA VAL C 111 -15.31 24.31 8.62
C VAL C 111 -14.81 25.71 8.89
N LEU C 112 -14.01 25.88 9.93
CA LEU C 112 -13.47 27.18 10.24
C LEU C 112 -11.95 27.13 10.32
N TYR C 113 -11.29 27.81 9.38
CA TYR C 113 -9.83 27.81 9.32
C TYR C 113 -9.32 29.23 9.49
N MET C 114 -8.45 29.45 10.47
CA MET C 114 -7.97 30.80 10.75
C MET C 114 -6.49 30.89 11.11
N PRO C 115 -5.63 30.73 10.11
CA PRO C 115 -4.18 30.80 10.30
C PRO C 115 -3.71 32.24 10.47
N SER C 116 -2.61 32.42 11.19
CA SER C 116 -1.89 33.70 11.18
C SER C 116 -0.91 33.70 10.03
N ILE C 117 -0.96 34.75 9.21
CA ILE C 117 -0.18 34.79 7.98
C ILE C 117 0.65 36.07 7.89
N ARG C 118 1.89 35.92 7.48
CA ARG C 118 2.71 37.07 7.13
C ARG C 118 2.89 37.09 5.61
N GLN C 119 2.63 38.24 4.98
CA GLN C 119 2.69 38.34 3.53
C GLN C 119 2.95 39.76 3.04
N ARG C 120 3.56 39.89 1.87
CA ARG C 120 3.91 41.20 1.33
C ARG C 120 3.03 41.49 0.16
N PHE C 121 2.57 42.73 0.07
CA PHE C 121 1.64 43.14 -0.96
C PHE C 121 2.12 44.39 -1.69
N SER C 122 1.71 44.49 -2.95
CA SER C 122 1.85 45.70 -3.72
C SER C 122 0.55 46.48 -3.61
N CYS C 123 0.63 47.70 -3.08
CA CYS C 123 -0.56 48.55 -2.97
C CYS C 123 -0.20 50.02 -2.71
N ASP C 124 -1.24 50.86 -2.62
CA ASP C 124 -1.03 52.29 -2.51
C ASP C 124 -0.57 52.70 -1.12
N VAL C 125 0.70 53.04 -1.00
CA VAL C 125 1.23 53.43 0.30
C VAL C 125 1.28 54.96 0.47
N SER C 126 0.92 55.70 -0.57
CA SER C 126 0.98 57.17 -0.49
C SER C 126 0.12 57.71 0.67
N GLY C 127 0.67 58.68 1.39
CA GLY C 127 -0.06 59.33 2.46
C GLY C 127 0.09 58.66 3.81
N VAL C 128 0.93 57.63 3.88
CA VAL C 128 1.11 56.88 5.13
C VAL C 128 1.59 57.74 6.30
N ASP C 129 2.34 58.80 5.99
CA ASP C 129 2.87 59.73 6.99
C ASP C 129 1.95 60.91 7.20
N THR C 130 0.75 60.85 6.64
CA THR C 130 -0.21 61.93 6.81
C THR C 130 -1.29 61.52 7.81
N GLU C 131 -2.13 62.48 8.17
CA GLU C 131 -3.14 62.26 9.18
C GLU C 131 -4.27 61.39 8.66
N SER C 132 -4.54 61.49 7.35
CA SER C 132 -5.62 60.69 6.77
C SER C 132 -5.10 59.29 6.40
N GLY C 133 -3.78 59.14 6.41
CA GLY C 133 -3.14 57.86 6.25
C GLY C 133 -3.15 57.33 4.83
N ALA C 134 -2.62 56.12 4.66
CA ALA C 134 -2.65 55.45 3.38
C ALA C 134 -3.80 54.45 3.36
N THR C 135 -4.27 54.10 2.17
CA THR C 135 -5.27 53.05 2.04
C THR C 135 -4.76 51.96 1.11
N CYS C 136 -4.42 50.81 1.69
CA CYS C 136 -3.90 49.67 0.94
C CYS C 136 -5.04 48.66 0.71
N ARG C 137 -5.21 48.24 -0.54
CA ARG C 137 -6.29 47.32 -0.90
C ARG C 137 -5.78 45.93 -1.21
N ILE C 138 -6.39 44.94 -0.60
CA ILE C 138 -6.01 43.54 -0.76
C ILE C 138 -7.16 42.75 -1.38
N LYS C 139 -6.93 42.21 -2.56
CA LYS C 139 -7.97 41.54 -3.30
C LYS C 139 -7.83 40.02 -3.15
N ILE C 140 -8.86 39.36 -2.62
CA ILE C 140 -8.81 37.92 -2.37
C ILE C 140 -9.99 37.16 -2.99
N GLY C 141 -9.68 36.16 -3.81
CA GLY C 141 -10.71 35.30 -4.36
C GLY C 141 -10.17 33.94 -4.74
N SER C 142 -11.07 33.06 -5.16
CA SER C 142 -10.69 31.76 -5.70
C SER C 142 -9.85 31.92 -6.96
N TRP C 143 -8.72 31.22 -7.02
CA TRP C 143 -7.87 31.31 -8.19
C TRP C 143 -8.47 30.61 -9.41
N THR C 144 -9.09 29.44 -9.23
CA THR C 144 -9.53 28.65 -10.38
C THR C 144 -11.03 28.32 -10.45
N HIS C 145 -11.78 28.64 -9.41
CA HIS C 145 -13.23 28.31 -9.36
C HIS C 145 -14.11 29.54 -9.60
N HIS C 146 -14.96 29.47 -10.61
CA HIS C 146 -15.85 30.59 -10.92
C HIS C 146 -17.05 30.66 -9.97
N SER C 147 -17.89 31.66 -10.17
CA SER C 147 -18.94 32.00 -9.22
C SER C 147 -20.02 30.91 -9.03
N ARG C 148 -20.15 29.99 -9.97
CA ARG C 148 -21.12 28.90 -9.79
C ARG C 148 -20.53 27.77 -8.97
N GLU C 149 -19.24 27.86 -8.65
CA GLU C 149 -18.56 26.84 -7.88
C GLU C 149 -18.14 27.34 -6.49
N ILE C 150 -17.58 28.54 -6.44
CA ILE C 150 -17.25 29.17 -5.17
C ILE C 150 -17.76 30.62 -5.16
N SER C 151 -18.53 30.97 -4.14
CA SER C 151 -18.83 32.37 -3.90
C SER C 151 -18.06 32.85 -2.67
N VAL C 152 -17.58 34.08 -2.69
CA VAL C 152 -16.85 34.63 -1.55
C VAL C 152 -17.59 35.82 -0.98
N ASP C 153 -17.59 35.90 0.35
CA ASP C 153 -18.30 36.94 1.05
C ASP C 153 -17.47 37.31 2.26
N PRO C 154 -17.64 38.55 2.75
CA PRO C 154 -17.10 38.94 4.06
C PRO C 154 -17.69 38.03 5.14
N THR C 155 -16.98 37.84 6.24
CA THR C 155 -17.46 37.00 7.34
C THR C 155 -18.58 37.62 8.19
N ASP C 160 -14.97 45.21 14.75
CA ASP C 160 -13.87 45.90 15.40
C ASP C 160 -12.61 45.82 14.56
N ASP C 161 -11.95 46.98 14.40
CA ASP C 161 -10.89 47.15 13.41
C ASP C 161 -9.47 46.92 13.93
N SER C 162 -9.30 46.93 15.25
CA SER C 162 -7.98 46.67 15.81
C SER C 162 -8.08 45.97 17.16
N GLU C 163 -8.99 45.00 17.23
CA GLU C 163 -9.15 44.23 18.44
C GLU C 163 -7.93 43.34 18.63
N TYR C 164 -7.28 42.99 17.53
CA TYR C 164 -6.13 42.12 17.61
C TYR C 164 -4.85 42.81 17.15
N PHE C 165 -4.97 44.07 16.75
CA PHE C 165 -3.81 44.80 16.22
C PHE C 165 -2.79 45.10 17.32
N SER C 166 -1.53 44.82 17.02
CA SER C 166 -0.45 44.99 18.00
C SER C 166 -0.25 46.45 18.40
N GLN C 167 -0.26 46.71 19.70
CA GLN C 167 0.02 48.04 20.23
C GLN C 167 1.48 48.46 20.01
N TYR C 168 2.32 47.53 19.57
CA TYR C 168 3.75 47.80 19.43
C TYR C 168 4.20 48.09 18.01
N SER C 169 3.27 47.99 17.06
CA SER C 169 3.55 48.40 15.68
C SER C 169 3.91 49.88 15.57
N ARG C 170 4.65 50.24 14.54
CA ARG C 170 4.93 51.64 14.27
C ARG C 170 3.70 52.31 13.69
N PHE C 171 2.72 51.48 13.35
CA PHE C 171 1.55 51.98 12.66
C PHE C 171 0.27 51.80 13.48
N GLU C 172 -0.77 52.53 13.10
CA GLU C 172 -2.08 52.36 13.70
C GLU C 172 -3.12 52.25 12.60
N ILE C 173 -4.19 51.53 12.90
CA ILE C 173 -5.26 51.34 11.93
C ILE C 173 -6.35 52.37 12.14
N LEU C 174 -6.68 53.09 11.08
CA LEU C 174 -7.75 54.07 11.12
C LEU C 174 -9.10 53.43 10.79
N ASP C 175 -9.07 52.43 9.90
CA ASP C 175 -10.30 51.81 9.43
C ASP C 175 -10.03 50.61 8.51
N VAL C 176 -10.90 49.61 8.60
CA VAL C 176 -10.87 48.46 7.70
C VAL C 176 -12.27 48.25 7.11
N THR C 177 -12.36 48.26 5.78
CA THR C 177 -13.61 47.95 5.13
C THR C 177 -13.46 46.81 4.12
N GLN C 178 -14.55 46.12 3.85
CA GLN C 178 -14.56 45.04 2.87
C GLN C 178 -15.69 45.22 1.87
N LYS C 179 -15.37 45.07 0.60
CA LYS C 179 -16.38 45.06 -0.45
C LYS C 179 -16.26 43.75 -1.20
N LYS C 180 -17.39 43.29 -1.75
CA LYS C 180 -17.45 42.10 -2.56
C LYS C 180 -17.41 42.56 -4.02
N ASN C 181 -16.79 41.77 -4.90
CA ASN C 181 -16.85 42.06 -6.33
CA ASN C 181 -16.77 42.05 -6.34
C ASN C 181 -16.98 40.77 -7.13
N SER C 182 -17.45 40.90 -8.36
CA SER C 182 -17.70 39.75 -9.21
C SER C 182 -17.16 40.10 -10.60
N VAL C 183 -16.07 39.46 -10.99
CA VAL C 183 -15.33 39.92 -12.14
C VAL C 183 -15.27 38.88 -13.25
N THR C 184 -15.61 39.32 -14.46
CA THR C 184 -15.36 38.51 -15.64
C THR C 184 -14.10 39.03 -16.33
N TYR C 185 -13.03 38.24 -16.23
CA TYR C 185 -11.74 38.56 -16.86
C TYR C 185 -11.79 38.23 -18.36
N SER C 186 -10.92 38.86 -19.13
CA SER C 186 -10.90 38.66 -20.58
C SER C 186 -10.41 37.26 -20.96
N CYS C 187 -9.96 36.49 -19.97
CA CYS C 187 -9.37 35.17 -20.20
C CYS C 187 -10.39 34.02 -20.18
N CYS C 188 -11.55 34.28 -19.57
CA CYS C 188 -12.48 33.21 -19.27
C CYS C 188 -13.91 33.75 -19.28
N PRO C 189 -14.86 32.93 -19.77
CA PRO C 189 -16.27 33.34 -19.92
C PRO C 189 -17.00 33.62 -18.60
N GLU C 190 -16.63 32.91 -17.54
CA GLU C 190 -17.36 32.96 -16.27
C GLU C 190 -16.94 34.12 -15.37
N ALA C 191 -17.76 34.41 -14.37
CA ALA C 191 -17.44 35.42 -13.37
C ALA C 191 -16.71 34.79 -12.18
N TYR C 192 -15.75 35.53 -11.63
CA TYR C 192 -15.04 35.10 -10.44
C TYR C 192 -15.23 36.10 -9.33
N GLU C 193 -15.59 35.61 -8.16
CA GLU C 193 -15.86 36.49 -7.04
C GLU C 193 -14.61 36.75 -6.20
N ASP C 194 -14.50 37.96 -5.67
CA ASP C 194 -13.44 38.29 -4.74
C ASP C 194 -13.97 39.22 -3.66
N VAL C 195 -13.25 39.26 -2.54
CA VAL C 195 -13.48 40.24 -1.52
C VAL C 195 -12.30 41.21 -1.57
N GLU C 196 -12.59 42.51 -1.52
CA GLU C 196 -11.57 43.55 -1.47
C GLU C 196 -11.48 44.10 -0.05
N VAL C 197 -10.31 43.96 0.57
CA VAL C 197 -10.12 44.49 1.91
C VAL C 197 -9.31 45.81 1.87
N SER C 198 -9.93 46.89 2.32
CA SER C 198 -9.24 48.19 2.34
C SER C 198 -8.71 48.51 3.73
N LEU C 199 -7.40 48.61 3.82
CA LEU C 199 -6.75 48.91 5.10
C LEU C 199 -6.31 50.36 5.09
N ASN C 200 -7.00 51.19 5.88
CA ASN C 200 -6.62 52.59 6.07
C ASN C 200 -5.74 52.69 7.33
N PHE C 201 -4.49 53.06 7.14
CA PHE C 201 -3.54 53.08 8.25
C PHE C 201 -2.55 54.24 8.13
N ARG C 202 -1.88 54.56 9.23
CA ARG C 202 -0.86 55.60 9.18
C ARG C 202 0.26 55.32 10.17
N LYS C 203 1.39 55.99 9.96
CA LYS C 203 2.48 55.95 10.92
C LYS C 203 2.07 56.72 12.18
N LYS C 204 2.30 56.13 13.35
CA LYS C 204 1.98 56.81 14.61
C LYS C 204 2.69 58.15 14.74
N GLY C 205 2.04 59.11 15.40
CA GLY C 205 2.51 60.49 15.47
C GLY C 205 4.01 60.62 15.66
N LEU D 1 -21.40 11.03 -14.21
CA LEU D 1 -20.19 11.35 -13.47
C LEU D 1 -20.35 12.64 -12.69
N ASP D 2 -20.01 12.62 -11.41
CA ASP D 2 -19.90 13.85 -10.66
C ASP D 2 -18.42 14.21 -10.52
N ARG D 3 -18.13 15.35 -9.92
CA ARG D 3 -16.76 15.80 -9.77
C ARG D 3 -15.89 14.78 -9.02
N ALA D 4 -16.45 14.18 -7.97
CA ALA D 4 -15.71 13.18 -7.21
C ALA D 4 -15.26 12.02 -8.10
N ASP D 5 -16.14 11.55 -8.99
CA ASP D 5 -15.77 10.46 -9.89
C ASP D 5 -14.69 10.88 -10.89
N ILE D 6 -14.86 12.05 -11.48
CA ILE D 6 -13.91 12.57 -12.46
C ILE D 6 -12.51 12.69 -11.84
N LEU D 7 -12.43 13.29 -10.66
CA LEU D 7 -11.17 13.46 -9.95
C LEU D 7 -10.56 12.15 -9.48
N TYR D 8 -11.40 11.21 -9.07
CA TYR D 8 -10.91 9.88 -8.73
C TYR D 8 -10.26 9.25 -9.96
N ASN D 9 -10.98 9.27 -11.09
CA ASN D 9 -10.45 8.69 -12.33
C ASN D 9 -9.11 9.30 -12.76
N ILE D 10 -9.01 10.61 -12.69
CA ILE D 10 -7.79 11.34 -13.05
C ILE D 10 -6.65 10.92 -12.11
N ARG D 11 -6.92 10.95 -10.81
CA ARG D 11 -5.92 10.54 -9.84
C ARG D 11 -5.42 9.10 -10.08
N GLN D 12 -6.30 8.19 -10.47
CA GLN D 12 -5.91 6.81 -10.77
C GLN D 12 -5.16 6.55 -12.10
N THR D 13 -5.39 7.36 -13.12
CA THR D 13 -4.94 7.03 -14.48
C THR D 13 -4.16 8.12 -15.27
N SER D 14 -3.86 9.26 -14.66
CA SER D 14 -3.39 10.39 -15.47
C SER D 14 -1.93 10.33 -15.92
N ARG D 15 -1.16 9.38 -15.38
CA ARG D 15 0.27 9.27 -15.70
C ARG D 15 0.99 10.63 -15.76
N PRO D 16 1.31 11.20 -14.59
CA PRO D 16 1.97 12.51 -14.54
C PRO D 16 3.35 12.53 -15.20
N ASP D 17 4.00 11.38 -15.29
CA ASP D 17 5.35 11.29 -15.88
C ASP D 17 5.33 11.06 -17.38
N VAL D 18 4.14 10.86 -17.96
CA VAL D 18 4.05 10.48 -19.36
C VAL D 18 3.58 11.63 -20.25
N ILE D 19 4.46 12.09 -21.14
CA ILE D 19 4.10 13.15 -22.06
C ILE D 19 2.98 12.65 -22.98
N PRO D 20 1.90 13.42 -23.10
CA PRO D 20 0.72 12.96 -23.83
C PRO D 20 0.78 13.20 -25.33
N THR D 21 1.79 12.65 -25.99
CA THR D 21 1.86 12.71 -27.44
C THR D 21 0.77 11.84 -28.07
N GLN D 22 0.23 12.28 -29.20
CA GLN D 22 -0.72 11.49 -29.98
C GLN D 22 -0.12 11.29 -31.36
N ARG D 23 -0.06 10.04 -31.80
CA ARG D 23 0.42 9.71 -33.15
C ARG D 23 1.75 10.37 -33.48
N ASP D 24 2.67 10.33 -32.52
CA ASP D 24 4.01 10.87 -32.70
C ASP D 24 4.04 12.33 -33.19
N ARG D 25 2.94 13.04 -32.99
CA ARG D 25 2.92 14.49 -33.19
C ARG D 25 3.31 15.16 -31.86
N PRO D 26 3.96 16.34 -31.93
CA PRO D 26 4.34 17.02 -30.69
C PRO D 26 3.12 17.41 -29.85
N VAL D 27 3.28 17.48 -28.54
CA VAL D 27 2.28 18.16 -27.71
C VAL D 27 2.38 19.67 -27.96
N ALA D 28 1.29 20.29 -28.40
CA ALA D 28 1.29 21.73 -28.67
C ALA D 28 1.02 22.49 -27.38
N VAL D 29 2.03 23.21 -26.91
CA VAL D 29 1.92 23.97 -25.67
C VAL D 29 1.85 25.47 -25.96
N SER D 30 0.78 26.12 -25.49
CA SER D 30 0.66 27.56 -25.60
C SER D 30 1.18 28.18 -24.31
N VAL D 31 2.04 29.19 -24.44
CA VAL D 31 2.50 29.93 -23.27
C VAL D 31 2.51 31.43 -23.54
N SER D 32 2.02 32.17 -22.54
CA SER D 32 1.92 33.61 -22.60
C SER D 32 2.12 34.18 -21.20
N LEU D 33 2.89 35.26 -21.10
CA LEU D 33 3.09 35.93 -19.81
C LEU D 33 2.27 37.22 -19.71
N LYS D 34 1.51 37.35 -18.62
CA LYS D 34 0.79 38.61 -18.34
C LYS D 34 1.49 39.25 -17.17
N PHE D 35 2.10 40.40 -17.39
CA PHE D 35 2.90 41.02 -16.34
C PHE D 35 2.04 41.72 -15.31
N ILE D 36 2.30 41.43 -14.03
CA ILE D 36 1.53 41.95 -12.93
C ILE D 36 2.32 43.05 -12.24
N ASN D 37 3.63 42.88 -12.17
CA ASN D 37 4.44 43.83 -11.43
C ASN D 37 5.92 43.69 -11.76
N ILE D 38 6.64 44.81 -11.64
CA ILE D 38 8.09 44.84 -11.73
C ILE D 38 8.55 45.46 -10.43
N LEU D 39 9.27 44.68 -9.63
CA LEU D 39 9.47 44.99 -8.23
C LEU D 39 10.82 45.62 -7.98
N GLU D 40 11.82 45.14 -8.70
CA GLU D 40 13.18 45.61 -8.52
C GLU D 40 13.95 45.49 -9.82
N VAL D 41 14.72 46.51 -10.09
CA VAL D 41 15.50 46.58 -11.30
C VAL D 41 16.88 47.06 -10.91
N ASN D 42 17.91 46.36 -11.37
CA ASN D 42 19.27 46.75 -11.08
C ASN D 42 20.09 47.01 -12.32
N GLU D 43 20.56 48.26 -12.41
CA GLU D 43 21.24 48.80 -13.56
C GLU D 43 22.71 48.46 -13.48
N ILE D 44 23.16 48.17 -12.26
CA ILE D 44 24.49 47.64 -12.03
C ILE D 44 24.59 46.22 -12.59
N THR D 45 23.73 45.35 -12.10
CA THR D 45 23.87 43.91 -12.33
C THR D 45 23.05 43.37 -13.52
N ASN D 46 22.20 44.21 -14.12
CA ASN D 46 21.33 43.73 -15.21
C ASN D 46 20.41 42.59 -14.75
N GLU D 47 19.72 42.83 -13.65
CA GLU D 47 18.78 41.87 -13.08
C GLU D 47 17.45 42.58 -12.82
N VAL D 48 16.37 41.85 -13.05
CA VAL D 48 15.04 42.35 -12.76
C VAL D 48 14.24 41.31 -12.01
N ASP D 49 13.35 41.79 -11.15
CA ASP D 49 12.48 40.97 -10.34
C ASP D 49 11.06 41.30 -10.81
N VAL D 50 10.35 40.30 -11.30
CA VAL D 50 9.03 40.55 -11.91
C VAL D 50 7.99 39.52 -11.49
N VAL D 51 6.74 39.95 -11.43
CA VAL D 51 5.63 39.06 -11.12
C VAL D 51 4.74 38.92 -12.34
N PHE D 52 4.49 37.70 -12.79
CA PHE D 52 3.68 37.48 -13.96
C PHE D 52 2.76 36.29 -13.81
N TRP D 53 1.66 36.30 -14.56
CA TRP D 53 0.84 35.12 -14.70
C TRP D 53 1.35 34.34 -15.90
N GLN D 54 1.63 33.06 -15.70
CA GLN D 54 2.18 32.26 -16.79
C GLN D 54 1.05 31.43 -17.36
N GLN D 55 0.38 31.98 -18.38
CA GLN D 55 -0.80 31.32 -18.98
C GLN D 55 -0.34 30.19 -19.87
N THR D 56 -0.66 28.95 -19.47
CA THR D 56 -0.15 27.77 -20.13
C THR D 56 -1.29 26.83 -20.50
N THR D 57 -1.25 26.33 -21.72
CA THR D 57 -2.35 25.55 -22.28
C THR D 57 -1.80 24.38 -23.07
N TRP D 58 -2.40 23.22 -22.89
CA TRP D 58 -2.08 22.06 -23.72
C TRP D 58 -3.20 21.02 -23.65
N SER D 59 -3.12 20.02 -24.51
CA SER D 59 -4.14 18.98 -24.57
C SER D 59 -3.59 17.66 -24.04
N ASP D 60 -4.33 17.01 -23.15
CA ASP D 60 -4.00 15.64 -22.72
C ASP D 60 -5.24 14.75 -22.78
N ARG D 61 -5.41 14.03 -23.90
CA ARG D 61 -6.61 13.23 -24.14
C ARG D 61 -6.87 12.13 -23.11
N THR D 62 -5.83 11.70 -22.39
CA THR D 62 -6.02 10.66 -21.38
C THR D 62 -6.84 11.16 -20.21
N LEU D 63 -7.04 12.48 -20.14
CA LEU D 63 -7.85 13.08 -19.09
C LEU D 63 -9.31 13.21 -19.48
N ALA D 64 -9.60 13.05 -20.77
CA ALA D 64 -10.95 13.32 -21.28
C ALA D 64 -12.02 12.43 -20.68
N TRP D 65 -13.24 12.96 -20.58
CA TRP D 65 -14.38 12.17 -20.11
C TRP D 65 -15.65 12.58 -20.86
N ASN D 66 -16.62 11.67 -20.92
CA ASN D 66 -17.93 11.99 -21.49
C ASN D 66 -18.67 12.97 -20.58
N SER D 67 -18.95 14.17 -21.06
CA SER D 67 -19.57 15.19 -20.20
C SER D 67 -21.02 15.47 -20.58
N SER D 68 -21.64 14.52 -21.28
CA SER D 68 -23.02 14.71 -21.73
C SER D 68 -23.96 15.10 -20.58
N HIS D 69 -23.84 14.41 -19.45
CA HIS D 69 -24.65 14.75 -18.27
C HIS D 69 -23.75 14.93 -17.05
N SER D 70 -22.66 15.65 -17.25
CA SER D 70 -21.64 15.81 -16.24
C SER D 70 -21.02 17.20 -16.30
N PRO D 71 -20.37 17.61 -15.22
CA PRO D 71 -19.55 18.82 -15.24
C PRO D 71 -18.58 18.76 -16.40
N ASP D 72 -18.42 19.84 -17.15
CA ASP D 72 -17.46 19.81 -18.25
C ASP D 72 -16.08 20.37 -17.88
N GLN D 73 -15.91 20.80 -16.63
CA GLN D 73 -14.60 21.23 -16.13
C GLN D 73 -14.39 20.90 -14.65
N VAL D 74 -13.14 20.62 -14.28
CA VAL D 74 -12.76 20.50 -12.87
C VAL D 74 -11.39 21.13 -12.63
N SER D 75 -11.14 21.50 -11.37
CA SER D 75 -9.83 21.97 -10.97
C SER D 75 -9.05 20.80 -10.40
N VAL D 76 -7.79 20.67 -10.81
CA VAL D 76 -6.96 19.51 -10.46
C VAL D 76 -5.57 19.97 -10.03
N PRO D 77 -5.03 19.40 -8.92
CA PRO D 77 -3.65 19.68 -8.52
C PRO D 77 -2.68 19.28 -9.62
N ILE D 78 -1.72 20.14 -9.98
CA ILE D 78 -0.79 19.80 -11.06
C ILE D 78 0.07 18.59 -10.71
N SER D 79 0.16 18.25 -9.43
CA SER D 79 0.90 17.06 -9.02
C SER D 79 0.24 15.77 -9.54
N SER D 80 -1.04 15.86 -9.89
CA SER D 80 -1.75 14.72 -10.48
C SER D 80 -1.79 14.76 -12.01
N LEU D 81 -1.07 15.69 -12.62
CA LEU D 81 -1.11 15.86 -14.07
C LEU D 81 0.28 15.90 -14.66
N TRP D 82 0.40 15.50 -15.92
CA TRP D 82 1.61 15.79 -16.65
C TRP D 82 1.59 17.27 -16.93
N VAL D 83 2.72 17.89 -16.71
CA VAL D 83 2.87 19.30 -16.99
C VAL D 83 4.08 19.46 -17.89
N PRO D 84 4.00 20.35 -18.88
CA PRO D 84 5.20 20.59 -19.68
C PRO D 84 6.33 21.11 -18.79
N ASP D 85 7.55 20.67 -19.09
CA ASP D 85 8.71 21.00 -18.28
C ASP D 85 9.35 22.31 -18.75
N LEU D 86 8.59 23.39 -18.68
CA LEU D 86 9.05 24.70 -19.12
C LEU D 86 10.02 25.34 -18.14
N ALA D 87 10.99 26.06 -18.68
CA ALA D 87 11.88 26.85 -17.86
C ALA D 87 12.24 28.12 -18.60
N ALA D 88 12.47 29.19 -17.84
CA ALA D 88 13.06 30.42 -18.38
C ALA D 88 14.57 30.28 -18.43
N TYR D 89 15.14 30.37 -19.62
CA TYR D 89 16.57 30.19 -19.80
C TYR D 89 17.43 31.24 -19.09
N ASN D 90 16.92 32.46 -18.94
CA ASN D 90 17.72 33.52 -18.30
C ASN D 90 17.24 33.86 -16.90
N ALA D 91 16.51 32.93 -16.29
CA ALA D 91 16.12 33.07 -14.89
C ALA D 91 17.34 32.83 -13.99
N ILE D 92 17.43 33.59 -12.89
CA ILE D 92 18.53 33.41 -11.95
C ILE D 92 18.04 33.07 -10.55
N SER D 93 16.74 32.81 -10.44
CA SER D 93 16.16 32.28 -9.21
C SER D 93 15.13 31.26 -9.66
N LYS D 94 14.78 30.32 -8.79
CA LYS D 94 13.73 29.39 -9.19
C LYS D 94 12.39 30.11 -9.09
N PRO D 95 11.40 29.62 -9.86
CA PRO D 95 10.09 30.30 -9.87
C PRO D 95 9.49 30.25 -8.48
N GLU D 96 9.06 31.38 -7.96
CA GLU D 96 8.32 31.39 -6.70
C GLU D 96 6.83 31.43 -7.07
N VAL D 97 6.15 30.30 -6.93
CA VAL D 97 4.74 30.22 -7.30
C VAL D 97 3.90 30.80 -6.17
N LEU D 98 3.15 31.86 -6.47
CA LEU D 98 2.41 32.60 -5.45
C LEU D 98 1.01 32.06 -5.20
N THR D 99 0.51 31.25 -6.12
CA THR D 99 -0.90 30.85 -6.08
C THR D 99 -1.07 29.35 -5.91
N PRO D 100 -2.28 28.92 -5.54
CA PRO D 100 -2.58 27.49 -5.43
C PRO D 100 -2.24 26.78 -6.73
N GLN D 101 -1.47 25.70 -6.66
CA GLN D 101 -1.02 25.04 -7.87
C GLN D 101 -2.07 24.10 -8.48
N LEU D 102 -3.17 24.70 -8.93
CA LEU D 102 -4.29 23.97 -9.52
C LEU D 102 -4.44 24.33 -10.99
N ALA D 103 -4.71 23.33 -11.82
CA ALA D 103 -5.02 23.57 -13.22
C ALA D 103 -6.50 23.33 -13.47
N ARG D 104 -7.02 23.93 -14.53
CA ARG D 104 -8.37 23.69 -14.92
C ARG D 104 -8.33 22.67 -16.06
N VAL D 105 -9.08 21.59 -15.93
CA VAL D 105 -9.15 20.56 -16.95
C VAL D 105 -10.55 20.48 -17.57
N VAL D 106 -10.61 20.61 -18.89
CA VAL D 106 -11.86 20.51 -19.63
C VAL D 106 -12.12 19.06 -20.07
N SER D 107 -13.39 18.69 -20.26
CA SER D 107 -13.75 17.30 -20.51
C SER D 107 -13.15 16.71 -21.80
N ASP D 108 -12.76 17.56 -22.73
CA ASP D 108 -12.11 17.08 -23.95
C ASP D 108 -10.60 16.88 -23.78
N GLY D 109 -10.10 17.14 -22.57
CA GLY D 109 -8.69 16.93 -22.28
C GLY D 109 -7.83 18.17 -22.31
N GLU D 110 -8.43 19.29 -22.66
CA GLU D 110 -7.70 20.56 -22.63
C GLU D 110 -7.33 20.93 -21.19
N VAL D 111 -6.06 21.29 -20.98
CA VAL D 111 -5.61 21.70 -19.66
C VAL D 111 -5.20 23.17 -19.69
N LEU D 112 -5.60 23.92 -18.67
CA LEU D 112 -5.24 25.32 -18.58
C LEU D 112 -4.66 25.60 -17.21
N TYR D 113 -3.37 25.95 -17.19
CA TYR D 113 -2.66 26.24 -15.95
C TYR D 113 -2.11 27.68 -16.01
N MET D 114 -2.44 28.51 -15.00
CA MET D 114 -2.05 29.92 -14.99
C MET D 114 -1.68 30.45 -13.59
N PRO D 115 -0.52 30.02 -13.07
CA PRO D 115 -0.06 30.44 -11.74
C PRO D 115 0.49 31.85 -11.79
N SER D 116 0.43 32.54 -10.66
CA SER D 116 1.13 33.79 -10.55
C SER D 116 2.52 33.48 -10.04
N ILE D 117 3.53 34.05 -10.69
CA ILE D 117 4.91 33.69 -10.39
C ILE D 117 5.79 34.93 -10.14
N ARG D 118 6.62 34.87 -9.12
CA ARG D 118 7.65 35.87 -8.92
C ARG D 118 8.99 35.26 -9.22
N GLN D 119 9.77 35.92 -10.08
CA GLN D 119 11.05 35.37 -10.50
C GLN D 119 12.02 36.47 -10.91
N ARG D 120 13.30 36.16 -10.75
CA ARG D 120 14.37 37.09 -11.03
C ARG D 120 15.14 36.70 -12.31
N PHE D 121 15.33 37.67 -13.20
CA PHE D 121 15.95 37.40 -14.48
C PHE D 121 17.18 38.27 -14.75
N SER D 122 18.09 37.71 -15.53
CA SER D 122 19.19 38.43 -16.11
C SER D 122 18.77 38.92 -17.49
N CYS D 123 18.79 40.24 -17.69
CA CYS D 123 18.46 40.80 -18.99
C CYS D 123 18.90 42.26 -19.13
N ASP D 124 18.66 42.84 -20.30
CA ASP D 124 19.12 44.18 -20.62
C ASP D 124 18.31 45.25 -19.93
N VAL D 125 18.89 45.85 -18.90
CA VAL D 125 18.16 46.88 -18.16
C VAL D 125 18.51 48.32 -18.61
N SER D 126 19.46 48.44 -19.54
CA SER D 126 19.90 49.76 -19.96
C SER D 126 18.76 50.56 -20.57
N GLY D 127 18.70 51.84 -20.25
CA GLY D 127 17.68 52.71 -20.78
C GLY D 127 16.40 52.74 -19.97
N VAL D 128 16.39 52.08 -18.83
CA VAL D 128 15.17 52.01 -18.01
C VAL D 128 14.67 53.38 -17.57
N ASP D 129 15.59 54.35 -17.49
CA ASP D 129 15.25 55.71 -17.06
C ASP D 129 15.09 56.72 -18.22
N THR D 130 14.98 56.23 -19.45
CA THR D 130 14.74 57.11 -20.59
C THR D 130 13.32 56.92 -21.12
N GLU D 131 12.93 57.76 -22.07
CA GLU D 131 11.59 57.76 -22.65
C GLU D 131 11.32 56.47 -23.39
N SER D 132 12.35 55.96 -24.04
CA SER D 132 12.20 54.79 -24.89
C SER D 132 12.20 53.52 -24.02
N GLY D 133 12.81 53.63 -22.85
CA GLY D 133 12.77 52.59 -21.84
C GLY D 133 13.77 51.47 -22.08
N ALA D 134 13.73 50.47 -21.20
CA ALA D 134 14.54 49.27 -21.36
C ALA D 134 13.73 48.18 -22.05
N THR D 135 14.42 47.22 -22.65
CA THR D 135 13.77 46.04 -23.22
C THR D 135 14.39 44.79 -22.65
N CYS D 136 13.64 44.12 -21.79
CA CYS D 136 14.06 42.89 -21.15
C CYS D 136 13.43 41.69 -21.88
N ARG D 137 14.26 40.72 -22.27
CA ARG D 137 13.77 39.51 -22.96
C ARG D 137 13.81 38.29 -22.05
N ILE D 138 12.70 37.56 -22.05
CA ILE D 138 12.62 36.33 -21.29
C ILE D 138 12.33 35.18 -22.23
N LYS D 139 13.21 34.19 -22.21
CA LYS D 139 13.10 33.05 -23.10
C LYS D 139 12.59 31.83 -22.32
N ILE D 140 11.48 31.25 -22.79
CA ILE D 140 10.86 30.10 -22.12
C ILE D 140 10.63 28.94 -23.10
N GLY D 141 11.10 27.76 -22.72
CA GLY D 141 10.83 26.56 -23.50
C GLY D 141 10.96 25.29 -22.68
N SER D 142 10.67 24.15 -23.31
CA SER D 142 10.86 22.86 -22.68
C SER D 142 12.33 22.63 -22.39
N TRP D 143 12.64 22.21 -21.18
CA TRP D 143 14.03 21.91 -20.83
C TRP D 143 14.58 20.66 -21.54
N THR D 144 13.79 19.59 -21.62
CA THR D 144 14.32 18.31 -22.08
C THR D 144 13.60 17.70 -23.29
N HIS D 145 12.52 18.33 -23.76
CA HIS D 145 11.78 17.80 -24.90
C HIS D 145 12.01 18.64 -26.17
N HIS D 146 12.53 18.00 -27.21
CA HIS D 146 12.77 18.69 -28.47
C HIS D 146 11.47 18.92 -29.25
N SER D 147 11.60 19.55 -30.43
CA SER D 147 10.46 20.06 -31.17
C SER D 147 9.49 19.00 -31.70
N ARG D 148 9.93 17.75 -31.84
CA ARG D 148 9.03 16.68 -32.23
C ARG D 148 8.22 16.12 -31.05
N GLU D 149 8.51 16.59 -29.84
CA GLU D 149 7.80 16.15 -28.64
C GLU D 149 6.99 17.30 -28.00
N ILE D 150 7.60 18.49 -27.89
CA ILE D 150 6.88 19.65 -27.45
C ILE D 150 7.13 20.83 -28.37
N SER D 151 6.06 21.46 -28.83
CA SER D 151 6.18 22.73 -29.52
C SER D 151 5.59 23.81 -28.61
N VAL D 152 6.22 24.98 -28.59
CA VAL D 152 5.71 26.09 -27.79
C VAL D 152 5.28 27.23 -28.70
N ASP D 153 4.17 27.87 -28.34
CA ASP D 153 3.60 28.98 -29.10
C ASP D 153 2.92 29.98 -28.18
N PRO D 154 2.96 31.27 -28.55
CA PRO D 154 2.21 32.33 -27.87
C PRO D 154 0.69 32.04 -27.86
N THR D 155 0.06 32.16 -26.69
CA THR D 155 -1.38 31.88 -26.55
C THR D 155 -2.23 32.77 -27.45
N SER D 162 0.11 44.11 -19.45
CA SER D 162 -0.49 45.40 -19.78
C SER D 162 -1.78 45.67 -18.98
N GLU D 163 -2.79 44.81 -19.14
CA GLU D 163 -4.11 45.08 -18.56
C GLU D 163 -4.25 44.64 -17.11
N TYR D 164 -3.35 43.78 -16.66
CA TYR D 164 -3.32 43.32 -15.28
C TYR D 164 -2.15 43.95 -14.53
N PHE D 165 -1.43 44.84 -15.21
CA PHE D 165 -0.23 45.44 -14.61
C PHE D 165 -0.57 46.41 -13.46
N SER D 166 0.12 46.28 -12.35
CA SER D 166 -0.18 47.08 -11.16
C SER D 166 0.08 48.56 -11.41
N GLN D 167 -0.90 49.39 -11.06
CA GLN D 167 -0.76 50.84 -11.18
C GLN D 167 0.20 51.39 -10.13
N TYR D 168 0.60 50.54 -9.17
CA TYR D 168 1.42 51.00 -8.06
C TYR D 168 2.91 50.68 -8.19
N SER D 169 3.27 49.96 -9.25
CA SER D 169 4.66 49.72 -9.58
C SER D 169 5.40 51.06 -9.80
N ARG D 170 6.70 51.08 -9.55
CA ARG D 170 7.51 52.26 -9.86
C ARG D 170 7.75 52.30 -11.35
N PHE D 171 7.34 51.25 -12.05
CA PHE D 171 7.56 51.15 -13.48
C PHE D 171 6.25 51.15 -14.26
N GLU D 172 6.36 51.40 -15.56
CA GLU D 172 5.21 51.28 -16.45
C GLU D 172 5.63 50.49 -17.68
N ILE D 173 4.67 49.76 -18.25
CA ILE D 173 4.93 48.96 -19.44
C ILE D 173 4.61 49.74 -20.70
N LEU D 174 5.57 49.82 -21.60
CA LEU D 174 5.37 50.51 -22.88
C LEU D 174 4.87 49.54 -23.94
N ASP D 175 5.30 48.28 -23.84
CA ASP D 175 4.94 47.29 -24.84
C ASP D 175 5.42 45.88 -24.48
N VAL D 176 4.64 44.89 -24.87
CA VAL D 176 5.04 43.50 -24.72
C VAL D 176 4.86 42.80 -26.05
N THR D 177 5.94 42.22 -26.58
CA THR D 177 5.83 41.40 -27.78
C THR D 177 6.34 39.99 -27.56
N GLN D 178 5.88 39.07 -28.38
CA GLN D 178 6.24 37.68 -28.20
C GLN D 178 6.69 37.09 -29.52
N LYS D 179 7.81 36.40 -29.49
CA LYS D 179 8.37 35.74 -30.66
C LYS D 179 8.63 34.24 -30.37
N LYS D 180 8.52 33.41 -31.39
CA LYS D 180 8.79 32.00 -31.24
C LYS D 180 10.08 31.63 -31.95
N ASN D 181 10.93 30.85 -31.31
CA ASN D 181 12.18 30.43 -31.93
C ASN D 181 12.39 28.93 -31.95
N SER D 182 13.25 28.49 -32.85
CA SER D 182 13.61 27.09 -32.94
C SER D 182 15.12 27.03 -32.89
N VAL D 183 15.64 26.58 -31.76
CA VAL D 183 17.09 26.62 -31.55
C VAL D 183 17.73 25.25 -31.48
N THR D 184 18.87 25.13 -32.15
CA THR D 184 19.71 23.95 -32.00
C THR D 184 20.93 24.33 -31.16
N TYR D 185 21.15 23.56 -30.10
CA TYR D 185 22.21 23.81 -29.14
C TYR D 185 23.36 22.88 -29.49
N SER D 186 24.58 23.25 -29.07
CA SER D 186 25.77 22.45 -29.36
C SER D 186 25.64 21.01 -28.88
N CYS D 187 25.20 20.86 -27.63
CA CYS D 187 25.12 19.57 -26.93
C CYS D 187 24.20 18.52 -27.55
N CYS D 188 23.32 18.94 -28.46
CA CYS D 188 22.19 18.11 -28.84
C CYS D 188 21.85 18.28 -30.33
N PRO D 189 21.48 17.16 -30.98
CA PRO D 189 21.17 17.10 -32.41
C PRO D 189 19.79 17.69 -32.83
N GLU D 190 18.83 17.74 -31.92
CA GLU D 190 17.47 18.17 -32.30
C GLU D 190 17.17 19.63 -31.96
N ALA D 191 16.13 20.18 -32.57
CA ALA D 191 15.73 21.55 -32.29
C ALA D 191 14.82 21.63 -31.07
N TYR D 192 14.98 22.70 -30.31
CA TYR D 192 14.13 23.00 -29.16
C TYR D 192 13.44 24.33 -29.36
N GLU D 193 12.13 24.34 -29.13
CA GLU D 193 11.37 25.55 -29.36
C GLU D 193 11.26 26.38 -28.08
N ASP D 194 11.23 27.70 -28.26
CA ASP D 194 11.00 28.59 -27.13
C ASP D 194 10.16 29.76 -27.58
N VAL D 195 9.56 30.42 -26.61
CA VAL D 195 8.92 31.69 -26.85
C VAL D 195 9.78 32.74 -26.19
N GLU D 196 10.08 33.82 -26.91
CA GLU D 196 10.78 34.94 -26.32
C GLU D 196 9.82 36.08 -26.11
N VAL D 197 9.72 36.51 -24.86
CA VAL D 197 8.81 37.58 -24.49
C VAL D 197 9.63 38.85 -24.26
N SER D 198 9.37 39.88 -25.05
CA SER D 198 10.07 41.16 -24.90
C SER D 198 9.25 42.17 -24.13
N LEU D 199 9.75 42.55 -22.97
CA LEU D 199 9.10 43.52 -22.10
C LEU D 199 9.78 44.88 -22.21
N ASN D 200 9.10 45.82 -22.85
CA ASN D 200 9.59 47.19 -22.97
C ASN D 200 8.95 47.99 -21.83
N PHE D 201 9.78 48.44 -20.91
CA PHE D 201 9.29 49.16 -19.72
C PHE D 201 10.20 50.32 -19.33
N ARG D 202 9.69 51.21 -18.49
CA ARG D 202 10.53 52.30 -17.99
C ARG D 202 10.13 52.73 -16.60
N LYS D 203 11.02 53.42 -15.91
CA LYS D 203 10.71 54.00 -14.61
C LYS D 203 9.78 55.21 -14.80
N LYS D 204 8.76 55.32 -13.96
CA LYS D 204 7.89 56.48 -13.98
C LYS D 204 8.63 57.68 -13.39
N GLY D 205 8.42 58.86 -13.96
CA GLY D 205 9.13 60.05 -13.50
C GLY D 205 8.45 60.68 -12.30
N LEU E 1 6.64 -1.16 -27.67
CA LEU E 1 6.62 -0.28 -26.49
C LEU E 1 6.34 1.18 -26.85
N ASP E 2 5.38 1.79 -26.16
CA ASP E 2 5.23 3.23 -26.27
C ASP E 2 5.83 3.90 -25.04
N ARG E 3 5.83 5.23 -25.02
CA ARG E 3 6.42 5.96 -23.91
C ARG E 3 5.81 5.58 -22.56
N ALA E 4 4.48 5.40 -22.53
CA ALA E 4 3.80 5.01 -21.31
C ALA E 4 4.33 3.69 -20.74
N ASP E 5 4.56 2.72 -21.61
CA ASP E 5 5.10 1.43 -21.17
C ASP E 5 6.54 1.54 -20.66
N ILE E 6 7.38 2.25 -21.42
CA ILE E 6 8.77 2.48 -21.02
C ILE E 6 8.86 3.14 -19.64
N LEU E 7 8.10 4.21 -19.43
CA LEU E 7 8.08 4.91 -18.15
C LEU E 7 7.49 4.08 -17.00
N TYR E 8 6.46 3.30 -17.30
CA TYR E 8 5.92 2.37 -16.33
C TYR E 8 7.00 1.38 -15.90
N ASN E 9 7.68 0.78 -16.87
CA ASN E 9 8.75 -0.19 -16.56
C ASN E 9 9.88 0.40 -15.71
N ILE E 10 10.30 1.61 -16.06
CA ILE E 10 11.35 2.32 -15.33
C ILE E 10 10.91 2.61 -13.90
N ARG E 11 9.72 3.17 -13.75
CA ARG E 11 9.16 3.45 -12.44
C ARG E 11 9.02 2.18 -11.58
N GLN E 12 8.64 1.07 -12.20
CA GLN E 12 8.49 -0.19 -11.48
C GLN E 12 9.79 -0.93 -11.10
N THR E 13 10.85 -0.80 -11.88
CA THR E 13 12.07 -1.58 -11.62
C THR E 13 13.37 -0.81 -11.40
N SER E 14 13.37 0.50 -11.62
CA SER E 14 14.62 1.19 -11.38
C SER E 14 14.82 1.16 -9.87
N ARG E 15 16.06 0.89 -9.49
CA ARG E 15 16.43 0.91 -8.10
C ARG E 15 17.20 2.21 -7.94
N PRO E 16 16.51 3.28 -7.53
CA PRO E 16 17.17 4.59 -7.44
C PRO E 16 18.33 4.60 -6.44
N ASP E 17 18.28 3.72 -5.44
CA ASP E 17 19.31 3.66 -4.42
C ASP E 17 20.52 2.80 -4.83
N VAL E 18 20.42 2.12 -5.96
CA VAL E 18 21.43 1.14 -6.32
C VAL E 18 22.35 1.63 -7.44
N ILE E 19 23.62 1.88 -7.10
CA ILE E 19 24.59 2.29 -8.09
C ILE E 19 24.73 1.21 -9.16
N PRO E 20 24.61 1.58 -10.44
CA PRO E 20 24.59 0.58 -11.51
C PRO E 20 26.00 0.16 -11.98
N THR E 21 26.81 -0.33 -11.05
CA THR E 21 28.08 -0.97 -11.40
C THR E 21 27.89 -2.27 -12.19
N GLN E 22 28.65 -2.42 -13.26
CA GLN E 22 28.75 -3.69 -13.96
C GLN E 22 29.94 -4.41 -13.35
N ARG E 23 29.73 -5.60 -12.82
CA ARG E 23 30.85 -6.36 -12.28
C ARG E 23 31.52 -5.60 -11.14
N ASP E 24 32.85 -5.54 -11.19
CA ASP E 24 33.65 -4.84 -10.19
C ASP E 24 34.10 -3.47 -10.72
N ARG E 25 33.57 -3.07 -11.88
CA ARG E 25 34.07 -1.86 -12.54
C ARG E 25 33.26 -0.60 -12.24
N PRO E 26 33.93 0.56 -12.26
CA PRO E 26 33.23 1.77 -11.82
C PRO E 26 32.17 2.20 -12.83
N VAL E 27 31.16 2.92 -12.37
CA VAL E 27 30.29 3.66 -13.27
C VAL E 27 31.06 4.90 -13.73
N ALA E 28 31.29 5.03 -15.03
CA ALA E 28 31.94 6.22 -15.59
C ALA E 28 30.96 7.38 -15.71
N VAL E 29 31.20 8.43 -14.94
CA VAL E 29 30.31 9.59 -14.94
C VAL E 29 31.02 10.78 -15.57
N SER E 30 30.42 11.34 -16.62
CA SER E 30 30.97 12.53 -17.24
C SER E 30 30.32 13.75 -16.65
N VAL E 31 31.14 14.78 -16.45
CA VAL E 31 30.68 16.03 -15.87
C VAL E 31 31.37 17.17 -16.56
N SER E 32 30.60 18.12 -17.07
CA SER E 32 31.17 19.36 -17.56
C SER E 32 30.21 20.50 -17.23
N LEU E 33 30.77 21.65 -16.92
CA LEU E 33 29.96 22.80 -16.56
C LEU E 33 29.95 23.81 -17.72
N LYS E 34 28.76 24.23 -18.12
CA LYS E 34 28.63 25.31 -19.10
C LYS E 34 28.15 26.53 -18.34
N PHE E 35 28.99 27.55 -18.27
CA PHE E 35 28.65 28.71 -17.48
C PHE E 35 27.64 29.59 -18.20
N ILE E 36 26.59 29.95 -17.46
CA ILE E 36 25.52 30.78 -17.98
C ILE E 36 25.67 32.21 -17.49
N ASN E 37 26.13 32.38 -16.26
CA ASN E 37 26.18 33.72 -15.68
C ASN E 37 27.04 33.74 -14.43
N ILE E 38 27.64 34.90 -14.20
CA ILE E 38 28.34 35.20 -12.96
C ILE E 38 27.66 36.42 -12.37
N LEU E 39 27.04 36.25 -11.20
CA LEU E 39 26.06 37.20 -10.70
C LEU E 39 26.65 38.13 -9.66
N GLU E 40 27.54 37.60 -8.86
CA GLU E 40 28.11 38.36 -7.77
C GLU E 40 29.49 37.82 -7.44
N VAL E 41 30.41 38.73 -7.23
CA VAL E 41 31.78 38.40 -6.95
C VAL E 41 32.22 39.28 -5.80
N ASN E 42 32.87 38.70 -4.80
CA ASN E 42 33.37 39.49 -3.69
C ASN E 42 34.87 39.24 -3.56
N GLU E 43 35.66 40.21 -3.97
CA GLU E 43 37.10 40.07 -3.95
C GLU E 43 37.68 40.09 -2.54
N ILE E 44 36.99 40.76 -1.61
CA ILE E 44 37.43 40.76 -0.22
C ILE E 44 37.23 39.40 0.44
N THR E 45 36.06 38.78 0.22
CA THR E 45 35.76 37.49 0.84
C THR E 45 36.18 36.26 0.00
N ASN E 46 36.58 36.49 -1.24
CA ASN E 46 36.87 35.39 -2.15
C ASN E 46 35.65 34.45 -2.34
N GLU E 47 34.51 35.04 -2.66
CA GLU E 47 33.29 34.28 -2.92
C GLU E 47 32.68 34.67 -4.25
N VAL E 48 32.10 33.71 -4.95
CA VAL E 48 31.44 33.99 -6.21
C VAL E 48 30.10 33.27 -6.23
N ASP E 49 29.15 33.86 -6.94
CA ASP E 49 27.80 33.35 -7.09
C ASP E 49 27.63 33.11 -8.59
N VAL E 50 27.41 31.87 -8.99
CA VAL E 50 27.45 31.52 -10.40
C VAL E 50 26.22 30.72 -10.86
N VAL E 51 25.90 30.80 -12.16
CA VAL E 51 24.88 29.95 -12.75
C VAL E 51 25.48 29.11 -13.89
N PHE E 52 25.31 27.79 -13.81
CA PHE E 52 25.84 26.89 -14.84
C PHE E 52 24.91 25.71 -15.17
N TRP E 53 25.02 25.19 -16.38
CA TRP E 53 24.39 23.90 -16.71
C TRP E 53 25.38 22.82 -16.35
N GLN E 54 24.99 21.95 -15.43
CA GLN E 54 25.87 20.86 -15.00
C GLN E 54 25.58 19.62 -15.82
N GLN E 55 26.24 19.52 -16.97
CA GLN E 55 26.00 18.42 -17.87
C GLN E 55 26.58 17.13 -17.32
N THR E 56 25.69 16.17 -17.03
CA THR E 56 26.09 14.95 -16.37
C THR E 56 25.59 13.74 -17.15
N THR E 57 26.48 12.79 -17.37
CA THR E 57 26.23 11.67 -18.25
C THR E 57 26.75 10.40 -17.62
N TRP E 58 25.94 9.33 -17.67
CA TRP E 58 26.38 8.02 -17.23
C TRP E 58 25.50 6.92 -17.83
N SER E 59 25.92 5.68 -17.65
CA SER E 59 25.21 4.55 -18.22
C SER E 59 24.55 3.74 -17.11
N ASP E 60 23.29 3.39 -17.32
CA ASP E 60 22.59 2.47 -16.41
C ASP E 60 21.82 1.42 -17.22
N ARG E 61 22.44 0.28 -17.44
CA ARG E 61 21.87 -0.77 -18.28
C ARG E 61 20.52 -1.32 -17.82
N THR E 62 20.22 -1.18 -16.53
CA THR E 62 18.94 -1.67 -16.04
C THR E 62 17.77 -0.85 -16.59
N LEU E 63 18.07 0.29 -17.17
CA LEU E 63 17.03 1.13 -17.78
C LEU E 63 16.78 0.78 -19.24
N ALA E 64 17.69 0.03 -19.86
CA ALA E 64 17.66 -0.22 -21.30
C ALA E 64 16.37 -0.92 -21.75
N TRP E 65 15.96 -0.64 -22.98
CA TRP E 65 14.82 -1.33 -23.58
C TRP E 65 15.07 -1.55 -25.07
N ASN E 66 14.39 -2.55 -25.64
CA ASN E 66 14.45 -2.79 -27.07
C ASN E 66 13.70 -1.67 -27.79
N SER E 67 14.40 -0.88 -28.60
CA SER E 67 13.76 0.26 -29.26
C SER E 67 13.57 0.05 -30.77
N SER E 68 13.56 -1.19 -31.21
CA SER E 68 13.42 -1.50 -32.62
C SER E 68 12.19 -0.83 -33.25
N HIS E 69 11.05 -0.90 -32.55
CA HIS E 69 9.84 -0.25 -33.02
C HIS E 69 9.26 0.61 -31.93
N SER E 70 10.14 1.35 -31.26
CA SER E 70 9.75 2.14 -30.10
C SER E 70 10.53 3.45 -30.06
N PRO E 71 10.04 4.40 -29.27
CA PRO E 71 10.80 5.63 -28.98
C PRO E 71 12.17 5.24 -28.46
N ASP E 72 13.22 5.90 -28.93
CA ASP E 72 14.55 5.56 -28.40
C ASP E 72 15.00 6.48 -27.26
N GLN E 73 14.15 7.42 -26.84
CA GLN E 73 14.45 8.28 -25.70
C GLN E 73 13.19 8.70 -24.98
N VAL E 74 13.28 8.83 -23.66
CA VAL E 74 12.22 9.42 -22.84
C VAL E 74 12.83 10.38 -21.79
N SER E 75 12.03 11.28 -21.28
CA SER E 75 12.40 12.12 -20.15
C SER E 75 11.85 11.48 -18.87
N VAL E 76 12.67 11.46 -17.83
CA VAL E 76 12.34 10.75 -16.59
C VAL E 76 12.71 11.57 -15.37
N PRO E 77 11.80 11.68 -14.39
CA PRO E 77 12.13 12.40 -13.14
C PRO E 77 13.34 11.75 -12.48
N ILE E 78 14.31 12.53 -12.02
CA ILE E 78 15.50 11.90 -11.41
C ILE E 78 15.18 11.17 -10.12
N SER E 79 14.03 11.46 -9.52
CA SER E 79 13.59 10.74 -8.34
C SER E 79 13.33 9.25 -8.64
N SER E 80 13.10 8.93 -9.91
CA SER E 80 12.91 7.53 -10.33
C SER E 80 14.21 6.88 -10.82
N LEU E 81 15.33 7.57 -10.69
CA LEU E 81 16.59 7.06 -11.23
C LEU E 81 17.70 7.10 -10.19
N TRP E 82 18.65 6.19 -10.30
CA TRP E 82 19.90 6.40 -9.60
C TRP E 82 20.59 7.59 -10.24
N VAL E 83 21.05 8.53 -9.43
CA VAL E 83 21.93 9.59 -9.91
C VAL E 83 23.17 9.65 -9.03
N PRO E 84 24.31 9.93 -9.64
CA PRO E 84 25.58 10.02 -8.90
C PRO E 84 25.52 11.09 -7.81
N ASP E 85 26.15 10.81 -6.67
CA ASP E 85 26.08 11.69 -5.50
C ASP E 85 27.17 12.78 -5.56
N LEU E 86 27.18 13.57 -6.63
CA LEU E 86 28.22 14.57 -6.84
C LEU E 86 28.03 15.78 -5.93
N ALA E 87 29.15 16.36 -5.51
CA ALA E 87 29.13 17.60 -4.74
C ALA E 87 30.33 18.46 -5.10
N ALA E 88 30.14 19.76 -5.04
CA ALA E 88 31.25 20.69 -5.18
C ALA E 88 31.90 20.87 -3.83
N TYR E 89 33.17 20.50 -3.72
CA TYR E 89 33.89 20.56 -2.44
C TYR E 89 34.00 21.97 -1.86
N ASN E 90 34.12 22.98 -2.72
CA ASN E 90 34.26 24.36 -2.24
C ASN E 90 32.99 25.19 -2.37
N ALA E 91 31.84 24.55 -2.55
CA ALA E 91 30.55 25.23 -2.47
C ALA E 91 30.27 25.65 -1.04
N ILE E 92 29.66 26.82 -0.87
CA ILE E 92 29.30 27.33 0.45
C ILE E 92 27.80 27.59 0.57
N SER E 93 27.05 27.17 -0.45
CA SER E 93 25.60 27.14 -0.38
C SER E 93 25.19 25.82 -1.01
N LYS E 94 24.00 25.32 -0.70
CA LYS E 94 23.55 24.14 -1.43
C LYS E 94 23.13 24.52 -2.85
N PRO E 95 23.20 23.56 -3.78
CA PRO E 95 22.85 23.87 -5.18
C PRO E 95 21.40 24.33 -5.26
N GLU E 96 21.15 25.45 -5.93
CA GLU E 96 19.79 25.87 -6.19
C GLU E 96 19.47 25.45 -7.61
N VAL E 97 18.66 24.40 -7.75
CA VAL E 97 18.35 23.85 -9.07
C VAL E 97 17.26 24.70 -9.69
N LEU E 98 17.55 25.33 -10.82
CA LEU E 98 16.62 26.29 -11.42
C LEU E 98 15.62 25.66 -12.39
N THR E 99 15.88 24.43 -12.82
CA THR E 99 15.11 23.80 -13.90
C THR E 99 14.37 22.53 -13.44
N PRO E 100 13.40 22.07 -14.25
CA PRO E 100 12.71 20.81 -13.95
C PRO E 100 13.67 19.64 -13.80
N GLN E 101 13.52 18.85 -12.74
CA GLN E 101 14.49 17.79 -12.47
C GLN E 101 14.20 16.50 -13.24
N LEU E 102 14.36 16.60 -14.55
CA LEU E 102 14.11 15.51 -15.47
C LEU E 102 15.41 15.18 -16.18
N ALA E 103 15.68 13.88 -16.32
CA ALA E 103 16.83 13.43 -17.08
C ALA E 103 16.35 12.80 -18.38
N ARG E 104 17.21 12.77 -19.37
CA ARG E 104 16.88 12.16 -20.64
C ARG E 104 17.51 10.78 -20.64
N VAL E 105 16.71 9.74 -20.90
CA VAL E 105 17.20 8.36 -20.89
C VAL E 105 17.10 7.77 -22.29
N VAL E 106 18.21 7.26 -22.80
CA VAL E 106 18.28 6.63 -24.12
C VAL E 106 18.07 5.12 -23.99
N SER E 107 17.57 4.48 -25.04
CA SER E 107 17.18 3.07 -24.98
C SER E 107 18.32 2.11 -24.66
N ASP E 108 19.56 2.53 -24.91
CA ASP E 108 20.71 1.70 -24.53
C ASP E 108 21.11 1.85 -23.05
N GLY E 109 20.39 2.70 -22.31
CA GLY E 109 20.70 2.90 -20.91
C GLY E 109 21.52 4.15 -20.58
N GLU E 110 21.92 4.93 -21.59
CA GLU E 110 22.64 6.16 -21.31
C GLU E 110 21.70 7.19 -20.72
N VAL E 111 22.15 7.82 -19.65
CA VAL E 111 21.35 8.83 -18.96
C VAL E 111 22.05 10.19 -19.11
N LEU E 112 21.29 11.21 -19.45
CA LEU E 112 21.84 12.54 -19.58
C LEU E 112 21.01 13.54 -18.75
N TYR E 113 21.63 14.08 -17.72
CA TYR E 113 20.98 15.00 -16.80
C TYR E 113 21.73 16.33 -16.86
N MET E 114 21.02 17.41 -17.14
CA MET E 114 21.64 18.72 -17.34
C MET E 114 20.82 19.86 -16.76
N PRO E 115 20.80 19.95 -15.43
CA PRO E 115 20.08 21.03 -14.78
C PRO E 115 20.86 22.35 -14.84
N SER E 116 20.15 23.47 -14.84
CA SER E 116 20.77 24.76 -14.58
C SER E 116 20.81 24.99 -13.07
N ILE E 117 22.00 25.34 -12.58
CA ILE E 117 22.22 25.45 -11.15
C ILE E 117 22.80 26.82 -10.76
N ARG E 118 22.28 27.40 -9.69
CA ARG E 118 22.90 28.56 -9.10
C ARG E 118 23.54 28.17 -7.77
N GLN E 119 24.80 28.51 -7.58
CA GLN E 119 25.50 28.11 -6.38
C GLN E 119 26.62 29.09 -6.04
N ARG E 120 26.89 29.24 -4.74
CA ARG E 120 27.97 30.08 -4.23
C ARG E 120 29.21 29.22 -3.94
N PHE E 121 30.38 29.73 -4.27
CA PHE E 121 31.63 29.03 -4.06
C PHE E 121 32.68 29.91 -3.37
N SER E 122 33.53 29.27 -2.61
CA SER E 122 34.73 29.90 -2.08
C SER E 122 35.88 29.60 -3.02
N CYS E 123 36.49 30.64 -3.57
CA CYS E 123 37.62 30.46 -4.47
C CYS E 123 38.41 31.74 -4.72
N ASP E 124 39.48 31.64 -5.50
CA ASP E 124 40.38 32.76 -5.70
C ASP E 124 39.81 33.82 -6.63
N VAL E 125 39.38 34.94 -6.05
CA VAL E 125 38.78 36.00 -6.83
C VAL E 125 39.79 37.11 -7.18
N SER E 126 41.01 37.00 -6.68
CA SER E 126 42.01 38.04 -6.94
C SER E 126 42.27 38.19 -8.44
N GLY E 127 42.43 39.44 -8.87
CA GLY E 127 42.70 39.73 -10.27
C GLY E 127 41.47 39.87 -11.15
N VAL E 128 40.28 39.77 -10.56
CA VAL E 128 39.05 39.83 -11.34
C VAL E 128 38.88 41.16 -12.12
N ASP E 129 39.37 42.25 -11.54
CA ASP E 129 39.22 43.57 -12.16
C ASP E 129 40.51 44.00 -12.87
N THR E 130 41.30 43.02 -13.31
CA THR E 130 42.47 43.26 -14.13
C THR E 130 42.29 42.61 -15.49
N GLU E 131 43.19 42.91 -16.42
CA GLU E 131 43.08 42.38 -17.76
C GLU E 131 43.24 40.85 -17.85
N SER E 132 44.12 40.29 -17.05
CA SER E 132 44.37 38.86 -17.14
C SER E 132 43.30 38.05 -16.38
N GLY E 133 42.55 38.72 -15.52
CA GLY E 133 41.37 38.16 -14.87
C GLY E 133 41.63 37.29 -13.65
N ALA E 134 40.55 36.83 -13.04
CA ALA E 134 40.65 35.91 -11.93
C ALA E 134 40.54 34.46 -12.42
N THR E 135 41.04 33.53 -11.62
CA THR E 135 40.83 32.11 -11.91
C THR E 135 40.20 31.43 -10.70
N CYS E 136 38.94 31.09 -10.85
CA CYS E 136 38.18 30.39 -9.81
C CYS E 136 38.13 28.89 -10.12
N ARG E 137 38.50 28.07 -9.15
CA ARG E 137 38.57 26.64 -9.36
C ARG E 137 37.43 25.93 -8.63
N ILE E 138 36.67 25.14 -9.38
CA ILE E 138 35.52 24.44 -8.82
C ILE E 138 35.75 22.94 -8.86
N LYS E 139 35.66 22.32 -7.68
CA LYS E 139 35.98 20.91 -7.54
C LYS E 139 34.70 20.06 -7.30
N ILE E 140 34.45 19.13 -8.20
CA ILE E 140 33.25 18.29 -8.13
C ILE E 140 33.58 16.80 -8.20
N GLY E 141 33.10 16.04 -7.23
CA GLY E 141 33.24 14.60 -7.26
C GLY E 141 32.20 13.88 -6.43
N SER E 142 32.21 12.55 -6.50
CA SER E 142 31.31 11.74 -5.71
C SER E 142 31.61 11.94 -4.23
N TRP E 143 30.58 12.19 -3.44
CA TRP E 143 30.79 12.34 -2.01
C TRP E 143 31.20 11.05 -1.29
N THR E 144 30.58 9.91 -1.65
CA THR E 144 30.77 8.70 -0.86
C THR E 144 31.29 7.49 -1.64
N HIS E 145 31.42 7.62 -2.96
CA HIS E 145 31.89 6.49 -3.78
C HIS E 145 33.32 6.69 -4.26
N HIS E 146 34.20 5.72 -3.98
CA HIS E 146 35.61 5.84 -4.39
C HIS E 146 35.82 5.49 -5.87
N SER E 147 37.07 5.46 -6.31
CA SER E 147 37.38 5.33 -7.74
C SER E 147 37.01 3.99 -8.35
N ARG E 148 36.83 2.95 -7.54
CA ARG E 148 36.42 1.65 -8.06
C ARG E 148 34.90 1.56 -8.24
N GLU E 149 34.20 2.58 -7.77
CA GLU E 149 32.73 2.62 -7.86
C GLU E 149 32.24 3.74 -8.79
N ILE E 150 32.83 4.93 -8.68
CA ILE E 150 32.54 6.00 -9.62
C ILE E 150 33.83 6.63 -10.10
N SER E 151 34.01 6.71 -11.42
CA SER E 151 35.07 7.51 -11.99
C SER E 151 34.44 8.74 -12.65
N VAL E 152 35.08 9.89 -12.47
CA VAL E 152 34.58 11.11 -13.09
C VAL E 152 35.50 11.49 -14.22
N ASP E 153 34.87 11.59 -15.39
CA ASP E 153 35.50 11.91 -16.65
C ASP E 153 35.30 13.39 -16.95
N PRO E 154 36.39 14.16 -17.00
CA PRO E 154 36.20 15.60 -17.19
C PRO E 154 36.37 15.96 -18.65
N THR E 155 36.56 14.96 -19.49
CA THR E 155 36.96 15.27 -20.85
C THR E 155 35.82 15.87 -21.65
N THR E 156 36.21 16.64 -22.65
CA THR E 156 35.32 17.52 -23.37
C THR E 156 35.42 17.18 -24.85
N GLU E 157 34.41 17.54 -25.62
CA GLU E 157 34.52 17.38 -27.06
C GLU E 157 33.81 18.51 -27.78
N ASN E 158 34.58 19.41 -28.36
CA ASN E 158 34.05 20.50 -29.17
C ASN E 158 33.28 21.57 -28.40
N SER E 159 33.67 21.81 -27.15
CA SER E 159 32.98 22.84 -26.36
C SER E 159 33.53 24.23 -26.69
N ASP E 160 32.66 25.23 -26.66
CA ASP E 160 33.11 26.63 -26.66
C ASP E 160 32.72 27.28 -25.33
N ASP E 161 33.57 28.17 -24.84
CA ASP E 161 33.46 28.68 -23.48
C ASP E 161 32.28 29.62 -23.20
N SER E 162 32.01 30.53 -24.13
CA SER E 162 30.99 31.55 -23.93
C SER E 162 29.69 31.31 -24.71
N GLU E 163 29.51 30.11 -25.25
CA GLU E 163 28.38 29.90 -26.15
C GLU E 163 27.01 30.20 -25.54
N TYR E 164 26.80 29.77 -24.30
CA TYR E 164 25.55 29.97 -23.59
C TYR E 164 25.69 31.06 -22.54
N PHE E 165 26.88 31.66 -22.45
CA PHE E 165 27.10 32.70 -21.47
C PHE E 165 26.31 33.98 -21.76
N SER E 166 25.66 34.52 -20.74
CA SER E 166 24.83 35.71 -20.88
C SER E 166 25.63 36.94 -21.30
N GLN E 167 25.19 37.60 -22.36
CA GLN E 167 25.79 38.87 -22.79
C GLN E 167 25.51 40.00 -21.81
N TYR E 168 24.67 39.76 -20.81
CA TYR E 168 24.26 40.81 -19.89
C TYR E 168 24.94 40.75 -18.53
N SER E 169 25.75 39.72 -18.32
CA SER E 169 26.61 39.64 -17.14
C SER E 169 27.58 40.84 -17.08
N ARG E 170 27.95 41.23 -15.88
CA ARG E 170 28.96 42.29 -15.70
C ARG E 170 30.34 41.71 -15.98
N PHE E 171 30.40 40.39 -16.11
CA PHE E 171 31.66 39.69 -16.28
C PHE E 171 31.75 39.05 -17.65
N GLU E 172 32.97 38.71 -18.05
CA GLU E 172 33.18 37.97 -19.28
C GLU E 172 34.10 36.79 -19.02
N ILE E 173 33.91 35.72 -19.78
CA ILE E 173 34.73 34.52 -19.62
C ILE E 173 35.92 34.56 -20.57
N LEU E 174 37.12 34.38 -20.02
CA LEU E 174 38.34 34.36 -20.82
C LEU E 174 38.64 32.93 -21.25
N ASP E 175 38.35 31.98 -20.38
CA ASP E 175 38.67 30.58 -20.64
C ASP E 175 38.08 29.63 -19.58
N VAL E 176 37.71 28.44 -20.02
CA VAL E 176 37.27 27.38 -19.13
C VAL E 176 38.03 26.09 -19.44
N THR E 177 38.68 25.53 -18.42
CA THR E 177 39.38 24.27 -18.60
C THR E 177 38.92 23.26 -17.55
N GLN E 178 38.95 21.97 -17.90
CA GLN E 178 38.62 20.89 -16.97
C GLN E 178 39.79 19.95 -16.82
N LYS E 179 39.91 19.38 -15.63
CA LYS E 179 41.02 18.51 -15.27
C LYS E 179 40.50 17.51 -14.24
N LYS E 180 41.05 16.31 -14.27
CA LYS E 180 40.73 15.29 -13.29
C LYS E 180 41.81 15.18 -12.21
N ASN E 181 41.39 15.01 -10.96
CA ASN E 181 42.30 14.70 -9.85
C ASN E 181 41.85 13.47 -9.09
N SER E 182 42.81 12.79 -8.46
CA SER E 182 42.54 11.63 -7.64
C SER E 182 43.20 11.84 -6.29
N VAL E 183 42.40 11.79 -5.23
CA VAL E 183 42.84 12.13 -3.89
C VAL E 183 42.55 11.00 -2.90
N THR E 184 43.51 10.71 -2.02
CA THR E 184 43.28 9.84 -0.86
C THR E 184 42.99 10.68 0.41
N TYR E 185 41.80 10.54 0.99
CA TYR E 185 41.45 11.31 2.20
C TYR E 185 41.89 10.59 3.45
N SER E 186 42.23 11.34 4.48
CA SER E 186 42.75 10.74 5.71
C SER E 186 41.69 9.89 6.41
N CYS E 187 40.41 10.19 6.15
CA CYS E 187 39.31 9.41 6.69
C CYS E 187 39.36 7.94 6.25
N CYS E 188 39.55 7.74 4.94
CA CYS E 188 39.43 6.41 4.32
C CYS E 188 40.71 6.07 3.56
N PRO E 189 40.85 4.82 3.09
CA PRO E 189 42.11 4.42 2.44
C PRO E 189 42.08 4.35 0.89
N GLU E 190 40.91 4.58 0.28
CA GLU E 190 40.74 4.50 -1.18
C GLU E 190 40.92 5.84 -1.90
N ALA E 191 41.10 5.84 -3.23
CA ALA E 191 41.18 7.10 -3.97
C ALA E 191 39.79 7.57 -4.39
N TYR E 192 39.57 8.87 -4.33
CA TYR E 192 38.33 9.50 -4.77
C TYR E 192 38.61 10.46 -5.90
N GLU E 193 37.85 10.35 -6.97
CA GLU E 193 38.08 11.18 -8.13
C GLU E 193 37.23 12.44 -8.09
N ASP E 194 37.77 13.52 -8.61
CA ASP E 194 37.01 14.74 -8.75
C ASP E 194 37.37 15.41 -10.07
N VAL E 195 36.48 16.27 -10.53
CA VAL E 195 36.80 17.18 -11.61
C VAL E 195 37.01 18.57 -11.05
N GLU E 196 38.10 19.15 -11.50
CA GLU E 196 38.46 20.51 -11.19
C GLU E 196 38.19 21.33 -12.47
N VAL E 197 37.28 22.31 -12.34
CA VAL E 197 36.92 23.19 -13.44
C VAL E 197 37.50 24.57 -13.14
N SER E 198 38.36 25.06 -14.02
CA SER E 198 38.98 26.36 -13.83
C SER E 198 38.29 27.40 -14.69
N LEU E 199 37.69 28.36 -14.03
CA LEU E 199 36.99 29.44 -14.70
C LEU E 199 37.85 30.71 -14.67
N ASN E 200 38.39 31.09 -15.83
CA ASN E 200 39.17 32.33 -15.95
C ASN E 200 38.23 33.43 -16.45
N PHE E 201 37.96 34.41 -15.60
CA PHE E 201 37.00 35.46 -15.94
C PHE E 201 37.46 36.83 -15.44
N ARG E 202 36.83 37.89 -15.95
CA ARG E 202 37.15 39.24 -15.48
C ARG E 202 35.93 40.15 -15.58
N LYS E 203 35.99 41.25 -14.85
CA LYS E 203 34.97 42.27 -14.96
C LYS E 203 35.13 42.98 -16.32
N LYS E 204 34.05 43.11 -17.06
CA LYS E 204 34.10 43.88 -18.30
C LYS E 204 34.58 45.31 -18.02
N GLY E 205 35.51 45.81 -18.82
CA GLY E 205 36.09 47.10 -18.52
C GLY E 205 36.73 47.88 -19.66
N ARG E 206 36.26 47.64 -20.89
CA ARG E 206 36.75 48.42 -22.04
C ARG E 206 35.78 49.50 -22.48
N LEU F 1 -25.24 12.55 -2.37
CA LEU F 1 -24.55 11.27 -2.42
C LEU F 1 -25.12 10.36 -3.49
N ASP F 2 -24.27 9.81 -4.34
CA ASP F 2 -24.70 8.74 -5.22
C ASP F 2 -24.24 7.39 -4.65
N ARG F 3 -24.61 6.31 -5.31
CA ARG F 3 -24.24 4.98 -4.84
C ARG F 3 -22.72 4.81 -4.69
N ALA F 4 -21.97 5.31 -5.67
CA ALA F 4 -20.51 5.23 -5.60
C ALA F 4 -19.96 5.85 -4.31
N ASP F 5 -20.48 7.02 -3.92
CA ASP F 5 -20.03 7.68 -2.70
C ASP F 5 -20.40 6.90 -1.44
N ILE F 6 -21.65 6.44 -1.38
CA ILE F 6 -22.12 5.63 -0.26
C ILE F 6 -21.25 4.39 -0.08
N LEU F 7 -21.00 3.67 -1.15
CA LEU F 7 -20.22 2.43 -1.11
C LEU F 7 -18.74 2.70 -0.79
N TYR F 8 -18.21 3.81 -1.30
CA TYR F 8 -16.88 4.24 -0.91
C TYR F 8 -16.81 4.49 0.60
N ASN F 9 -17.74 5.27 1.12
CA ASN F 9 -17.77 5.56 2.55
C ASN F 9 -17.85 4.31 3.43
N ILE F 10 -18.72 3.38 3.05
CA ILE F 10 -18.89 2.14 3.78
C ILE F 10 -17.60 1.34 3.75
N ARG F 11 -17.04 1.16 2.56
CA ARG F 11 -15.78 0.44 2.41
C ARG F 11 -14.64 1.04 3.24
N GLN F 12 -14.56 2.37 3.28
CA GLN F 12 -13.49 3.02 4.05
C GLN F 12 -13.66 3.01 5.57
N THR F 13 -14.88 2.79 6.05
CA THR F 13 -15.17 3.06 7.46
C THR F 13 -16.08 2.09 8.22
N SER F 14 -16.59 1.03 7.58
CA SER F 14 -17.59 0.16 8.24
C SER F 14 -17.11 -0.69 9.43
N ARG F 15 -15.82 -0.95 9.51
CA ARG F 15 -15.23 -1.70 10.63
C ARG F 15 -15.79 -3.11 10.82
N PRO F 16 -15.58 -4.02 9.85
CA PRO F 16 -16.25 -5.32 9.78
C PRO F 16 -16.02 -6.21 11.01
N ASP F 17 -14.94 -5.95 11.73
CA ASP F 17 -14.61 -6.77 12.89
C ASP F 17 -15.25 -6.21 14.16
N VAL F 18 -15.93 -5.08 14.07
CA VAL F 18 -16.40 -4.42 15.27
C VAL F 18 -17.91 -4.53 15.43
N ILE F 19 -18.33 -5.27 16.45
CA ILE F 19 -19.76 -5.39 16.75
C ILE F 19 -20.32 -4.00 17.06
N PRO F 20 -21.41 -3.62 16.38
CA PRO F 20 -21.97 -2.26 16.51
C PRO F 20 -22.88 -2.09 17.70
N THR F 21 -22.32 -2.34 18.89
CA THR F 21 -22.98 -2.14 20.16
C THR F 21 -23.15 -0.64 20.44
N GLN F 22 -24.30 -0.26 20.99
CA GLN F 22 -24.54 1.14 21.38
C GLN F 22 -25.00 1.24 22.84
N ARG F 23 -24.35 2.11 23.60
CA ARG F 23 -24.69 2.34 25.01
C ARG F 23 -24.64 1.03 25.80
N ASP F 24 -23.62 0.23 25.51
CA ASP F 24 -23.46 -1.09 26.13
C ASP F 24 -24.76 -1.91 26.16
N ARG F 25 -25.59 -1.74 25.14
CA ARG F 25 -26.75 -2.58 24.92
C ARG F 25 -26.47 -3.61 23.82
N PRO F 26 -27.20 -4.73 23.83
CA PRO F 26 -26.91 -5.76 22.81
C PRO F 26 -27.31 -5.31 21.41
N VAL F 27 -26.62 -5.80 20.39
CA VAL F 27 -27.15 -5.71 19.03
C VAL F 27 -28.34 -6.66 18.88
N ALA F 28 -29.52 -6.12 18.55
CA ALA F 28 -30.70 -6.95 18.33
C ALA F 28 -30.68 -7.57 16.93
N VAL F 29 -30.54 -8.89 16.87
CA VAL F 29 -30.50 -9.58 15.60
C VAL F 29 -31.79 -10.39 15.41
N SER F 30 -32.48 -10.12 14.30
CA SER F 30 -33.65 -10.91 13.93
C SER F 30 -33.23 -12.01 12.98
N VAL F 31 -33.76 -13.21 13.21
CA VAL F 31 -33.46 -14.37 12.37
C VAL F 31 -34.73 -15.17 12.18
N SER F 32 -35.07 -15.46 10.92
CA SER F 32 -36.14 -16.37 10.60
C SER F 32 -35.71 -17.21 9.39
N LEU F 33 -36.09 -18.48 9.38
CA LEU F 33 -35.75 -19.36 8.26
C LEU F 33 -36.98 -19.57 7.38
N LYS F 34 -36.83 -19.40 6.08
CA LYS F 34 -37.91 -19.71 5.14
C LYS F 34 -37.45 -20.93 4.36
N PHE F 35 -38.15 -22.05 4.55
CA PHE F 35 -37.70 -23.29 3.94
C PHE F 35 -38.04 -23.33 2.46
N ILE F 36 -37.06 -23.67 1.65
CA ILE F 36 -37.21 -23.74 0.22
C ILE F 36 -37.32 -25.19 -0.23
N ASN F 37 -36.60 -26.09 0.44
CA ASN F 37 -36.59 -27.48 0.02
C ASN F 37 -36.05 -28.40 1.08
N ILE F 38 -36.54 -29.63 1.06
CA ILE F 38 -35.99 -30.72 1.85
C ILE F 38 -35.56 -31.79 0.85
N LEU F 39 -34.27 -32.07 0.81
CA LEU F 39 -33.68 -32.81 -0.30
C LEU F 39 -33.43 -34.26 0.05
N GLU F 40 -33.02 -34.49 1.28
CA GLU F 40 -32.69 -35.83 1.72
C GLU F 40 -32.97 -35.98 3.20
N VAL F 41 -33.52 -37.14 3.55
CA VAL F 41 -33.90 -37.42 4.92
C VAL F 41 -33.48 -38.84 5.18
N ASN F 42 -32.85 -39.07 6.32
CA ASN F 42 -32.45 -40.43 6.67
C ASN F 42 -32.96 -40.77 8.07
N GLU F 43 -33.97 -41.63 8.16
CA GLU F 43 -34.64 -41.90 9.43
C GLU F 43 -33.80 -42.79 10.33
N ILE F 44 -32.86 -43.52 9.73
CA ILE F 44 -31.95 -44.38 10.48
C ILE F 44 -30.79 -43.58 11.08
N THR F 45 -30.23 -42.62 10.34
CA THR F 45 -29.15 -41.78 10.88
C THR F 45 -29.62 -40.49 11.56
N ASN F 46 -30.90 -40.17 11.43
CA ASN F 46 -31.41 -38.89 11.95
C ASN F 46 -30.68 -37.68 11.36
N GLU F 47 -30.59 -37.65 10.03
CA GLU F 47 -29.96 -36.55 9.32
C GLU F 47 -30.89 -36.04 8.24
N VAL F 48 -30.86 -34.73 8.03
CA VAL F 48 -31.65 -34.09 6.99
C VAL F 48 -30.79 -33.09 6.23
N ASP F 49 -31.10 -32.95 4.95
CA ASP F 49 -30.43 -32.04 4.05
C ASP F 49 -31.50 -31.03 3.61
N VAL F 50 -31.37 -29.77 4.02
CA VAL F 50 -32.39 -28.78 3.63
C VAL F 50 -31.84 -27.51 2.97
N VAL F 51 -32.68 -26.86 2.17
CA VAL F 51 -32.36 -25.55 1.61
C VAL F 51 -33.30 -24.50 2.21
N PHE F 52 -32.72 -23.43 2.79
CA PHE F 52 -33.53 -22.38 3.39
C PHE F 52 -32.99 -20.98 3.11
N TRP F 53 -33.89 -20.00 3.06
CA TRP F 53 -33.56 -18.56 3.03
C TRP F 53 -33.25 -18.21 4.47
N GLN F 54 -32.05 -17.76 4.80
CA GLN F 54 -31.75 -17.36 6.16
C GLN F 54 -31.83 -15.86 6.30
N GLN F 55 -33.01 -15.38 6.65
CA GLN F 55 -33.33 -13.96 6.66
C GLN F 55 -32.84 -13.32 7.97
N THR F 56 -31.82 -12.47 7.86
CA THR F 56 -31.11 -11.95 9.01
C THR F 56 -31.11 -10.42 8.99
N THR F 57 -31.41 -9.81 10.13
CA THR F 57 -31.62 -8.37 10.21
C THR F 57 -30.96 -7.81 11.46
N TRP F 58 -30.27 -6.69 11.30
CA TRP F 58 -29.73 -5.97 12.45
C TRP F 58 -29.45 -4.51 12.10
N SER F 59 -29.15 -3.72 13.09
CA SER F 59 -28.84 -2.31 12.88
C SER F 59 -27.35 -2.01 13.10
N ASP F 60 -26.74 -1.28 12.18
CA ASP F 60 -25.37 -0.78 12.35
C ASP F 60 -25.30 0.72 11.99
N ARG F 61 -25.41 1.58 12.99
CA ARG F 61 -25.49 3.03 12.78
C ARG F 61 -24.27 3.64 12.10
N THR F 62 -23.12 2.97 12.20
CA THR F 62 -21.91 3.47 11.56
C THR F 62 -22.03 3.45 10.03
N LEU F 63 -23.05 2.76 9.52
CA LEU F 63 -23.28 2.66 8.08
C LEU F 63 -24.22 3.75 7.58
N ALA F 64 -24.91 4.41 8.51
CA ALA F 64 -25.96 5.36 8.15
C ALA F 64 -25.46 6.53 7.32
N TRP F 65 -26.33 7.06 6.46
CA TRP F 65 -26.02 8.25 5.70
C TRP F 65 -27.27 9.11 5.55
N ASN F 66 -27.08 10.41 5.28
CA ASN F 66 -28.18 11.33 5.00
C ASN F 66 -28.73 11.02 3.61
N SER F 67 -29.98 10.57 3.54
CA SER F 67 -30.55 10.17 2.25
C SER F 67 -31.58 11.16 1.72
N SER F 68 -31.53 12.40 2.19
CA SER F 68 -32.51 13.40 1.78
C SER F 68 -32.61 13.55 0.26
N HIS F 69 -31.46 13.57 -0.41
CA HIS F 69 -31.46 13.64 -1.87
C HIS F 69 -30.55 12.55 -2.44
N SER F 70 -30.69 11.35 -1.89
CA SER F 70 -29.80 10.27 -2.22
C SER F 70 -30.57 8.97 -2.19
N PRO F 71 -30.01 7.92 -2.83
CA PRO F 71 -30.55 6.56 -2.72
C PRO F 71 -30.69 6.20 -1.25
N ASP F 72 -31.79 5.59 -0.85
CA ASP F 72 -31.94 5.21 0.56
C ASP F 72 -31.55 3.74 0.83
N GLN F 73 -31.13 3.02 -0.21
CA GLN F 73 -30.61 1.66 -0.05
C GLN F 73 -29.51 1.31 -1.05
N VAL F 74 -28.53 0.52 -0.60
CA VAL F 74 -27.53 -0.06 -1.49
C VAL F 74 -27.28 -1.54 -1.15
N SER F 75 -26.81 -2.30 -2.13
CA SER F 75 -26.33 -3.66 -1.89
C SER F 75 -24.83 -3.62 -1.61
N VAL F 76 -24.37 -4.39 -0.62
CA VAL F 76 -23.01 -4.35 -0.14
C VAL F 76 -22.49 -5.76 0.13
N PRO F 77 -21.26 -6.06 -0.34
CA PRO F 77 -20.67 -7.38 -0.02
C PRO F 77 -20.53 -7.52 1.49
N ILE F 78 -20.90 -8.68 2.06
CA ILE F 78 -20.82 -8.84 3.51
C ILE F 78 -19.37 -8.80 4.00
N SER F 79 -18.41 -8.97 3.10
CA SER F 79 -17.02 -8.88 3.49
C SER F 79 -16.66 -7.46 3.92
N SER F 80 -17.45 -6.48 3.49
CA SER F 80 -17.26 -5.08 3.90
C SER F 80 -18.10 -4.67 5.10
N LEU F 81 -18.77 -5.62 5.74
CA LEU F 81 -19.68 -5.31 6.84
C LEU F 81 -19.42 -6.20 8.02
N TRP F 82 -19.70 -5.69 9.22
CA TRP F 82 -19.81 -6.58 10.35
C TRP F 82 -21.07 -7.40 10.15
N VAL F 83 -20.96 -8.69 10.43
CA VAL F 83 -22.09 -9.59 10.34
C VAL F 83 -22.08 -10.38 11.64
N PRO F 84 -23.26 -10.72 12.17
CA PRO F 84 -23.31 -11.56 13.37
C PRO F 84 -22.74 -12.96 13.11
N ASP F 85 -22.06 -13.51 14.11
CA ASP F 85 -21.36 -14.79 13.97
C ASP F 85 -22.30 -15.96 14.30
N LEU F 86 -23.40 -16.05 13.58
CA LEU F 86 -24.40 -17.10 13.84
C LEU F 86 -23.94 -18.48 13.38
N ALA F 87 -24.38 -19.50 14.12
CA ALA F 87 -24.15 -20.88 13.71
C ALA F 87 -25.31 -21.73 14.16
N ALA F 88 -25.58 -22.77 13.37
CA ALA F 88 -26.52 -23.80 13.77
C ALA F 88 -25.78 -24.81 14.64
N TYR F 89 -26.24 -25.00 15.87
CA TYR F 89 -25.57 -25.90 16.79
C TYR F 89 -25.59 -27.37 16.36
N ASN F 90 -26.63 -27.79 15.64
CA ASN F 90 -26.76 -29.20 15.26
C ASN F 90 -26.50 -29.46 13.78
N ALA F 91 -25.84 -28.49 13.13
CA ALA F 91 -25.37 -28.65 11.77
C ALA F 91 -24.22 -29.66 11.76
N ILE F 92 -24.15 -30.48 10.73
CA ILE F 92 -23.07 -31.44 10.59
C ILE F 92 -22.33 -31.24 9.27
N SER F 93 -22.63 -30.17 8.58
CA SER F 93 -21.83 -29.73 7.43
C SER F 93 -21.75 -28.22 7.53
N LYS F 94 -20.74 -27.61 6.92
CA LYS F 94 -20.72 -26.15 6.91
C LYS F 94 -21.77 -25.61 5.96
N PRO F 95 -22.22 -24.38 6.21
CA PRO F 95 -23.29 -23.84 5.36
C PRO F 95 -22.80 -23.72 3.94
N GLU F 96 -23.56 -24.24 2.99
CA GLU F 96 -23.25 -24.01 1.59
C GLU F 96 -24.11 -22.84 1.10
N VAL F 97 -23.49 -21.67 0.94
CA VAL F 97 -24.21 -20.48 0.54
C VAL F 97 -24.42 -20.51 -0.97
N LEU F 98 -25.67 -20.57 -1.40
CA LEU F 98 -26.01 -20.73 -2.81
C LEU F 98 -26.09 -19.42 -3.60
N THR F 99 -26.19 -18.30 -2.91
CA THR F 99 -26.47 -17.02 -3.54
C THR F 99 -25.33 -16.00 -3.38
N PRO F 100 -25.35 -14.92 -4.17
CA PRO F 100 -24.36 -13.86 -4.03
C PRO F 100 -24.35 -13.32 -2.62
N GLN F 101 -23.15 -13.15 -2.05
CA GLN F 101 -23.05 -12.80 -0.63
C GLN F 101 -23.12 -11.30 -0.35
N LEU F 102 -24.28 -10.74 -0.69
CA LEU F 102 -24.53 -9.32 -0.60
C LEU F 102 -25.64 -9.08 0.39
N ALA F 103 -25.47 -8.05 1.22
CA ALA F 103 -26.51 -7.59 2.13
C ALA F 103 -27.10 -6.29 1.61
N ARG F 104 -28.34 -6.01 1.98
CA ARG F 104 -28.98 -4.76 1.65
C ARG F 104 -28.84 -3.84 2.87
N VAL F 105 -28.31 -2.63 2.64
CA VAL F 105 -28.11 -1.64 3.71
C VAL F 105 -28.98 -0.40 3.47
N VAL F 106 -29.80 -0.07 4.46
CA VAL F 106 -30.69 1.08 4.40
C VAL F 106 -30.00 2.31 5.03
N SER F 107 -30.38 3.50 4.61
CA SER F 107 -29.66 4.72 5.00
C SER F 107 -29.66 5.01 6.49
N ASP F 108 -30.60 4.41 7.24
CA ASP F 108 -30.62 4.59 8.69
C ASP F 108 -29.71 3.58 9.40
N GLY F 109 -29.04 2.74 8.62
CA GLY F 109 -28.13 1.77 9.21
C GLY F 109 -28.70 0.35 9.34
N GLU F 110 -29.95 0.16 8.95
CA GLU F 110 -30.55 -1.17 8.92
C GLU F 110 -29.83 -2.07 7.89
N VAL F 111 -29.41 -3.26 8.31
CA VAL F 111 -28.78 -4.21 7.40
C VAL F 111 -29.68 -5.44 7.24
N LEU F 112 -29.89 -5.86 5.99
CA LEU F 112 -30.69 -7.05 5.73
C LEU F 112 -29.92 -8.04 4.86
N TYR F 113 -29.59 -9.19 5.44
CA TYR F 113 -28.81 -10.21 4.77
C TYR F 113 -29.66 -11.46 4.68
N MET F 114 -29.89 -11.94 3.46
CA MET F 114 -30.78 -13.10 3.26
CA MET F 114 -30.78 -13.07 3.25
C MET F 114 -30.29 -14.06 2.19
N PRO F 115 -29.25 -14.84 2.52
CA PRO F 115 -28.73 -15.84 1.58
C PRO F 115 -29.60 -17.09 1.53
N SER F 116 -29.58 -17.77 0.39
CA SER F 116 -30.12 -19.13 0.31
C SER F 116 -29.02 -20.12 0.68
N ILE F 117 -29.33 -21.01 1.62
CA ILE F 117 -28.32 -21.90 2.16
C ILE F 117 -28.75 -23.36 2.08
N ARG F 118 -27.83 -24.22 1.67
CA ARG F 118 -28.06 -25.66 1.77
C ARG F 118 -27.18 -26.20 2.89
N GLN F 119 -27.77 -26.96 3.81
CA GLN F 119 -27.00 -27.47 4.95
C GLN F 119 -27.59 -28.76 5.51
N ARG F 120 -26.72 -29.57 6.11
CA ARG F 120 -27.10 -30.84 6.70
C ARG F 120 -27.13 -30.73 8.21
N PHE F 121 -28.12 -31.36 8.82
CA PHE F 121 -28.34 -31.27 10.25
C PHE F 121 -28.59 -32.65 10.90
N SER F 122 -28.18 -32.75 12.16
CA SER F 122 -28.57 -33.85 13.01
C SER F 122 -29.82 -33.47 13.78
N CYS F 123 -30.90 -34.23 13.61
CA CYS F 123 -32.13 -33.96 14.31
C CYS F 123 -33.12 -35.13 14.24
N ASP F 124 -34.26 -34.99 14.92
CA ASP F 124 -35.22 -36.07 15.04
C ASP F 124 -36.00 -36.30 13.75
N VAL F 125 -35.67 -37.37 13.06
CA VAL F 125 -36.35 -37.66 11.80
C VAL F 125 -37.49 -38.68 11.97
N SER F 126 -37.65 -39.21 13.17
CA SER F 126 -38.69 -40.21 13.39
C SER F 126 -40.08 -39.67 13.05
N GLY F 127 -40.90 -40.52 12.43
CA GLY F 127 -42.26 -40.18 12.09
C GLY F 127 -42.39 -39.49 10.74
N VAL F 128 -41.29 -39.37 10.02
CA VAL F 128 -41.32 -38.64 8.75
C VAL F 128 -42.33 -39.24 7.75
N ASP F 129 -42.64 -40.51 7.91
CA ASP F 129 -43.56 -41.16 6.99
C ASP F 129 -44.94 -41.42 7.60
N THR F 130 -45.33 -40.60 8.56
CA THR F 130 -46.63 -40.71 9.22
C THR F 130 -47.46 -39.43 9.03
N GLU F 131 -48.68 -39.42 9.56
CA GLU F 131 -49.56 -38.26 9.43
C GLU F 131 -49.05 -37.04 10.21
N SER F 132 -48.63 -37.28 11.46
CA SER F 132 -48.20 -36.21 12.32
C SER F 132 -46.85 -35.67 11.84
N GLY F 133 -46.13 -36.48 11.06
CA GLY F 133 -44.84 -36.11 10.52
C GLY F 133 -43.72 -36.06 11.56
N ALA F 134 -42.53 -35.68 11.10
CA ALA F 134 -41.38 -35.51 11.99
C ALA F 134 -41.27 -34.06 12.39
N THR F 135 -40.65 -33.81 13.53
CA THR F 135 -40.30 -32.45 13.91
C THR F 135 -38.80 -32.30 14.14
N CYS F 136 -38.14 -31.61 13.22
CA CYS F 136 -36.72 -31.36 13.29
C CYS F 136 -36.48 -29.97 13.83
N ARG F 137 -35.69 -29.87 14.90
CA ARG F 137 -35.41 -28.57 15.49
C ARG F 137 -34.03 -28.07 15.08
N ILE F 138 -33.92 -26.79 14.77
CA ILE F 138 -32.65 -26.22 14.35
C ILE F 138 -32.30 -25.03 15.21
N LYS F 139 -31.27 -25.19 16.02
CA LYS F 139 -30.90 -24.16 16.97
C LYS F 139 -29.79 -23.27 16.37
N ILE F 140 -30.07 -21.97 16.32
CA ILE F 140 -29.16 -20.98 15.75
C ILE F 140 -28.92 -19.85 16.75
N GLY F 141 -27.65 -19.54 17.00
CA GLY F 141 -27.29 -18.39 17.82
C GLY F 141 -25.86 -17.93 17.59
N SER F 142 -25.51 -16.84 18.25
CA SER F 142 -24.16 -16.31 18.18
C SER F 142 -23.18 -17.30 18.78
N TRP F 143 -22.09 -17.58 18.06
CA TRP F 143 -21.12 -18.54 18.57
C TRP F 143 -20.31 -17.96 19.73
N THR F 144 -19.93 -16.69 19.67
CA THR F 144 -18.99 -16.16 20.67
C THR F 144 -19.47 -14.94 21.46
N HIS F 145 -20.64 -14.42 21.12
CA HIS F 145 -21.17 -13.23 21.80
C HIS F 145 -22.32 -13.58 22.73
N HIS F 146 -22.15 -13.26 24.02
CA HIS F 146 -23.22 -13.53 24.99
C HIS F 146 -24.42 -12.58 24.88
N SER F 147 -25.40 -12.75 25.75
CA SER F 147 -26.67 -12.04 25.61
C SER F 147 -26.57 -10.52 25.82
N ARG F 148 -25.50 -10.04 26.45
CA ARG F 148 -25.35 -8.60 26.63
C ARG F 148 -24.70 -7.97 25.39
N GLU F 149 -24.30 -8.80 24.44
CA GLU F 149 -23.65 -8.32 23.23
C GLU F 149 -24.49 -8.59 21.98
N ILE F 150 -25.06 -9.78 21.88
CA ILE F 150 -26.00 -10.09 20.81
C ILE F 150 -27.25 -10.76 21.36
N SER F 151 -28.41 -10.23 21.02
CA SER F 151 -29.66 -10.93 21.31
C SER F 151 -30.24 -11.42 19.99
N VAL F 152 -30.85 -12.59 20.00
CA VAL F 152 -31.44 -13.13 18.79
C VAL F 152 -32.92 -13.29 19.00
N ASP F 153 -33.72 -12.89 18.02
CA ASP F 153 -35.17 -12.95 18.16
C ASP F 153 -35.79 -13.41 16.85
N PRO F 154 -36.85 -14.24 16.94
CA PRO F 154 -37.58 -14.72 15.76
C PRO F 154 -38.30 -13.58 15.03
N THR F 155 -39.27 -13.93 14.20
CA THR F 155 -39.98 -12.94 13.40
C THR F 155 -41.33 -13.51 12.89
N THR F 156 -42.30 -12.63 12.67
CA THR F 156 -43.64 -13.05 12.29
C THR F 156 -43.70 -13.69 10.89
N ASP F 160 -47.80 -18.01 4.77
CA ASP F 160 -47.76 -19.47 4.88
C ASP F 160 -46.32 -19.95 5.04
N ASP F 161 -46.18 -21.06 5.76
CA ASP F 161 -44.87 -21.70 5.95
C ASP F 161 -44.32 -22.27 4.62
N SER F 162 -45.21 -22.50 3.66
CA SER F 162 -44.83 -23.06 2.36
C SER F 162 -44.82 -22.04 1.22
N GLU F 163 -44.80 -20.77 1.57
CA GLU F 163 -44.83 -19.71 0.56
C GLU F 163 -43.77 -19.95 -0.52
N TYR F 164 -42.56 -20.22 -0.07
CA TYR F 164 -41.43 -20.38 -0.97
C TYR F 164 -41.01 -21.84 -1.10
N PHE F 165 -41.72 -22.74 -0.44
CA PHE F 165 -41.34 -24.15 -0.45
C PHE F 165 -41.60 -24.78 -1.82
N SER F 166 -40.62 -25.53 -2.33
CA SER F 166 -40.73 -26.16 -3.64
C SER F 166 -41.85 -27.19 -3.70
N GLN F 167 -42.71 -27.07 -4.72
CA GLN F 167 -43.77 -28.04 -4.96
C GLN F 167 -43.22 -29.38 -5.46
N TYR F 168 -41.93 -29.41 -5.77
CA TYR F 168 -41.32 -30.60 -6.37
C TYR F 168 -40.52 -31.46 -5.37
N SER F 169 -40.43 -31.00 -4.12
CA SER F 169 -39.85 -31.79 -3.06
C SER F 169 -40.64 -33.11 -2.85
N ARG F 170 -39.97 -34.17 -2.38
CA ARG F 170 -40.68 -35.39 -1.98
C ARG F 170 -41.40 -35.17 -0.66
N PHE F 171 -41.14 -34.03 -0.04
CA PHE F 171 -41.71 -33.74 1.26
C PHE F 171 -42.63 -32.53 1.23
N GLU F 172 -43.46 -32.42 2.26
CA GLU F 172 -44.31 -31.25 2.43
C GLU F 172 -44.20 -30.74 3.86
N ILE F 173 -44.36 -29.43 4.03
CA ILE F 173 -44.27 -28.81 5.34
C ILE F 173 -45.66 -28.73 6.00
N LEU F 174 -45.76 -29.25 7.21
CA LEU F 174 -47.01 -29.19 7.95
C LEU F 174 -47.08 -27.94 8.79
N ASP F 175 -45.92 -27.50 9.29
CA ASP F 175 -45.85 -26.35 10.19
C ASP F 175 -44.39 -25.95 10.51
N VAL F 176 -44.17 -24.65 10.69
CA VAL F 176 -42.90 -24.13 11.16
C VAL F 176 -43.13 -23.20 12.34
N THR F 177 -42.51 -23.50 13.48
CA THR F 177 -42.60 -22.60 14.63
C THR F 177 -41.22 -22.21 15.12
N GLN F 178 -41.17 -21.09 15.84
CA GLN F 178 -39.91 -20.54 16.30
C GLN F 178 -40.02 -20.14 17.78
N LYS F 179 -39.02 -20.54 18.54
CA LYS F 179 -38.98 -20.32 19.98
C LYS F 179 -37.64 -19.67 20.33
N LYS F 180 -37.62 -18.81 21.36
CA LYS F 180 -36.38 -18.18 21.75
C LYS F 180 -35.86 -18.81 23.03
N ASN F 181 -34.55 -18.94 23.14
CA ASN F 181 -33.91 -19.59 24.28
C ASN F 181 -32.67 -18.88 24.80
N SER F 182 -32.49 -18.90 26.12
CA SER F 182 -31.31 -18.34 26.77
C SER F 182 -30.56 -19.46 27.50
N VAL F 183 -29.32 -19.73 27.11
CA VAL F 183 -28.62 -20.92 27.61
C VAL F 183 -27.25 -20.62 28.21
N THR F 184 -26.97 -21.22 29.37
CA THR F 184 -25.64 -21.15 29.98
C THR F 184 -24.85 -22.46 29.74
N TYR F 185 -23.64 -22.35 29.20
CA TYR F 185 -22.81 -23.52 28.93
C TYR F 185 -21.72 -23.65 29.98
N SER F 186 -21.29 -24.89 30.25
CA SER F 186 -20.25 -25.17 31.24
C SER F 186 -18.98 -24.32 31.03
N CYS F 187 -18.60 -24.16 29.76
CA CYS F 187 -17.39 -23.44 29.40
C CYS F 187 -17.36 -21.95 29.80
N CYS F 188 -18.52 -21.37 30.04
CA CYS F 188 -18.64 -19.91 30.13
C CYS F 188 -19.74 -19.45 31.10
N PRO F 189 -19.51 -18.30 31.78
CA PRO F 189 -20.36 -17.82 32.88
C PRO F 189 -21.61 -17.04 32.49
N GLU F 190 -21.75 -16.64 31.23
CA GLU F 190 -22.87 -15.79 30.78
C GLU F 190 -23.95 -16.58 30.04
N ALA F 191 -25.08 -15.92 29.74
CA ALA F 191 -26.14 -16.51 28.93
C ALA F 191 -25.95 -16.24 27.43
N TYR F 192 -26.27 -17.23 26.61
CA TYR F 192 -26.22 -17.09 25.17
C TYR F 192 -27.60 -17.35 24.58
N GLU F 193 -28.05 -16.47 23.71
CA GLU F 193 -29.39 -16.61 23.15
C GLU F 193 -29.35 -17.40 21.85
N ASP F 194 -30.40 -18.18 21.63
CA ASP F 194 -30.58 -18.85 20.35
C ASP F 194 -32.04 -18.82 19.95
N VAL F 195 -32.29 -19.01 18.66
CA VAL F 195 -33.61 -19.29 18.17
C VAL F 195 -33.67 -20.77 17.79
N GLU F 196 -34.69 -21.47 18.26
CA GLU F 196 -34.93 -22.84 17.86
C GLU F 196 -36.04 -22.91 16.82
N VAL F 197 -35.68 -23.35 15.61
CA VAL F 197 -36.67 -23.46 14.55
C VAL F 197 -37.13 -24.90 14.45
N SER F 198 -38.42 -25.14 14.68
CA SER F 198 -38.99 -26.49 14.59
C SER F 198 -39.70 -26.69 13.26
N LEU F 199 -39.16 -27.59 12.46
CA LEU F 199 -39.74 -27.93 11.17
C LEU F 199 -40.52 -29.24 11.26
N ASN F 200 -41.85 -29.14 11.15
CA ASN F 200 -42.74 -30.30 11.13
C ASN F 200 -43.04 -30.64 9.67
N PHE F 201 -42.56 -31.80 9.20
CA PHE F 201 -42.69 -32.17 7.81
C PHE F 201 -42.94 -33.66 7.64
N ARG F 202 -43.39 -34.06 6.45
CA ARG F 202 -43.58 -35.47 6.17
C ARG F 202 -43.36 -35.78 4.70
N LYS F 203 -43.12 -37.04 4.40
CA LYS F 203 -43.06 -37.50 3.03
C LYS F 203 -44.46 -37.43 2.41
N LYS F 204 -44.52 -36.90 1.18
CA LYS F 204 -45.77 -36.81 0.43
C LYS F 204 -46.40 -38.17 0.19
N GLY F 205 -47.72 -38.20 0.02
CA GLY F 205 -48.43 -39.45 -0.16
C GLY F 205 -48.34 -39.95 -1.59
N LEU G 1 -11.03 3.05 26.52
CA LEU G 1 -11.06 2.24 25.31
C LEU G 1 -12.44 1.64 25.08
N ASP G 2 -12.96 1.80 23.86
CA ASP G 2 -14.12 1.04 23.46
C ASP G 2 -13.68 -0.17 22.60
N ARG G 3 -14.64 -1.00 22.21
CA ARG G 3 -14.32 -2.19 21.42
C ARG G 3 -13.60 -1.84 20.11
N ALA G 4 -14.03 -0.77 19.46
CA ALA G 4 -13.41 -0.33 18.22
C ALA G 4 -11.92 -0.04 18.39
N ASP G 5 -11.55 0.62 19.49
CA ASP G 5 -10.13 0.91 19.78
C ASP G 5 -9.34 -0.37 20.08
N ILE G 6 -9.91 -1.23 20.91
CA ILE G 6 -9.28 -2.49 21.25
C ILE G 6 -8.99 -3.31 20.00
N LEU G 7 -10.00 -3.51 19.16
CA LEU G 7 -9.85 -4.26 17.91
C LEU G 7 -8.90 -3.59 16.91
N TYR G 8 -8.91 -2.25 16.87
CA TYR G 8 -7.96 -1.52 16.05
C TYR G 8 -6.52 -1.82 16.51
N ASN G 9 -6.30 -1.70 17.82
CA ASN G 9 -4.98 -1.99 18.39
C ASN G 9 -4.46 -3.39 18.12
N ILE G 10 -5.33 -4.39 18.30
CA ILE G 10 -4.99 -5.78 18.07
C ILE G 10 -4.67 -6.00 16.60
N ARG G 11 -5.53 -5.52 15.71
CA ARG G 11 -5.29 -5.63 14.27
C ARG G 11 -3.98 -4.97 13.81
N GLN G 12 -3.70 -3.77 14.31
CA GLN G 12 -2.51 -3.02 13.92
C GLN G 12 -1.20 -3.63 14.47
N THR G 13 -1.25 -4.16 15.69
CA THR G 13 -0.02 -4.62 16.33
C THR G 13 0.12 -6.14 16.40
N SER G 14 -0.86 -6.87 15.90
CA SER G 14 -0.81 -8.32 16.05
C SER G 14 0.18 -8.97 15.10
N ARG G 15 0.99 -9.85 15.66
CA ARG G 15 1.95 -10.61 14.90
C ARG G 15 1.50 -12.07 14.96
N PRO G 16 0.57 -12.43 14.08
CA PRO G 16 -0.02 -13.76 13.99
C PRO G 16 1.04 -14.85 13.80
N ASP G 17 2.19 -14.48 13.24
CA ASP G 17 3.24 -15.45 12.95
C ASP G 17 4.18 -15.64 14.13
N VAL G 18 3.98 -14.87 15.20
CA VAL G 18 4.93 -14.89 16.32
C VAL G 18 4.41 -15.62 17.55
N ILE G 19 5.00 -16.77 17.85
CA ILE G 19 4.62 -17.51 19.05
C ILE G 19 4.87 -16.63 20.29
N PRO G 20 3.86 -16.48 21.15
CA PRO G 20 3.97 -15.57 22.30
C PRO G 20 4.64 -16.19 23.53
N THR G 21 5.87 -16.69 23.41
CA THR G 21 6.53 -17.26 24.59
C THR G 21 6.99 -16.15 25.50
N GLN G 22 6.90 -16.40 26.80
CA GLN G 22 7.33 -15.41 27.79
C GLN G 22 8.60 -15.87 28.48
N ARG G 23 9.68 -15.12 28.28
CA ARG G 23 10.99 -15.35 28.91
C ARG G 23 11.48 -16.80 28.79
N ASP G 24 11.16 -17.43 27.66
CA ASP G 24 11.56 -18.80 27.35
C ASP G 24 10.93 -19.88 28.24
N ARG G 25 9.74 -19.61 28.74
CA ARG G 25 8.81 -20.66 29.15
C ARG G 25 8.02 -21.05 27.90
N PRO G 26 7.54 -22.30 27.85
CA PRO G 26 6.63 -22.70 26.78
C PRO G 26 5.33 -21.92 26.87
N VAL G 27 4.64 -21.74 25.74
CA VAL G 27 3.25 -21.32 25.78
C VAL G 27 2.40 -22.52 26.23
N ALA G 28 1.72 -22.37 27.36
CA ALA G 28 0.82 -23.40 27.88
C ALA G 28 -0.51 -23.38 27.12
N VAL G 29 -0.75 -24.44 26.37
CA VAL G 29 -1.98 -24.54 25.59
C VAL G 29 -2.91 -25.60 26.18
N SER G 30 -4.13 -25.22 26.51
CA SER G 30 -5.11 -26.17 26.99
C SER G 30 -5.96 -26.66 25.84
N VAL G 31 -6.23 -27.96 25.83
CA VAL G 31 -7.07 -28.57 24.81
C VAL G 31 -8.06 -29.54 25.44
N SER G 32 -9.27 -29.56 24.91
CA SER G 32 -10.31 -30.41 25.47
C SER G 32 -11.38 -30.59 24.42
N LEU G 33 -11.69 -31.84 24.09
CA LEU G 33 -12.73 -32.13 23.10
C LEU G 33 -14.09 -32.45 23.75
N LYS G 34 -15.13 -31.73 23.31
CA LYS G 34 -16.49 -32.04 23.73
C LYS G 34 -17.19 -32.63 22.53
N PHE G 35 -17.57 -33.90 22.61
CA PHE G 35 -18.16 -34.57 21.48
C PHE G 35 -19.62 -34.18 21.30
N ILE G 36 -19.95 -33.84 20.07
CA ILE G 36 -21.28 -33.40 19.70
C ILE G 36 -22.00 -34.50 18.94
N ASN G 37 -21.28 -35.22 18.11
CA ASN G 37 -21.90 -36.27 17.31
C ASN G 37 -20.90 -37.28 16.77
N ILE G 38 -21.39 -38.51 16.58
CA ILE G 38 -20.66 -39.54 15.85
C ILE G 38 -21.54 -39.91 14.68
N LEU G 39 -21.05 -39.61 13.47
CA LEU G 39 -21.87 -39.66 12.27
C LEU G 39 -21.74 -40.96 11.49
N GLU G 40 -20.54 -41.51 11.44
CA GLU G 40 -20.29 -42.69 10.66
C GLU G 40 -19.14 -43.45 11.26
N VAL G 41 -19.31 -44.76 11.31
CA VAL G 41 -18.34 -45.65 11.88
C VAL G 41 -18.19 -46.83 10.92
N ASN G 42 -16.97 -47.23 10.65
CA ASN G 42 -16.73 -48.38 9.79
C ASN G 42 -15.78 -49.32 10.50
N GLU G 43 -16.26 -50.48 10.94
CA GLU G 43 -15.43 -51.38 11.72
C GLU G 43 -14.49 -52.22 10.85
N ILE G 44 -14.82 -52.36 9.57
CA ILE G 44 -13.87 -53.00 8.65
C ILE G 44 -12.66 -52.10 8.37
N THR G 45 -12.89 -50.80 8.18
CA THR G 45 -11.79 -49.91 7.87
C THR G 45 -11.18 -49.22 9.09
N ASN G 46 -11.81 -49.33 10.25
CA ASN G 46 -11.33 -48.61 11.44
C ASN G 46 -11.28 -47.10 11.21
N GLU G 47 -12.40 -46.55 10.75
CA GLU G 47 -12.53 -45.12 10.52
C GLU G 47 -13.81 -44.62 11.18
N VAL G 48 -13.74 -43.40 11.69
CA VAL G 48 -14.89 -42.75 12.29
C VAL G 48 -15.00 -41.31 11.79
N ASP G 49 -16.23 -40.85 11.68
CA ASP G 49 -16.56 -39.50 11.27
C ASP G 49 -17.22 -38.84 12.49
N VAL G 50 -16.60 -37.81 13.05
CA VAL G 50 -17.16 -37.21 14.26
C VAL G 50 -17.21 -35.68 14.25
N VAL G 51 -18.06 -35.14 15.11
CA VAL G 51 -18.19 -33.70 15.30
C VAL G 51 -17.92 -33.40 16.76
N PHE G 52 -16.98 -32.49 17.03
CA PHE G 52 -16.66 -32.11 18.41
C PHE G 52 -16.41 -30.61 18.55
N TRP G 53 -16.63 -30.03 19.74
CA TRP G 53 -16.12 -28.66 20.00
C TRP G 53 -14.64 -28.84 20.34
N GLN G 54 -13.74 -28.14 19.66
CA GLN G 54 -12.33 -28.23 20.02
C GLN G 54 -11.89 -27.06 20.91
N GLN G 55 -12.14 -27.20 22.20
CA GLN G 55 -11.93 -26.12 23.15
C GLN G 55 -10.45 -25.87 23.40
N THR G 56 -9.96 -24.68 22.99
CA THR G 56 -8.52 -24.35 23.00
C THR G 56 -8.23 -23.02 23.71
N THR G 57 -7.23 -23.03 24.58
CA THR G 57 -6.98 -21.89 25.47
C THR G 57 -5.49 -21.66 25.58
N TRP G 58 -5.08 -20.39 25.52
CA TRP G 58 -3.71 -20.01 25.78
C TRP G 58 -3.63 -18.52 26.10
N SER G 59 -2.45 -18.09 26.53
CA SER G 59 -2.24 -16.71 26.91
C SER G 59 -1.31 -16.02 25.92
N ASP G 60 -1.68 -14.82 25.51
CA ASP G 60 -0.83 -13.98 24.67
C ASP G 60 -0.83 -12.53 25.21
N ARG G 61 0.17 -12.21 26.02
CA ARG G 61 0.21 -10.92 26.73
C ARG G 61 0.28 -9.70 25.81
N THR G 62 0.72 -9.89 24.57
CA THR G 62 0.80 -8.77 23.62
C THR G 62 -0.59 -8.28 23.22
N LEU G 63 -1.61 -9.06 23.56
CA LEU G 63 -3.00 -8.67 23.28
C LEU G 63 -3.63 -7.88 24.44
N ALA G 64 -3.02 -7.92 25.61
CA ALA G 64 -3.60 -7.36 26.83
C ALA G 64 -3.87 -5.86 26.72
N TRP G 65 -4.90 -5.40 27.42
CA TRP G 65 -5.20 -3.98 27.52
C TRP G 65 -5.71 -3.64 28.91
N ASN G 66 -5.59 -2.37 29.29
CA ASN G 66 -6.15 -1.88 30.55
C ASN G 66 -7.67 -1.83 30.45
N SER G 67 -8.36 -2.64 31.23
CA SER G 67 -9.82 -2.71 31.11
C SER G 67 -10.55 -2.04 32.28
N SER G 68 -9.86 -1.14 32.98
CA SER G 68 -10.45 -0.48 34.15
C SER G 68 -11.80 0.17 33.83
N HIS G 69 -11.88 0.87 32.71
CA HIS G 69 -13.13 1.48 32.28
C HIS G 69 -13.43 1.08 30.84
N SER G 70 -13.29 -0.20 30.55
CA SER G 70 -13.39 -0.70 29.20
C SER G 70 -13.97 -2.09 29.20
N PRO G 71 -14.46 -2.54 28.04
CA PRO G 71 -14.89 -3.93 27.87
C PRO G 71 -13.75 -4.85 28.25
N ASP G 72 -14.03 -5.91 29.00
CA ASP G 72 -12.94 -6.83 29.34
C ASP G 72 -12.79 -8.03 28.40
N GLN G 73 -13.64 -8.11 27.38
CA GLN G 73 -13.52 -9.14 26.36
C GLN G 73 -13.99 -8.64 25.00
N VAL G 74 -13.37 -9.16 23.95
CA VAL G 74 -13.83 -8.95 22.57
C VAL G 74 -13.68 -10.23 21.75
N SER G 75 -14.42 -10.31 20.66
CA SER G 75 -14.30 -11.40 19.70
C SER G 75 -13.42 -10.94 18.56
N VAL G 76 -12.48 -11.79 18.16
CA VAL G 76 -11.46 -11.44 17.19
C VAL G 76 -11.28 -12.58 16.18
N PRO G 77 -11.23 -12.25 14.89
CA PRO G 77 -10.94 -13.25 13.86
C PRO G 77 -9.57 -13.91 14.11
N ILE G 78 -9.47 -15.23 14.08
CA ILE G 78 -8.18 -15.89 14.34
C ILE G 78 -7.11 -15.53 13.31
N SER G 79 -7.53 -15.00 12.17
CA SER G 79 -6.55 -14.54 11.18
C SER G 79 -5.73 -13.34 11.70
N SER G 80 -6.25 -12.66 12.72
CA SER G 80 -5.54 -11.54 13.34
C SER G 80 -4.76 -11.94 14.58
N LEU G 81 -4.69 -13.24 14.88
CA LEU G 81 -4.08 -13.71 16.12
C LEU G 81 -3.09 -14.82 15.83
N TRP G 82 -2.08 -14.94 16.68
CA TRP G 82 -1.31 -16.17 16.66
C TRP G 82 -2.18 -17.26 17.24
N VAL G 83 -2.13 -18.42 16.61
CA VAL G 83 -2.88 -19.57 17.06
C VAL G 83 -1.94 -20.74 17.07
N PRO G 84 -2.06 -21.62 18.07
CA PRO G 84 -1.20 -22.81 18.11
C PRO G 84 -1.45 -23.72 16.90
N ASP G 85 -0.37 -24.32 16.40
CA ASP G 85 -0.43 -25.14 15.19
C ASP G 85 -0.78 -26.59 15.52
N LEU G 86 -1.94 -26.79 16.14
CA LEU G 86 -2.38 -28.13 16.54
C LEU G 86 -2.85 -28.97 15.38
N ALA G 87 -2.59 -30.27 15.46
CA ALA G 87 -3.10 -31.21 14.46
C ALA G 87 -3.39 -32.53 15.14
N ALA G 88 -4.40 -33.22 14.64
CA ALA G 88 -4.68 -34.59 15.08
C ALA G 88 -3.81 -35.54 14.25
N TYR G 89 -2.95 -36.31 14.92
CA TYR G 89 -2.00 -37.18 14.22
C TYR G 89 -2.68 -38.30 13.42
N ASN G 90 -3.84 -38.77 13.87
CA ASN G 90 -4.51 -39.85 13.18
C ASN G 90 -5.75 -39.41 12.38
N ALA G 91 -5.81 -38.11 12.09
CA ALA G 91 -6.83 -37.58 11.19
C ALA G 91 -6.55 -38.02 9.76
N ILE G 92 -7.60 -38.32 9.01
CA ILE G 92 -7.45 -38.70 7.61
C ILE G 92 -8.22 -37.80 6.68
N SER G 93 -8.77 -36.72 7.24
CA SER G 93 -9.31 -35.64 6.45
C SER G 93 -8.88 -34.34 7.11
N LYS G 94 -8.87 -33.23 6.39
CA LYS G 94 -8.56 -31.99 7.09
C LYS G 94 -9.77 -31.55 7.91
N PRO G 95 -9.53 -30.76 8.97
CA PRO G 95 -10.64 -30.36 9.84
C PRO G 95 -11.64 -29.54 9.04
N GLU G 96 -12.92 -29.88 9.14
CA GLU G 96 -13.96 -29.06 8.53
C GLU G 96 -14.52 -28.18 9.63
N VAL G 97 -14.14 -26.91 9.65
CA VAL G 97 -14.61 -26.00 10.69
C VAL G 97 -16.04 -25.56 10.37
N LEU G 98 -16.96 -25.84 11.28
CA LEU G 98 -18.38 -25.62 11.03
C LEU G 98 -18.87 -24.26 11.49
N THR G 99 -18.08 -23.58 12.31
CA THR G 99 -18.49 -22.34 12.96
C THR G 99 -17.65 -21.14 12.56
N PRO G 100 -18.14 -19.92 12.83
CA PRO G 100 -17.36 -18.70 12.57
C PRO G 100 -16.00 -18.76 13.26
N GLN G 101 -14.92 -18.47 12.53
CA GLN G 101 -13.57 -18.61 13.08
C GLN G 101 -13.14 -17.39 13.88
N LEU G 102 -13.81 -17.20 15.01
CA LEU G 102 -13.57 -16.10 15.93
C LEU G 102 -13.13 -16.65 17.27
N ALA G 103 -12.14 -16.01 17.88
CA ALA G 103 -11.73 -16.35 19.24
C ALA G 103 -12.18 -15.27 20.22
N ARG G 104 -12.30 -15.64 21.47
CA ARG G 104 -12.63 -14.67 22.51
C ARG G 104 -11.33 -14.28 23.20
N VAL G 105 -11.05 -12.98 23.26
CA VAL G 105 -9.84 -12.48 23.89
C VAL G 105 -10.18 -11.68 25.13
N VAL G 106 -9.58 -12.04 26.25
CA VAL G 106 -9.79 -11.36 27.53
C VAL G 106 -8.70 -10.30 27.71
N SER G 107 -8.97 -9.29 28.52
CA SER G 107 -8.08 -8.13 28.63
C SER G 107 -6.72 -8.45 29.23
N ASP G 108 -6.62 -9.58 29.93
CA ASP G 108 -5.33 -10.00 30.45
C ASP G 108 -4.49 -10.79 29.42
N GLY G 109 -5.01 -10.93 28.22
CA GLY G 109 -4.31 -11.65 27.16
C GLY G 109 -4.73 -13.10 26.97
N GLU G 110 -5.64 -13.60 27.80
CA GLU G 110 -6.10 -14.98 27.61
C GLU G 110 -6.96 -15.09 26.35
N VAL G 111 -6.64 -16.07 25.52
CA VAL G 111 -7.37 -16.30 24.29
C VAL G 111 -8.17 -17.59 24.42
N LEU G 112 -9.43 -17.56 24.00
CA LEU G 112 -10.27 -18.76 24.04
C LEU G 112 -10.88 -19.00 22.68
N TYR G 113 -10.48 -20.10 22.04
CA TYR G 113 -10.97 -20.44 20.72
C TYR G 113 -11.69 -21.78 20.82
N MET G 114 -12.97 -21.84 20.44
CA MET G 114 -13.71 -23.11 20.54
CA MET G 114 -13.74 -23.08 20.57
C MET G 114 -14.58 -23.39 19.33
N PRO G 115 -13.93 -23.79 18.22
CA PRO G 115 -14.70 -24.06 17.00
C PRO G 115 -15.37 -25.43 17.08
N SER G 116 -16.47 -25.58 16.36
CA SER G 116 -17.05 -26.89 16.14
C SER G 116 -16.43 -27.48 14.88
N ILE G 117 -15.96 -28.71 14.97
CA ILE G 117 -15.18 -29.33 13.92
C ILE G 117 -15.75 -30.69 13.52
N ARG G 118 -15.86 -30.91 12.21
CA ARG G 118 -16.12 -32.24 11.71
C ARG G 118 -14.85 -32.83 11.07
N GLN G 119 -14.46 -34.04 11.49
CA GLN G 119 -13.24 -34.64 10.99
C GLN G 119 -13.29 -36.16 11.01
N ARG G 120 -12.56 -36.77 10.08
CA ARG G 120 -12.43 -38.21 10.01
C ARG G 120 -11.09 -38.69 10.57
N PHE G 121 -11.15 -39.78 11.31
CA PHE G 121 -9.99 -40.33 11.98
C PHE G 121 -9.84 -41.84 11.73
N SER G 122 -8.59 -42.28 11.72
CA SER G 122 -8.25 -43.67 11.75
C SER G 122 -8.04 -44.07 13.21
N CYS G 123 -8.80 -45.04 13.67
CA CYS G 123 -8.66 -45.52 15.05
C CYS G 123 -9.40 -46.85 15.29
N ASP G 124 -9.28 -47.37 16.51
CA ASP G 124 -9.79 -48.69 16.82
C ASP G 124 -11.30 -48.70 16.97
N VAL G 125 -11.99 -49.23 15.97
CA VAL G 125 -13.44 -49.26 15.98
C VAL G 125 -13.99 -50.61 16.47
N SER G 126 -13.11 -51.57 16.73
CA SER G 126 -13.56 -52.89 17.14
C SER G 126 -14.36 -52.81 18.45
N GLY G 127 -15.43 -53.60 18.52
CA GLY G 127 -16.27 -53.66 19.71
C GLY G 127 -17.37 -52.61 19.75
N VAL G 128 -17.47 -51.80 18.70
CA VAL G 128 -18.47 -50.73 18.67
C VAL G 128 -19.91 -51.25 18.84
N ASP G 129 -20.16 -52.49 18.44
CA ASP G 129 -21.53 -53.04 18.51
C ASP G 129 -21.67 -54.03 19.66
N THR G 130 -20.90 -53.80 20.73
CA THR G 130 -20.94 -54.67 21.90
C THR G 130 -21.22 -53.89 23.16
N GLU G 131 -21.44 -54.62 24.25
CA GLU G 131 -21.73 -54.03 25.57
C GLU G 131 -20.70 -53.01 26.01
N SER G 132 -19.42 -53.34 25.84
CA SER G 132 -18.35 -52.49 26.34
C SER G 132 -17.91 -51.46 25.28
N GLY G 133 -18.41 -51.62 24.07
CA GLY G 133 -18.21 -50.62 23.04
C GLY G 133 -16.78 -50.58 22.54
N ALA G 134 -16.54 -49.65 21.61
CA ALA G 134 -15.20 -49.44 21.08
C ALA G 134 -14.53 -48.29 21.83
N THR G 135 -13.20 -48.27 21.79
CA THR G 135 -12.44 -47.13 22.31
C THR G 135 -11.54 -46.55 21.22
N CYS G 136 -11.91 -45.38 20.73
CA CYS G 136 -11.15 -44.67 19.73
C CYS G 136 -10.28 -43.59 20.39
N ARG G 137 -8.98 -43.61 20.09
CA ARG G 137 -8.02 -42.63 20.63
C ARG G 137 -7.63 -41.56 19.59
N ILE G 138 -7.83 -40.30 19.95
CA ILE G 138 -7.42 -39.17 19.10
C ILE G 138 -6.25 -38.42 19.72
N LYS G 139 -5.17 -38.33 18.95
CA LYS G 139 -3.93 -37.68 19.40
C LYS G 139 -3.78 -36.28 18.80
N ILE G 140 -3.71 -35.27 19.67
CA ILE G 140 -3.56 -33.89 19.24
C ILE G 140 -2.36 -33.19 19.88
N GLY G 141 -1.50 -32.60 19.05
CA GLY G 141 -0.41 -31.77 19.56
C GLY G 141 0.13 -30.79 18.54
N SER G 142 1.08 -29.97 18.98
CA SER G 142 1.70 -29.00 18.09
C SER G 142 2.47 -29.72 16.99
N TRP G 143 2.26 -29.31 15.75
CA TRP G 143 2.95 -29.96 14.66
C TRP G 143 4.47 -29.65 14.65
N THR G 144 4.84 -28.39 14.87
CA THR G 144 6.22 -27.95 14.70
C THR G 144 6.91 -27.37 15.93
N HIS G 145 6.17 -27.20 17.03
CA HIS G 145 6.77 -26.66 18.26
C HIS G 145 7.03 -27.74 19.33
N HIS G 146 8.29 -27.92 19.70
CA HIS G 146 8.64 -28.85 20.77
C HIS G 146 8.21 -28.35 22.17
N SER G 147 8.49 -29.16 23.18
CA SER G 147 7.99 -28.92 24.53
C SER G 147 8.51 -27.64 25.21
N ARG G 148 9.62 -27.09 24.73
CA ARG G 148 10.12 -25.84 25.32
C ARG G 148 9.43 -24.62 24.70
N GLU G 149 8.61 -24.86 23.68
CA GLU G 149 7.90 -23.79 22.99
C GLU G 149 6.39 -23.85 23.21
N ILE G 150 5.82 -25.05 23.12
CA ILE G 150 4.41 -25.25 23.42
C ILE G 150 4.25 -26.47 24.33
N SER G 151 3.57 -26.29 25.45
CA SER G 151 3.16 -27.43 26.26
C SER G 151 1.64 -27.56 26.15
N VAL G 152 1.15 -28.78 26.12
CA VAL G 152 -0.29 -29.00 26.01
C VAL G 152 -0.75 -29.73 27.26
N ASP G 153 -1.87 -29.29 27.83
CA ASP G 153 -2.45 -30.01 28.95
C ASP G 153 -3.95 -30.22 28.78
N PRO G 154 -4.46 -31.34 29.32
CA PRO G 154 -5.89 -31.64 29.29
C PRO G 154 -6.62 -31.02 30.47
N THR G 155 -7.93 -30.87 30.34
CA THR G 155 -8.83 -30.50 31.44
C THR G 155 -10.30 -30.75 31.06
N ASP G 160 -19.69 -33.73 32.38
CA ASP G 160 -20.55 -34.79 31.83
C ASP G 160 -20.18 -35.14 30.40
N ASP G 161 -19.86 -36.41 30.17
CA ASP G 161 -19.34 -36.87 28.89
C ASP G 161 -20.31 -36.64 27.72
N SER G 162 -21.60 -36.80 28.00
CA SER G 162 -22.62 -36.62 26.98
C SER G 162 -23.37 -35.31 27.18
N GLU G 163 -22.69 -34.31 27.75
CA GLU G 163 -23.35 -33.04 28.01
C GLU G 163 -23.83 -32.38 26.73
N TYR G 164 -22.97 -32.33 25.72
CA TYR G 164 -23.31 -31.67 24.46
C TYR G 164 -23.52 -32.71 23.38
N PHE G 165 -23.47 -33.98 23.74
CA PHE G 165 -23.60 -35.04 22.75
C PHE G 165 -25.04 -35.16 22.26
N SER G 166 -25.21 -35.24 20.94
CA SER G 166 -26.53 -35.28 20.32
C SER G 166 -27.32 -36.53 20.72
N GLN G 167 -28.56 -36.33 21.15
CA GLN G 167 -29.43 -37.45 21.51
C GLN G 167 -29.89 -38.21 20.28
N TYR G 168 -29.62 -37.66 19.10
CA TYR G 168 -30.11 -38.26 17.85
C TYR G 168 -29.08 -39.10 17.10
N SER G 169 -27.85 -39.14 17.62
CA SER G 169 -26.82 -40.02 17.09
C SER G 169 -27.26 -41.48 17.21
N ARG G 170 -26.81 -42.31 16.28
CA ARG G 170 -26.99 -43.74 16.41
C ARG G 170 -26.09 -44.28 17.53
N PHE G 171 -25.25 -43.43 18.08
CA PHE G 171 -24.27 -43.89 19.06
C PHE G 171 -24.47 -43.20 20.39
N GLU G 172 -23.88 -43.77 21.43
CA GLU G 172 -23.89 -43.16 22.75
C GLU G 172 -22.48 -43.23 23.34
N ILE G 173 -22.16 -42.24 24.15
CA ILE G 173 -20.85 -42.17 24.77
C ILE G 173 -20.86 -42.85 26.14
N LEU G 174 -19.94 -43.78 26.33
CA LEU G 174 -19.84 -44.46 27.62
C LEU G 174 -18.88 -43.73 28.51
N ASP G 175 -17.84 -43.13 27.92
CA ASP G 175 -16.79 -42.47 28.69
C ASP G 175 -15.78 -41.74 27.81
N VAL G 176 -15.28 -40.61 28.31
CA VAL G 176 -14.20 -39.86 27.65
C VAL G 176 -13.08 -39.60 28.65
N THR G 177 -11.87 -40.04 28.33
CA THR G 177 -10.70 -39.74 29.16
C THR G 177 -9.59 -39.06 28.35
N GLN G 178 -8.81 -38.21 29.02
CA GLN G 178 -7.68 -37.55 28.38
C GLN G 178 -6.36 -37.81 29.11
N LYS G 179 -5.28 -37.88 28.34
CA LYS G 179 -3.96 -38.16 28.88
C LYS G 179 -2.90 -37.30 28.18
N LYS G 180 -1.95 -36.79 28.94
CA LYS G 180 -0.85 -36.04 28.35
C LYS G 180 0.30 -36.98 28.05
N ASN G 181 0.81 -36.95 26.82
CA ASN G 181 2.04 -37.65 26.45
C ASN G 181 3.14 -36.67 26.01
N SER G 182 4.39 -37.12 26.14
CA SER G 182 5.54 -36.44 25.58
C SER G 182 6.32 -37.43 24.69
N VAL G 183 6.48 -37.11 23.41
CA VAL G 183 7.16 -38.03 22.49
C VAL G 183 8.38 -37.41 21.79
N THR G 184 9.42 -38.22 21.67
CA THR G 184 10.53 -37.92 20.79
C THR G 184 10.34 -38.73 19.51
N TYR G 185 10.46 -38.07 18.36
CA TYR G 185 10.37 -38.73 17.06
C TYR G 185 11.76 -38.97 16.49
N SER G 186 11.85 -39.83 15.47
CA SER G 186 13.13 -40.16 14.83
C SER G 186 13.76 -38.90 14.26
N CYS G 187 12.93 -38.14 13.56
CA CYS G 187 13.37 -36.99 12.76
C CYS G 187 14.03 -35.86 13.55
N CYS G 188 13.83 -35.81 14.86
CA CYS G 188 14.07 -34.58 15.63
C CYS G 188 14.57 -34.84 17.05
N PRO G 189 15.41 -33.93 17.57
CA PRO G 189 16.06 -34.05 18.88
C PRO G 189 15.14 -33.87 20.09
N GLU G 190 14.19 -32.94 20.01
CA GLU G 190 13.40 -32.55 21.17
C GLU G 190 12.12 -33.37 21.37
N ALA G 191 11.48 -33.15 22.52
CA ALA G 191 10.22 -33.81 22.83
C ALA G 191 9.05 -32.95 22.36
N TYR G 192 7.99 -33.60 21.91
CA TYR G 192 6.77 -32.92 21.49
C TYR G 192 5.61 -33.42 22.31
N GLU G 193 4.85 -32.50 22.87
CA GLU G 193 3.73 -32.88 23.72
C GLU G 193 2.44 -33.06 22.92
N ASP G 194 1.61 -33.99 23.36
CA ASP G 194 0.29 -34.16 22.78
C ASP G 194 -0.68 -34.50 23.89
N VAL G 195 -1.96 -34.28 23.60
CA VAL G 195 -3.03 -34.81 24.41
C VAL G 195 -3.67 -35.98 23.67
N GLU G 196 -3.92 -37.05 24.40
CA GLU G 196 -4.57 -38.25 23.88
C GLU G 196 -6.00 -38.33 24.44
N VAL G 197 -6.97 -38.22 23.56
CA VAL G 197 -8.37 -38.30 23.99
C VAL G 197 -8.94 -39.68 23.66
N SER G 198 -9.36 -40.42 24.68
CA SER G 198 -9.94 -41.73 24.46
C SER G 198 -11.46 -41.66 24.55
N LEU G 199 -12.10 -41.92 23.42
CA LEU G 199 -13.57 -41.94 23.34
C LEU G 199 -14.08 -43.39 23.40
N ASN G 200 -14.69 -43.74 24.52
CA ASN G 200 -15.36 -45.04 24.66
C ASN G 200 -16.84 -44.88 24.29
N PHE G 201 -17.25 -45.48 23.18
CA PHE G 201 -18.62 -45.33 22.70
C PHE G 201 -19.16 -46.65 22.14
N ARG G 202 -20.47 -46.71 21.93
CA ARG G 202 -21.10 -47.89 21.32
C ARG G 202 -22.36 -47.53 20.55
N LYS G 203 -22.78 -48.43 19.66
CA LYS G 203 -24.04 -48.26 18.97
C LYS G 203 -25.21 -48.53 19.93
N LYS G 204 -26.28 -47.75 19.79
CA LYS G 204 -27.47 -47.91 20.64
C LYS G 204 -28.23 -49.21 20.33
N LEU H 1 18.65 -10.64 18.70
CA LEU H 1 17.43 -10.94 17.96
C LEU H 1 16.51 -11.85 18.76
N ASP H 2 15.25 -11.46 18.90
CA ASP H 2 14.25 -12.38 19.39
C ASP H 2 13.46 -12.96 18.21
N ARG H 3 12.53 -13.86 18.49
CA ARG H 3 11.76 -14.52 17.44
C ARG H 3 11.00 -13.53 16.57
N ALA H 4 10.40 -12.52 17.20
CA ALA H 4 9.68 -11.47 16.48
C ALA H 4 10.56 -10.79 15.42
N ASP H 5 11.81 -10.48 15.77
CA ASP H 5 12.72 -9.84 14.83
C ASP H 5 13.10 -10.77 13.67
N ILE H 6 13.46 -12.01 14.02
CA ILE H 6 13.77 -13.02 13.01
C ILE H 6 12.64 -13.19 12.00
N LEU H 7 11.41 -13.38 12.49
CA LEU H 7 10.26 -13.59 11.62
C LEU H 7 9.89 -12.34 10.82
N TYR H 8 10.06 -11.16 11.40
CA TYR H 8 9.92 -9.91 10.67
C TYR H 8 10.91 -9.86 9.51
N ASN H 9 12.19 -10.13 9.79
CA ASN H 9 13.22 -10.11 8.76
C ASN H 9 12.95 -11.09 7.62
N ILE H 10 12.53 -12.31 7.98
CA ILE H 10 12.20 -13.32 7.00
C ILE H 10 11.03 -12.87 6.14
N ARG H 11 9.97 -12.39 6.77
CA ARG H 11 8.78 -11.92 6.05
C ARG H 11 9.10 -10.78 5.08
N GLN H 12 10.03 -9.90 5.48
CA GLN H 12 10.39 -8.76 4.63
C GLN H 12 11.39 -9.07 3.50
N THR H 13 12.21 -10.11 3.64
CA THR H 13 13.27 -10.36 2.66
C THR H 13 13.38 -11.75 2.02
N SER H 14 12.45 -12.66 2.30
CA SER H 14 12.69 -14.07 1.92
C SER H 14 12.59 -14.42 0.41
N ARG H 15 11.88 -13.61 -0.38
CA ARG H 15 11.73 -13.86 -1.82
CA ARG H 15 11.68 -13.85 -1.82
C ARG H 15 11.28 -15.29 -2.17
N PRO H 16 10.01 -15.64 -1.89
CA PRO H 16 9.41 -16.97 -2.07
C PRO H 16 9.46 -17.50 -3.51
N ASP H 17 9.53 -16.59 -4.47
CA ASP H 17 9.56 -16.98 -5.88
C ASP H 17 10.98 -17.27 -6.38
N VAL H 18 11.98 -17.03 -5.55
CA VAL H 18 13.37 -17.13 -6.00
C VAL H 18 14.07 -18.38 -5.50
N ILE H 19 14.41 -19.27 -6.41
CA ILE H 19 15.15 -20.48 -6.04
C ILE H 19 16.51 -20.07 -5.48
N PRO H 20 16.86 -20.59 -4.30
CA PRO H 20 18.08 -20.17 -3.62
C PRO H 20 19.33 -20.93 -4.05
N THR H 21 19.66 -20.94 -5.34
CA THR H 21 20.91 -21.56 -5.77
C THR H 21 22.11 -20.75 -5.25
N GLN H 22 23.17 -21.48 -4.91
CA GLN H 22 24.40 -20.88 -4.39
C GLN H 22 25.55 -21.25 -5.31
N ARG H 23 26.34 -20.25 -5.71
CA ARG H 23 27.50 -20.48 -6.56
C ARG H 23 27.15 -21.39 -7.75
N ASP H 24 26.00 -21.12 -8.37
CA ASP H 24 25.50 -21.90 -9.50
C ASP H 24 25.51 -23.43 -9.32
N ARG H 25 25.58 -23.88 -8.07
CA ARG H 25 25.33 -25.28 -7.75
C ARG H 25 23.82 -25.48 -7.55
N PRO H 26 23.34 -26.72 -7.70
CA PRO H 26 21.92 -27.01 -7.50
C PRO H 26 21.55 -26.83 -6.03
N VAL H 27 20.29 -26.50 -5.77
CA VAL H 27 19.75 -26.61 -4.41
C VAL H 27 19.56 -28.10 -4.10
N ALA H 28 20.25 -28.59 -3.07
CA ALA H 28 20.09 -29.99 -2.66
C ALA H 28 18.82 -30.18 -1.82
N VAL H 29 17.87 -30.91 -2.36
CA VAL H 29 16.62 -31.16 -1.67
C VAL H 29 16.56 -32.60 -1.20
N SER H 30 16.33 -32.81 0.08
CA SER H 30 16.13 -34.14 0.61
C SER H 30 14.63 -34.41 0.70
N VAL H 31 14.20 -35.57 0.22
CA VAL H 31 12.80 -35.95 0.38
C VAL H 31 12.68 -37.39 0.83
N SER H 32 11.76 -37.65 1.75
CA SER H 32 11.54 -38.99 2.27
C SER H 32 10.08 -39.10 2.70
N LEU H 33 9.44 -40.20 2.37
CA LEU H 33 8.05 -40.43 2.78
C LEU H 33 7.98 -41.37 3.99
N LYS H 34 7.30 -40.94 5.04
CA LYS H 34 7.00 -41.82 6.17
C LYS H 34 5.52 -42.16 6.09
N PHE H 35 5.22 -43.42 5.82
CA PHE H 35 3.83 -43.82 5.63
C PHE H 35 3.10 -43.95 6.96
N ILE H 36 1.94 -43.32 7.02
CA ILE H 36 1.12 -43.28 8.21
C ILE H 36 -0.05 -44.25 8.06
N ASN H 37 -0.59 -44.37 6.86
CA ASN H 37 -1.76 -45.19 6.67
C ASN H 37 -2.00 -45.50 5.20
N ILE H 38 -2.59 -46.66 4.97
CA ILE H 38 -3.10 -47.04 3.67
C ILE H 38 -4.60 -47.27 3.86
N LEU H 39 -5.40 -46.46 3.20
CA LEU H 39 -6.83 -46.35 3.50
C LEU H 39 -7.70 -47.17 2.56
N GLU H 40 -7.31 -47.19 1.29
CA GLU H 40 -8.11 -47.85 0.27
C GLU H 40 -7.20 -48.32 -0.85
N VAL H 41 -7.47 -49.52 -1.32
CA VAL H 41 -6.70 -50.16 -2.34
C VAL H 41 -7.69 -50.80 -3.30
N ASN H 42 -7.46 -50.63 -4.59
CA ASN H 42 -8.32 -51.25 -5.59
C ASN H 42 -7.45 -52.02 -6.58
N GLU H 43 -7.43 -53.35 -6.49
CA GLU H 43 -6.58 -54.19 -7.32
C GLU H 43 -7.07 -54.28 -8.77
N ILE H 44 -8.32 -53.93 -9.01
CA ILE H 44 -8.81 -53.90 -10.38
C ILE H 44 -8.43 -52.59 -11.06
N THR H 45 -8.57 -51.47 -10.37
CA THR H 45 -8.22 -50.19 -10.98
C THR H 45 -6.76 -49.81 -10.80
N ASN H 46 -6.03 -50.54 -9.96
CA ASN H 46 -4.64 -50.18 -9.65
C ASN H 46 -4.54 -48.77 -9.07
N GLU H 47 -5.34 -48.50 -8.05
CA GLU H 47 -5.35 -47.21 -7.37
C GLU H 47 -5.22 -47.43 -5.88
N VAL H 48 -4.46 -46.54 -5.23
CA VAL H 48 -4.33 -46.55 -3.78
C VAL H 48 -4.55 -45.17 -3.18
N ASP H 49 -5.07 -45.16 -1.97
CA ASP H 49 -5.32 -43.94 -1.23
C ASP H 49 -4.43 -44.03 0.02
N VAL H 50 -3.40 -43.19 0.13
CA VAL H 50 -2.45 -43.26 1.26
C VAL H 50 -2.24 -41.95 2.04
N VAL H 51 -1.85 -42.08 3.31
CA VAL H 51 -1.48 -40.95 4.14
C VAL H 51 -0.02 -41.07 4.54
N PHE H 52 0.78 -40.05 4.28
CA PHE H 52 2.20 -40.10 4.60
C PHE H 52 2.70 -38.74 5.08
N TRP H 53 3.73 -38.73 5.90
CA TRP H 53 4.45 -37.49 6.18
C TRP H 53 5.47 -37.32 5.07
N GLN H 54 5.42 -36.19 4.37
CA GLN H 54 6.41 -35.91 3.34
C GLN H 54 7.55 -35.05 3.88
N GLN H 55 8.63 -35.71 4.28
CA GLN H 55 9.74 -35.06 4.97
C GLN H 55 10.68 -34.43 3.96
N THR H 56 10.71 -33.10 3.95
CA THR H 56 11.40 -32.37 2.92
C THR H 56 12.40 -31.39 3.55
N THR H 57 13.61 -31.38 3.00
CA THR H 57 14.71 -30.64 3.56
C THR H 57 15.51 -29.94 2.47
N TRP H 58 15.86 -28.68 2.70
CA TRP H 58 16.76 -27.99 1.80
C TRP H 58 17.41 -26.81 2.53
N SER H 59 18.38 -26.18 1.87
CA SER H 59 19.09 -25.05 2.42
C SER H 59 18.75 -23.78 1.66
N ASP H 60 18.45 -22.71 2.41
CA ASP H 60 18.26 -21.39 1.83
C ASP H 60 19.02 -20.34 2.65
N ARG H 61 20.25 -20.03 2.23
CA ARG H 61 21.14 -19.14 2.99
C ARG H 61 20.60 -17.72 3.20
N THR H 62 19.67 -17.27 2.35
CA THR H 62 19.10 -15.94 2.51
C THR H 62 18.24 -15.83 3.78
N LEU H 63 17.93 -16.98 4.38
CA LEU H 63 17.15 -17.00 5.62
C LEU H 63 18.03 -16.96 6.86
N ALA H 64 19.32 -17.21 6.68
CA ALA H 64 20.25 -17.36 7.81
C ALA H 64 20.34 -16.11 8.69
N TRP H 65 20.59 -16.33 9.98
CA TRP H 65 20.82 -15.23 10.90
C TRP H 65 21.89 -15.64 11.91
N ASN H 66 22.52 -14.64 12.53
CA ASN H 66 23.47 -14.87 13.61
C ASN H 66 22.71 -15.30 14.86
N SER H 67 22.91 -16.54 15.29
CA SER H 67 22.17 -17.04 16.45
C SER H 67 23.02 -17.18 17.72
N SER H 68 24.12 -16.43 17.79
CA SER H 68 25.01 -16.47 18.97
C SER H 68 24.26 -16.24 20.28
N HIS H 69 23.37 -15.25 20.31
CA HIS H 69 22.57 -14.98 21.50
C HIS H 69 21.10 -14.87 21.12
N SER H 70 20.66 -15.83 20.31
CA SER H 70 19.33 -15.79 19.76
C SER H 70 18.79 -17.20 19.61
N PRO H 71 17.47 -17.33 19.47
CA PRO H 71 16.87 -18.62 19.11
C PRO H 71 17.55 -19.13 17.86
N ASP H 72 17.87 -20.42 17.82
CA ASP H 72 18.46 -20.97 16.60
C ASP H 72 17.45 -21.60 15.63
N GLN H 73 16.17 -21.58 15.99
CA GLN H 73 15.10 -22.10 15.13
C GLN H 73 13.80 -21.33 15.32
N VAL H 74 13.07 -21.14 14.22
CA VAL H 74 11.69 -20.64 14.26
C VAL H 74 10.80 -21.44 13.30
N SER H 75 9.48 -21.41 13.55
CA SER H 75 8.50 -21.95 12.62
C SER H 75 7.98 -20.82 11.75
N VAL H 76 7.83 -21.10 10.45
CA VAL H 76 7.52 -20.08 9.45
C VAL H 76 6.50 -20.60 8.46
N PRO H 77 5.47 -19.81 8.15
CA PRO H 77 4.50 -20.22 7.13
C PRO H 77 5.21 -20.43 5.79
N ILE H 78 4.91 -21.53 5.07
CA ILE H 78 5.60 -21.77 3.80
C ILE H 78 5.26 -20.72 2.73
N SER H 79 4.20 -19.95 2.97
CA SER H 79 3.84 -18.87 2.05
C SER H 79 4.89 -17.78 2.07
N SER H 80 5.67 -17.71 3.15
CA SER H 80 6.76 -16.72 3.26
C SER H 80 8.12 -17.28 2.85
N LEU H 81 8.14 -18.48 2.27
CA LEU H 81 9.40 -19.14 1.93
C LEU H 81 9.37 -19.68 0.51
N TRP H 82 10.54 -19.74 -0.11
CA TRP H 82 10.64 -20.52 -1.33
C TRP H 82 10.54 -21.97 -0.91
N VAL H 83 9.79 -22.73 -1.69
CA VAL H 83 9.64 -24.16 -1.46
C VAL H 83 9.87 -24.87 -2.78
N PRO H 84 10.58 -25.99 -2.75
CA PRO H 84 10.75 -26.76 -3.99
C PRO H 84 9.39 -27.18 -4.58
N ASP H 85 9.29 -27.12 -5.90
CA ASP H 85 8.07 -27.44 -6.62
C ASP H 85 7.92 -28.95 -6.89
N LEU H 86 7.93 -29.75 -5.83
CA LEU H 86 7.83 -31.19 -5.95
C LEU H 86 6.42 -31.67 -6.32
N ALA H 87 6.35 -32.75 -7.09
CA ALA H 87 5.10 -33.37 -7.45
C ALA H 87 5.32 -34.87 -7.59
N ALA H 88 4.30 -35.64 -7.27
CA ALA H 88 4.31 -37.08 -7.53
C ALA H 88 3.80 -37.29 -8.93
N TYR H 89 4.61 -37.92 -9.77
CA TYR H 89 4.24 -38.09 -11.17
C TYR H 89 3.01 -38.99 -11.40
N ASN H 90 2.78 -39.95 -10.50
CA ASN H 90 1.67 -40.89 -10.67
C ASN H 90 0.50 -40.61 -9.73
N ALA H 91 0.48 -39.41 -9.14
CA ALA H 91 -0.66 -38.98 -8.35
C ALA H 91 -1.85 -38.75 -9.25
N ILE H 92 -3.03 -39.13 -8.79
CA ILE H 92 -4.26 -38.88 -9.54
C ILE H 92 -5.25 -37.99 -8.79
N SER H 93 -4.83 -37.46 -7.64
CA SER H 93 -5.56 -36.41 -6.94
C SER H 93 -4.52 -35.38 -6.50
N LYS H 94 -4.92 -34.13 -6.24
CA LYS H 94 -3.95 -33.20 -5.70
C LYS H 94 -3.69 -33.52 -4.23
N PRO H 95 -2.50 -33.13 -3.73
CA PRO H 95 -2.17 -33.45 -2.34
C PRO H 95 -3.17 -32.82 -1.39
N GLU H 96 -3.71 -33.58 -0.46
CA GLU H 96 -4.56 -33.01 0.57
C GLU H 96 -3.69 -32.82 1.80
N VAL H 97 -3.30 -31.59 2.09
CA VAL H 97 -2.40 -31.34 3.21
C VAL H 97 -3.22 -31.33 4.49
N LEU H 98 -2.90 -32.24 5.41
CA LEU H 98 -3.72 -32.41 6.60
C LEU H 98 -3.28 -31.53 7.76
N THR H 99 -2.07 -30.97 7.68
CA THR H 99 -1.47 -30.29 8.81
C THR H 99 -1.19 -28.81 8.56
N PRO H 100 -0.94 -28.04 9.63
CA PRO H 100 -0.59 -26.63 9.46
C PRO H 100 0.60 -26.48 8.53
N GLN H 101 0.49 -25.63 7.53
CA GLN H 101 1.55 -25.49 6.56
C GLN H 101 2.67 -24.57 7.06
N LEU H 102 3.42 -25.08 8.04
CA LEU H 102 4.54 -24.37 8.63
C LEU H 102 5.79 -25.20 8.45
N ALA H 103 6.88 -24.52 8.09
CA ALA H 103 8.20 -25.15 8.02
C ALA H 103 9.04 -24.72 9.20
N ARG H 104 10.02 -25.54 9.54
CA ARG H 104 10.96 -25.18 10.60
C ARG H 104 12.24 -24.66 9.92
N VAL H 105 12.65 -23.46 10.29
CA VAL H 105 13.85 -22.83 9.73
C VAL H 105 14.95 -22.67 10.80
N VAL H 106 16.11 -23.23 10.51
CA VAL H 106 17.26 -23.16 11.41
C VAL H 106 18.12 -21.95 11.03
N SER H 107 18.86 -21.43 12.00
CA SER H 107 19.59 -20.17 11.83
C SER H 107 20.67 -20.22 10.74
N ASP H 108 21.12 -21.42 10.37
CA ASP H 108 22.07 -21.52 9.27
C ASP H 108 21.41 -21.54 7.90
N GLY H 109 20.09 -21.42 7.86
CA GLY H 109 19.35 -21.42 6.62
C GLY H 109 18.75 -22.77 6.22
N GLU H 110 19.04 -23.81 7.00
CA GLU H 110 18.37 -25.10 6.85
C GLU H 110 16.85 -24.98 7.00
N VAL H 111 16.11 -25.50 6.02
CA VAL H 111 14.65 -25.52 6.10
C VAL H 111 14.14 -26.95 6.19
N LEU H 112 13.23 -27.19 7.12
CA LEU H 112 12.64 -28.51 7.25
C LEU H 112 11.12 -28.41 7.23
N TYR H 113 10.51 -28.93 6.18
CA TYR H 113 9.06 -28.90 6.01
C TYR H 113 8.55 -30.35 5.97
N MET H 114 7.62 -30.72 6.85
CA MET H 114 7.13 -32.09 6.91
C MET H 114 5.61 -32.17 7.14
N PRO H 115 4.83 -31.91 6.08
CA PRO H 115 3.38 -31.98 6.18
C PRO H 115 2.91 -33.42 6.15
N SER H 116 1.77 -33.68 6.77
CA SER H 116 1.07 -34.95 6.59
C SER H 116 0.14 -34.81 5.39
N ILE H 117 0.23 -35.76 4.47
CA ILE H 117 -0.48 -35.64 3.21
C ILE H 117 -1.33 -36.86 2.90
N ARG H 118 -2.56 -36.63 2.46
CA ARG H 118 -3.35 -37.72 1.93
C ARG H 118 -3.44 -37.56 0.42
N GLN H 119 -3.14 -38.62 -0.31
CA GLN H 119 -3.15 -38.53 -1.76
C GLN H 119 -3.44 -39.88 -2.42
N ARG H 120 -4.11 -39.82 -3.57
CA ARG H 120 -4.37 -41.02 -4.35
C ARG H 120 -3.34 -41.21 -5.47
N PHE H 121 -2.94 -42.45 -5.73
CA PHE H 121 -1.93 -42.75 -6.74
C PHE H 121 -2.33 -43.91 -7.64
N SER H 122 -1.86 -43.85 -8.87
CA SER H 122 -1.95 -44.96 -9.81
C SER H 122 -0.66 -45.75 -9.71
N CYS H 123 -0.77 -47.03 -9.37
CA CYS H 123 0.39 -47.89 -9.28
C CYS H 123 0.02 -49.38 -9.25
N ASP H 124 1.03 -50.24 -9.20
CA ASP H 124 0.81 -51.68 -9.28
C ASP H 124 0.26 -52.23 -7.98
N VAL H 125 -1.01 -52.60 -8.00
CA VAL H 125 -1.63 -53.14 -6.79
C VAL H 125 -1.69 -54.67 -6.82
N SER H 126 -1.25 -55.28 -7.91
CA SER H 126 -1.36 -56.74 -8.02
C SER H 126 -0.56 -57.43 -6.91
N GLY H 127 -1.13 -58.50 -6.37
CA GLY H 127 -0.49 -59.26 -5.32
C GLY H 127 -0.74 -58.76 -3.92
N VAL H 128 -1.59 -57.75 -3.77
CA VAL H 128 -1.82 -57.16 -2.45
C VAL H 128 -2.36 -58.18 -1.45
N ASP H 129 -2.98 -59.24 -1.97
CA ASP H 129 -3.52 -60.30 -1.12
C ASP H 129 -2.69 -61.57 -1.05
N THR H 130 -1.41 -61.49 -1.46
CA THR H 130 -0.51 -62.64 -1.43
C THR H 130 0.59 -62.46 -0.36
N GLU H 131 1.43 -63.49 -0.22
CA GLU H 131 2.55 -63.49 0.74
C GLU H 131 3.43 -62.27 0.54
N SER H 132 3.92 -62.14 -0.68
CA SER H 132 4.93 -61.16 -1.00
C SER H 132 4.32 -59.78 -1.20
N GLY H 133 2.98 -59.70 -1.21
CA GLY H 133 2.31 -58.42 -1.28
C GLY H 133 2.45 -57.69 -2.59
N ALA H 134 1.91 -56.48 -2.62
CA ALA H 134 2.03 -55.61 -3.79
C ALA H 134 3.21 -54.65 -3.58
N THR H 135 3.77 -54.15 -4.68
CA THR H 135 4.76 -53.09 -4.60
C THR H 135 4.34 -51.88 -5.42
N CYS H 136 3.96 -50.82 -4.71
CA CYS H 136 3.52 -49.57 -5.33
C CYS H 136 4.66 -48.58 -5.32
N ARG H 137 4.98 -48.02 -6.48
CA ARG H 137 6.11 -47.10 -6.61
C ARG H 137 5.59 -45.67 -6.80
N ILE H 138 6.16 -44.73 -6.05
CA ILE H 138 5.77 -43.32 -6.13
C ILE H 138 6.97 -42.45 -6.53
N LYS H 139 6.82 -41.72 -7.64
CA LYS H 139 7.91 -40.92 -8.17
C LYS H 139 7.69 -39.45 -7.80
N ILE H 140 8.62 -38.89 -7.04
CA ILE H 140 8.52 -37.50 -6.66
C ILE H 140 9.76 -36.72 -7.12
N GLY H 141 9.55 -35.62 -7.84
CA GLY H 141 10.64 -34.76 -8.26
C GLY H 141 10.17 -33.33 -8.52
N SER H 142 11.11 -32.46 -8.82
CA SER H 142 10.80 -31.08 -9.18
C SER H 142 10.05 -31.06 -10.50
N TRP H 143 8.95 -30.32 -10.56
CA TRP H 143 8.18 -30.25 -11.78
C TRP H 143 8.89 -29.47 -12.89
N THR H 144 9.54 -28.36 -12.55
CA THR H 144 10.08 -27.45 -13.57
C THR H 144 11.59 -27.16 -13.50
N HIS H 145 12.25 -27.58 -12.43
CA HIS H 145 13.70 -27.37 -12.30
C HIS H 145 14.53 -28.62 -12.63
N HIS H 146 15.50 -28.48 -13.53
CA HIS H 146 16.37 -29.60 -13.93
C HIS H 146 17.51 -29.79 -12.92
N SER H 147 18.38 -30.75 -13.20
CA SER H 147 19.37 -31.23 -12.23
C SER H 147 20.45 -30.21 -11.84
N ARG H 148 20.67 -29.20 -12.67
CA ARG H 148 21.64 -28.18 -12.29
C ARG H 148 21.03 -27.12 -11.36
N GLU H 149 19.73 -27.22 -11.11
CA GLU H 149 19.00 -26.26 -10.27
C GLU H 149 18.46 -26.91 -9.01
N ILE H 150 17.87 -28.09 -9.15
CA ILE H 150 17.44 -28.86 -7.99
C ILE H 150 17.88 -30.31 -8.13
N SER H 151 18.56 -30.80 -7.10
CA SER H 151 18.84 -32.23 -7.01
C SER H 151 18.00 -32.82 -5.88
N VAL H 152 17.49 -34.02 -6.08
CA VAL H 152 16.69 -34.67 -5.05
C VAL H 152 17.39 -35.95 -4.60
N ASP H 153 17.37 -36.20 -3.30
CA ASP H 153 18.02 -37.37 -2.73
C ASP H 153 17.17 -37.86 -1.57
N PRO H 154 17.17 -39.18 -1.33
CA PRO H 154 16.49 -39.75 -0.16
C PRO H 154 17.11 -39.18 1.11
N THR H 155 16.31 -39.07 2.18
CA THR H 155 16.80 -38.54 3.46
C THR H 155 17.89 -39.42 4.08
N ASP H 161 10.46 -48.34 8.91
CA ASP H 161 9.46 -48.04 7.89
C ASP H 161 8.01 -48.18 8.38
N SER H 162 7.84 -48.78 9.56
CA SER H 162 6.51 -48.95 10.15
C SER H 162 6.41 -48.23 11.47
N GLU H 163 7.32 -47.29 11.69
CA GLU H 163 7.45 -46.65 12.98
C GLU H 163 6.24 -45.76 13.26
N TYR H 164 5.79 -45.07 12.23
CA TYR H 164 4.65 -44.19 12.38
C TYR H 164 3.41 -44.78 11.71
N PHE H 165 3.54 -45.97 11.14
CA PHE H 165 2.42 -46.62 10.46
C PHE H 165 1.31 -47.05 11.43
N SER H 166 0.06 -46.72 11.11
CA SER H 166 -1.06 -47.02 11.97
C SER H 166 -1.30 -48.53 12.15
N GLN H 167 -1.38 -48.97 13.39
CA GLN H 167 -1.69 -50.36 13.70
C GLN H 167 -3.13 -50.74 13.34
N TYR H 168 -3.94 -49.74 12.96
CA TYR H 168 -5.36 -49.98 12.69
C TYR H 168 -5.72 -50.04 11.21
N SER H 169 -4.73 -49.83 10.35
CA SER H 169 -4.89 -50.05 8.93
C SER H 169 -5.27 -51.50 8.59
N ARG H 170 -5.92 -51.71 7.45
CA ARG H 170 -6.25 -53.06 6.98
C ARG H 170 -5.02 -53.68 6.36
N PHE H 171 -4.01 -52.84 6.14
CA PHE H 171 -2.81 -53.31 5.49
C PHE H 171 -1.60 -53.26 6.41
N GLU H 172 -0.53 -53.95 6.03
CA GLU H 172 0.71 -53.89 6.75
C GLU H 172 1.85 -53.65 5.77
N ILE H 173 2.88 -52.97 6.22
CA ILE H 173 4.03 -52.66 5.39
C ILE H 173 5.10 -53.73 5.56
N LEU H 174 5.51 -54.32 4.44
CA LEU H 174 6.58 -55.32 4.46
C LEU H 174 7.93 -54.65 4.33
N ASP H 175 7.99 -53.55 3.58
CA ASP H 175 9.26 -52.89 3.28
C ASP H 175 9.08 -51.58 2.51
N VAL H 176 9.95 -50.61 2.80
CA VAL H 176 9.98 -49.36 2.05
C VAL H 176 11.41 -49.09 1.59
N THR H 177 11.62 -48.94 0.28
CA THR H 177 12.94 -48.58 -0.21
C THR H 177 12.86 -47.32 -1.05
N GLN H 178 13.95 -46.58 -1.07
CA GLN H 178 13.99 -45.34 -1.81
C GLN H 178 15.20 -45.37 -2.70
N LYS H 179 15.03 -44.95 -3.95
CA LYS H 179 16.16 -44.77 -4.83
C LYS H 179 15.99 -43.49 -5.63
N LYS H 180 17.10 -42.88 -5.97
CA LYS H 180 17.14 -41.66 -6.74
C LYS H 180 17.29 -41.98 -8.23
N ASN H 181 16.53 -41.31 -9.08
CA ASN H 181 16.76 -41.39 -10.52
C ASN H 181 17.03 -40.04 -11.16
N SER H 182 17.66 -40.09 -12.33
CA SER H 182 17.88 -38.90 -13.12
C SER H 182 17.43 -39.19 -14.53
N VAL H 183 16.51 -38.37 -15.02
CA VAL H 183 15.80 -38.74 -16.21
C VAL H 183 15.79 -37.59 -17.21
N THR H 184 15.88 -37.97 -18.47
CA THR H 184 15.96 -37.04 -19.56
C THR H 184 14.65 -37.17 -20.34
N TYR H 185 14.19 -36.05 -20.89
CA TYR H 185 13.03 -36.01 -21.76
C TYR H 185 13.50 -35.81 -23.20
N SER H 186 12.66 -36.22 -24.15
CA SER H 186 13.09 -36.29 -25.57
C SER H 186 13.56 -34.96 -26.19
N CYS H 187 12.93 -33.86 -25.76
CA CYS H 187 13.14 -32.55 -26.36
C CYS H 187 14.52 -31.92 -26.08
N CYS H 188 15.06 -32.17 -24.89
CA CYS H 188 16.21 -31.42 -24.39
CA CYS H 188 16.22 -31.43 -24.42
C CYS H 188 17.23 -32.33 -23.71
N PRO H 189 18.50 -31.89 -23.66
CA PRO H 189 19.56 -32.68 -23.03
C PRO H 189 19.50 -32.68 -21.50
N GLU H 190 18.66 -31.83 -20.91
CA GLU H 190 18.68 -31.67 -19.45
C GLU H 190 18.01 -32.82 -18.70
N ALA H 191 18.62 -33.17 -17.59
CA ALA H 191 18.15 -34.26 -16.76
C ALA H 191 17.32 -33.73 -15.59
N TYR H 192 16.32 -34.50 -15.20
CA TYR H 192 15.48 -34.16 -14.05
C TYR H 192 15.59 -35.26 -13.01
N GLU H 193 15.82 -34.88 -11.77
CA GLU H 193 16.00 -35.87 -10.73
C GLU H 193 14.69 -36.19 -10.02
N ASP H 194 14.52 -37.43 -9.62
CA ASP H 194 13.37 -37.81 -8.81
C ASP H 194 13.79 -38.83 -7.76
N VAL H 195 13.00 -38.93 -6.71
CA VAL H 195 13.12 -40.01 -5.78
C VAL H 195 11.98 -40.98 -6.03
N GLU H 196 12.33 -42.25 -6.16
CA GLU H 196 11.37 -43.29 -6.37
C GLU H 196 11.18 -44.05 -5.04
N VAL H 197 9.98 -43.97 -4.48
CA VAL H 197 9.69 -44.66 -3.23
C VAL H 197 8.90 -45.94 -3.50
N SER H 198 9.49 -47.09 -3.17
CA SER H 198 8.81 -48.37 -3.38
C SER H 198 8.16 -48.90 -2.10
N LEU H 199 6.84 -48.93 -2.07
CA LEU H 199 6.11 -49.40 -0.90
C LEU H 199 5.65 -50.83 -1.13
N ASN H 200 6.24 -51.77 -0.39
CA ASN H 200 5.86 -53.17 -0.44
C ASN H 200 4.91 -53.40 0.73
N PHE H 201 3.66 -53.73 0.41
CA PHE H 201 2.62 -53.88 1.43
C PHE H 201 1.63 -55.00 1.09
N ARG H 202 0.90 -55.48 2.08
CA ARG H 202 -0.13 -56.48 1.81
C ARG H 202 -1.32 -56.31 2.74
N LYS H 203 -2.44 -56.95 2.37
CA LYS H 203 -3.61 -56.98 3.24
C LYS H 203 -3.33 -57.90 4.42
N LYS H 204 -3.66 -57.44 5.61
CA LYS H 204 -3.48 -58.26 6.81
C LYS H 204 -4.35 -59.49 6.70
N GLY H 205 -3.82 -60.62 7.19
CA GLY H 205 -4.51 -61.89 7.16
C GLY H 205 -5.72 -61.85 8.08
N LEU I 1 22.53 -9.92 -14.77
CA LEU I 1 21.30 -10.31 -14.10
C LEU I 1 21.41 -11.70 -13.49
N ASP I 2 21.05 -11.83 -12.22
CA ASP I 2 20.87 -13.14 -11.64
C ASP I 2 19.36 -13.47 -11.59
N ARG I 3 19.03 -14.67 -11.14
CA ARG I 3 17.63 -15.10 -11.10
C ARG I 3 16.75 -14.17 -10.27
N ALA I 4 17.29 -13.69 -9.15
CA ALA I 4 16.54 -12.78 -8.28
C ALA I 4 16.14 -11.50 -9.02
N ASP I 5 17.05 -10.96 -9.83
CA ASP I 5 16.75 -9.75 -10.61
C ASP I 5 15.71 -10.01 -11.69
N ILE I 6 15.90 -11.09 -12.44
CA ILE I 6 14.95 -11.49 -13.47
C ILE I 6 13.53 -11.65 -12.90
N LEU I 7 13.40 -12.38 -11.81
CA LEU I 7 12.10 -12.63 -11.20
C LEU I 7 11.49 -11.36 -10.60
N TYR I 8 12.34 -10.49 -10.06
CA TYR I 8 11.90 -9.19 -9.59
C TYR I 8 11.32 -8.38 -10.74
N ASN I 9 12.04 -8.31 -11.85
CA ASN I 9 11.58 -7.56 -13.01
C ASN I 9 10.26 -8.09 -13.56
N ILE I 10 10.14 -9.41 -13.65
CA ILE I 10 8.93 -10.04 -14.14
C ILE I 10 7.77 -9.71 -13.21
N ARG I 11 7.96 -9.90 -11.91
CA ARG I 11 6.94 -9.61 -10.93
C ARG I 11 6.46 -8.14 -11.02
N GLN I 12 7.38 -7.23 -11.31
CA GLN I 12 7.05 -5.81 -11.39
C GLN I 12 6.40 -5.35 -12.70
N THR I 13 6.63 -6.05 -13.81
CA THR I 13 6.22 -5.53 -15.13
C THR I 13 5.45 -6.47 -16.09
N SER I 14 5.05 -7.64 -15.66
CA SER I 14 4.59 -8.64 -16.63
C SER I 14 3.14 -8.45 -17.11
N ARG I 15 2.30 -7.83 -16.30
CA ARG I 15 0.95 -7.47 -16.73
C ARG I 15 0.16 -8.71 -17.11
N PRO I 16 -0.25 -9.49 -16.11
CA PRO I 16 -0.93 -10.78 -16.27
C PRO I 16 -2.27 -10.70 -16.99
N ASP I 17 -2.90 -9.53 -16.94
CA ASP I 17 -4.21 -9.34 -17.58
C ASP I 17 -4.09 -8.94 -19.05
N VAL I 18 -2.87 -8.75 -19.54
CA VAL I 18 -2.68 -8.17 -20.87
C VAL I 18 -2.19 -9.19 -21.87
N ILE I 19 -3.04 -9.54 -22.83
CA ILE I 19 -2.65 -10.46 -23.89
C ILE I 19 -1.47 -9.86 -24.66
N PRO I 20 -0.38 -10.62 -24.82
CA PRO I 20 0.85 -10.09 -25.42
C PRO I 20 0.82 -10.16 -26.93
N THR I 21 -0.20 -9.56 -27.52
CA THR I 21 -0.28 -9.39 -28.97
C THR I 21 0.78 -8.41 -29.43
N GLN I 22 1.42 -8.73 -30.54
CA GLN I 22 2.47 -7.89 -31.12
C GLN I 22 2.00 -7.40 -32.49
N ARG I 23 2.10 -6.09 -32.73
CA ARG I 23 1.75 -5.50 -34.02
C ARG I 23 0.38 -5.98 -34.55
N ASP I 24 -0.56 -6.17 -33.62
CA ASP I 24 -1.91 -6.65 -33.95
C ASP I 24 -1.97 -7.97 -34.73
N ARG I 25 -1.04 -8.86 -34.45
CA ARG I 25 -1.09 -10.24 -34.93
C ARG I 25 -1.35 -11.17 -33.76
N PRO I 26 -2.05 -12.29 -34.00
CA PRO I 26 -2.52 -13.11 -32.89
C PRO I 26 -1.34 -13.61 -32.06
N VAL I 27 -1.57 -13.89 -30.79
CA VAL I 27 -0.63 -14.68 -30.01
C VAL I 27 -0.74 -16.14 -30.45
N ALA I 28 0.34 -16.72 -30.95
CA ALA I 28 0.35 -18.12 -31.37
C ALA I 28 0.55 -19.02 -30.17
N VAL I 29 -0.48 -19.81 -29.87
CA VAL I 29 -0.46 -20.71 -28.73
C VAL I 29 -0.39 -22.17 -29.21
N SER I 30 0.64 -22.89 -28.78
CA SER I 30 0.76 -24.31 -29.07
C SER I 30 0.14 -25.10 -27.93
N VAL I 31 -0.67 -26.09 -28.30
CA VAL I 31 -1.31 -26.96 -27.32
C VAL I 31 -1.11 -28.40 -27.71
N SER I 32 -0.74 -29.22 -26.74
CA SER I 32 -0.54 -30.64 -26.95
C SER I 32 -0.93 -31.40 -25.69
N LEU I 33 -1.75 -32.43 -25.85
CA LEU I 33 -2.05 -33.28 -24.71
C LEU I 33 -1.25 -34.60 -24.73
N LYS I 34 -0.54 -34.87 -23.65
CA LYS I 34 0.12 -36.15 -23.48
C LYS I 34 -0.66 -36.90 -22.41
N PHE I 35 -1.28 -38.00 -22.80
CA PHE I 35 -2.14 -38.72 -21.87
C PHE I 35 -1.34 -39.55 -20.90
N ILE I 36 -1.67 -39.41 -19.62
CA ILE I 36 -0.97 -40.08 -18.54
C ILE I 36 -1.81 -41.24 -18.03
N ASN I 37 -3.12 -41.06 -17.99
CA ASN I 37 -3.99 -42.07 -17.44
C ASN I 37 -5.44 -41.89 -17.85
N ILE I 38 -6.16 -43.01 -17.94
CA ILE I 38 -7.60 -43.01 -18.07
C ILE I 38 -8.13 -43.76 -16.85
N LEU I 39 -8.91 -43.06 -16.03
CA LEU I 39 -9.22 -43.54 -14.69
C LEU I 39 -10.59 -44.17 -14.61
N GLU I 40 -11.54 -43.55 -15.31
CA GLU I 40 -12.90 -44.03 -15.25
C GLU I 40 -13.56 -43.76 -16.58
N VAL I 41 -14.33 -44.74 -17.01
CA VAL I 41 -15.05 -44.64 -18.26
C VAL I 41 -16.47 -45.13 -18.02
N ASN I 42 -17.45 -44.35 -18.45
CA ASN I 42 -18.85 -44.76 -18.27
C ASN I 42 -19.62 -44.85 -19.58
N GLU I 43 -20.07 -46.06 -19.88
CA GLU I 43 -20.77 -46.38 -21.11
C GLU I 43 -22.27 -46.11 -20.98
N ILE I 44 -22.72 -45.92 -19.75
CA ILE I 44 -24.08 -45.46 -19.46
C ILE I 44 -24.24 -43.97 -19.81
N THR I 45 -23.31 -43.15 -19.33
CA THR I 45 -23.44 -41.70 -19.38
C THR I 45 -22.55 -41.03 -20.44
N ASN I 46 -21.71 -41.80 -21.11
CA ASN I 46 -20.76 -41.24 -22.08
C ASN I 46 -19.83 -40.20 -21.42
N GLU I 47 -19.22 -40.59 -20.32
CA GLU I 47 -18.28 -39.74 -19.61
C GLU I 47 -16.97 -40.50 -19.35
N VAL I 48 -15.85 -39.78 -19.41
CA VAL I 48 -14.54 -40.36 -19.14
C VAL I 48 -13.77 -39.44 -18.23
N ASP I 49 -12.96 -40.06 -17.39
CA ASP I 49 -12.11 -39.37 -16.43
C ASP I 49 -10.67 -39.63 -16.84
N VAL I 50 -9.96 -38.57 -17.20
CA VAL I 50 -8.64 -38.65 -17.81
C VAL I 50 -7.59 -37.81 -17.05
N VAL I 51 -6.34 -38.25 -17.06
CA VAL I 51 -5.23 -37.43 -16.59
C VAL I 51 -4.30 -37.14 -17.76
N PHE I 52 -4.02 -35.88 -18.02
CA PHE I 52 -3.15 -35.51 -19.13
C PHE I 52 -2.22 -34.38 -18.78
N TRP I 53 -1.10 -34.35 -19.48
CA TRP I 53 -0.10 -33.32 -19.31
C TRP I 53 -0.35 -32.32 -20.43
N GLN I 54 -0.85 -31.14 -20.07
CA GLN I 54 -1.23 -30.15 -21.05
C GLN I 54 -0.07 -29.22 -21.40
N GLN I 55 0.66 -29.55 -22.47
CA GLN I 55 1.80 -28.75 -22.90
C GLN I 55 1.38 -27.49 -23.64
N THR I 56 1.57 -26.36 -22.99
CA THR I 56 1.12 -25.11 -23.55
C THR I 56 2.28 -24.16 -23.73
N THR I 57 2.35 -23.53 -24.90
CA THR I 57 3.52 -22.76 -25.31
C THR I 57 3.07 -21.48 -26.00
N TRP I 58 3.72 -20.38 -25.66
CA TRP I 58 3.47 -19.12 -26.36
C TRP I 58 4.61 -18.16 -26.11
N SER I 59 4.59 -17.04 -26.83
CA SER I 59 5.62 -16.03 -26.70
C SER I 59 5.07 -14.77 -26.04
N ASP I 60 5.81 -14.25 -25.05
CA ASP I 60 5.49 -12.95 -24.46
C ASP I 60 6.75 -12.09 -24.35
N ARG I 61 7.00 -11.25 -25.35
CA ARG I 61 8.23 -10.45 -25.43
C ARG I 61 8.47 -9.50 -24.24
N THR I 62 7.42 -9.09 -23.55
CA THR I 62 7.58 -8.21 -22.41
C THR I 62 8.32 -8.90 -21.26
N LEU I 63 8.49 -10.22 -21.36
CA LEU I 63 9.21 -10.97 -20.34
C LEU I 63 10.69 -11.09 -20.65
N ALA I 64 11.06 -10.80 -21.90
CA ALA I 64 12.42 -11.07 -22.38
C ALA I 64 13.49 -10.31 -21.60
N TRP I 65 14.67 -10.91 -21.50
CA TRP I 65 15.82 -10.23 -20.90
C TRP I 65 17.09 -10.57 -21.64
N ASN I 66 18.11 -9.72 -21.52
CA ASN I 66 19.42 -10.00 -22.08
C ASN I 66 20.09 -11.09 -21.27
N SER I 67 20.33 -12.25 -21.89
CA SER I 67 20.88 -13.38 -21.14
C SER I 67 22.35 -13.66 -21.47
N SER I 68 23.04 -12.66 -22.01
CA SER I 68 24.44 -12.83 -22.41
C SER I 68 25.31 -13.39 -21.27
N HIS I 69 25.17 -12.83 -20.08
CA HIS I 69 25.89 -13.35 -18.93
C HIS I 69 24.92 -13.63 -17.79
N SER I 70 23.81 -14.30 -18.13
CA SER I 70 22.74 -14.52 -17.18
C SER I 70 22.06 -15.85 -17.46
N PRO I 71 21.32 -16.36 -16.46
CA PRO I 71 20.49 -17.56 -16.65
C PRO I 71 19.61 -17.32 -17.86
N ASP I 72 19.45 -18.30 -18.73
CA ASP I 72 18.56 -18.10 -19.87
C ASP I 72 17.14 -18.67 -19.64
N GLN I 73 16.87 -19.19 -18.44
CA GLN I 73 15.52 -19.66 -18.09
C GLN I 73 15.26 -19.52 -16.60
N VAL I 74 14.01 -19.21 -16.25
CA VAL I 74 13.57 -19.25 -14.86
C VAL I 74 12.18 -19.87 -14.77
N SER I 75 11.82 -20.36 -13.59
CA SER I 75 10.47 -20.84 -13.31
C SER I 75 9.70 -19.71 -12.64
N VAL I 76 8.45 -19.53 -13.04
CA VAL I 76 7.65 -18.39 -12.62
C VAL I 76 6.23 -18.82 -12.33
N PRO I 77 5.67 -18.41 -11.19
CA PRO I 77 4.25 -18.68 -10.88
C PRO I 77 3.36 -18.12 -11.98
N ILE I 78 2.40 -18.89 -12.50
CA ILE I 78 1.52 -18.36 -13.55
C ILE I 78 0.68 -17.17 -13.09
N SER I 79 0.55 -16.99 -11.78
CA SER I 79 -0.17 -15.84 -11.26
C SER I 79 0.55 -14.53 -11.61
N SER I 80 1.84 -14.62 -11.91
CA SER I 80 2.61 -13.44 -12.32
C SER I 80 2.73 -13.30 -13.84
N LEU I 81 1.99 -14.10 -14.59
CA LEU I 81 2.11 -14.09 -16.05
C LEU I 81 0.76 -14.04 -16.72
N TRP I 82 0.71 -13.48 -17.92
CA TRP I 82 -0.46 -13.67 -18.73
C TRP I 82 -0.46 -15.12 -19.17
N VAL I 83 -1.60 -15.79 -19.05
CA VAL I 83 -1.79 -17.13 -19.59
C VAL I 83 -3.01 -17.14 -20.50
N PRO I 84 -2.94 -17.87 -21.62
CA PRO I 84 -4.11 -17.96 -22.50
C PRO I 84 -5.32 -18.56 -21.75
N ASP I 85 -6.51 -18.10 -22.10
CA ASP I 85 -7.74 -18.50 -21.42
C ASP I 85 -8.36 -19.74 -22.08
N LEU I 86 -7.59 -20.82 -22.13
CA LEU I 86 -8.03 -22.04 -22.77
C LEU I 86 -9.07 -22.78 -21.94
N ALA I 87 -10.00 -23.44 -22.62
CA ALA I 87 -10.95 -24.30 -21.97
C ALA I 87 -11.31 -25.46 -22.89
N ALA I 88 -11.60 -26.61 -22.30
CA ALA I 88 -12.14 -27.75 -23.03
C ALA I 88 -13.65 -27.59 -23.14
N TYR I 89 -14.15 -27.50 -24.38
CA TYR I 89 -15.58 -27.25 -24.60
C TYR I 89 -16.47 -28.38 -24.10
N ASN I 90 -15.98 -29.62 -24.09
CA ASN I 90 -16.80 -30.75 -23.63
C ASN I 90 -16.40 -31.30 -22.27
N ALA I 91 -15.68 -30.47 -21.49
CA ALA I 91 -15.41 -30.79 -20.08
C ALA I 91 -16.69 -30.65 -19.26
N ILE I 92 -16.90 -31.56 -18.30
CA ILE I 92 -18.04 -31.48 -17.41
C ILE I 92 -17.61 -31.36 -15.94
N SER I 93 -16.33 -31.12 -15.71
CA SER I 93 -15.80 -30.76 -14.40
C SER I 93 -14.74 -29.69 -14.63
N LYS I 94 -14.46 -28.88 -13.62
CA LYS I 94 -13.35 -27.95 -13.84
C LYS I 94 -12.02 -28.70 -13.75
N PRO I 95 -10.97 -28.14 -14.40
CA PRO I 95 -9.68 -28.83 -14.44
C PRO I 95 -9.15 -28.96 -13.02
N GLU I 96 -8.73 -30.16 -12.65
CA GLU I 96 -8.06 -30.34 -11.36
C GLU I 96 -6.58 -30.36 -11.64
N VAL I 97 -5.90 -29.26 -11.32
CA VAL I 97 -4.47 -29.15 -11.58
C VAL I 97 -3.71 -29.92 -10.50
N LEU I 98 -2.96 -30.93 -10.90
CA LEU I 98 -2.28 -31.81 -9.94
C LEU I 98 -0.89 -31.33 -9.52
N THR I 99 -0.33 -30.39 -10.29
CA THR I 99 1.07 -30.02 -10.14
C THR I 99 1.27 -28.55 -9.75
N PRO I 100 2.46 -28.20 -9.26
CA PRO I 100 2.77 -26.80 -8.94
C PRO I 100 2.51 -25.89 -10.15
N GLN I 101 1.81 -24.79 -9.92
CA GLN I 101 1.43 -23.93 -11.02
C GLN I 101 2.55 -22.95 -11.37
N LEU I 102 3.61 -23.50 -11.95
CA LEU I 102 4.77 -22.75 -12.38
C LEU I 102 4.99 -22.97 -13.86
N ALA I 103 5.29 -21.89 -14.58
CA ALA I 103 5.68 -21.96 -15.97
C ALA I 103 7.19 -21.73 -16.09
N ARG I 104 7.76 -22.21 -17.17
CA ARG I 104 9.17 -22.00 -17.46
C ARG I 104 9.23 -20.90 -18.50
N VAL I 105 9.99 -19.85 -18.21
CA VAL I 105 10.14 -18.70 -19.10
C VAL I 105 11.59 -18.61 -19.59
N VAL I 106 11.74 -18.52 -20.91
CA VAL I 106 13.04 -18.43 -21.56
C VAL I 106 13.35 -16.95 -21.81
N SER I 107 14.62 -16.62 -21.89
CA SER I 107 15.05 -15.22 -21.97
C SER I 107 14.56 -14.48 -23.22
N ASP I 108 14.23 -15.20 -24.28
CA ASP I 108 13.66 -14.57 -25.47
C ASP I 108 12.14 -14.32 -25.34
N GLY I 109 11.56 -14.66 -24.19
CA GLY I 109 10.14 -14.45 -23.96
C GLY I 109 9.23 -15.66 -24.16
N GLU I 110 9.79 -16.78 -24.57
CA GLU I 110 8.95 -17.95 -24.73
C GLU I 110 8.52 -18.45 -23.35
N VAL I 111 7.24 -18.79 -23.22
CA VAL I 111 6.71 -19.34 -21.97
C VAL I 111 6.22 -20.78 -22.21
N LEU I 112 6.57 -21.68 -21.30
CA LEU I 112 6.10 -23.06 -21.38
C LEU I 112 5.40 -23.47 -20.09
N TYR I 113 4.09 -23.67 -20.17
CA TYR I 113 3.30 -24.08 -19.02
C TYR I 113 2.74 -25.49 -19.28
N MET I 114 3.14 -26.45 -18.44
CA MET I 114 2.84 -27.85 -18.71
C MET I 114 2.35 -28.57 -17.48
N PRO I 115 1.12 -28.26 -17.06
CA PRO I 115 0.58 -28.86 -15.84
C PRO I 115 0.03 -30.24 -16.12
N SER I 116 0.05 -31.09 -15.11
CA SER I 116 -0.68 -32.34 -15.17
C SER I 116 -2.08 -32.07 -14.66
N ILE I 117 -3.07 -32.48 -15.44
CA ILE I 117 -4.46 -32.17 -15.16
C ILE I 117 -5.36 -33.42 -15.12
N ARG I 118 -6.23 -33.49 -14.13
CA ARG I 118 -7.27 -34.48 -14.10
C ARG I 118 -8.62 -33.82 -14.39
N GLN I 119 -9.35 -34.31 -15.38
CA GLN I 119 -10.62 -33.70 -15.74
C GLN I 119 -11.59 -34.72 -16.35
N ARG I 120 -12.88 -34.48 -16.17
CA ARG I 120 -13.91 -35.35 -16.73
CA ARG I 120 -13.92 -35.35 -16.72
C ARG I 120 -14.51 -34.73 -17.98
N PHE I 121 -14.79 -35.57 -18.96
CA PHE I 121 -15.32 -35.15 -20.25
C PHE I 121 -16.53 -35.96 -20.71
N SER I 122 -17.39 -35.28 -21.46
CA SER I 122 -18.46 -35.91 -22.19
C SER I 122 -17.96 -36.22 -23.60
N CYS I 123 -17.98 -37.50 -23.96
CA CYS I 123 -17.58 -37.90 -25.31
C CYS I 123 -18.01 -39.34 -25.68
N ASP I 124 -17.71 -39.74 -26.91
CA ASP I 124 -18.15 -41.03 -27.41
C ASP I 124 -17.36 -42.17 -26.79
N VAL I 125 -18.01 -42.93 -25.92
CA VAL I 125 -17.35 -44.05 -25.26
C VAL I 125 -17.72 -45.40 -25.92
N SER I 126 -18.60 -45.38 -26.91
CA SER I 126 -19.00 -46.62 -27.54
C SER I 126 -17.82 -47.34 -28.18
N GLY I 127 -17.81 -48.67 -28.04
CA GLY I 127 -16.75 -49.50 -28.59
C GLY I 127 -15.52 -49.67 -27.72
N VAL I 128 -15.56 -49.13 -26.50
CA VAL I 128 -14.40 -49.17 -25.62
C VAL I 128 -13.92 -50.59 -25.33
N ASP I 129 -14.78 -51.58 -25.53
CA ASP I 129 -14.43 -52.95 -25.17
C ASP I 129 -14.17 -53.84 -26.40
N THR I 130 -14.10 -53.23 -27.58
CA THR I 130 -13.82 -53.94 -28.83
C THR I 130 -12.38 -53.73 -29.24
N GLU I 131 -11.98 -54.42 -30.30
CA GLU I 131 -10.62 -54.37 -30.81
C GLU I 131 -10.20 -52.96 -31.25
N SER I 132 -11.12 -52.27 -31.95
CA SER I 132 -10.85 -50.99 -32.57
C SER I 132 -10.99 -49.84 -31.56
N GLY I 133 -11.73 -50.12 -30.49
CA GLY I 133 -11.78 -49.24 -29.35
C GLY I 133 -12.74 -48.07 -29.48
N ALA I 134 -12.72 -47.21 -28.47
CA ALA I 134 -13.54 -46.01 -28.48
C ALA I 134 -12.70 -44.83 -28.96
N THR I 135 -13.35 -43.79 -29.46
CA THR I 135 -12.65 -42.56 -29.81
C THR I 135 -13.27 -41.38 -29.09
N CYS I 136 -12.55 -40.86 -28.12
CA CYS I 136 -13.00 -39.73 -27.32
C CYS I 136 -12.34 -38.47 -27.86
N ARG I 137 -13.16 -37.45 -28.13
CA ARG I 137 -12.71 -36.20 -28.75
C ARG I 137 -12.73 -35.04 -27.76
N ILE I 138 -11.59 -34.42 -27.57
CA ILE I 138 -11.49 -33.26 -26.70
C ILE I 138 -11.17 -32.00 -27.51
N LYS I 139 -12.08 -31.04 -27.42
CA LYS I 139 -11.96 -29.76 -28.10
C LYS I 139 -11.45 -28.68 -27.12
N ILE I 140 -10.31 -28.09 -27.42
CA ILE I 140 -9.73 -27.06 -26.57
C ILE I 140 -9.42 -25.79 -27.35
N GLY I 141 -9.91 -24.66 -26.86
CA GLY I 141 -9.57 -23.37 -27.46
C GLY I 141 -9.75 -22.22 -26.50
N SER I 142 -9.39 -21.03 -26.96
CA SER I 142 -9.58 -19.82 -26.18
C SER I 142 -11.06 -19.56 -25.96
N TRP I 143 -11.43 -19.31 -24.72
CA TRP I 143 -12.83 -19.03 -24.40
C TRP I 143 -13.31 -17.69 -24.94
N THR I 144 -12.49 -16.64 -24.84
CA THR I 144 -12.95 -15.28 -25.17
C THR I 144 -12.15 -14.53 -26.23
N HIS I 145 -11.05 -15.12 -26.69
CA HIS I 145 -10.22 -14.47 -27.71
C HIS I 145 -10.41 -15.11 -29.09
N HIS I 146 -10.84 -14.31 -30.06
CA HIS I 146 -11.04 -14.79 -31.42
C HIS I 146 -9.71 -14.97 -32.16
N SER I 147 -9.79 -15.38 -33.42
CA SER I 147 -8.59 -15.81 -34.15
C SER I 147 -7.56 -14.71 -34.47
N ARG I 148 -7.96 -13.44 -34.43
CA ARG I 148 -7.02 -12.37 -34.66
C ARG I 148 -6.28 -12.00 -33.37
N GLU I 149 -6.66 -12.63 -32.26
CA GLU I 149 -6.03 -12.35 -30.97
C GLU I 149 -5.30 -13.57 -30.44
N ILE I 150 -5.92 -14.73 -30.56
CA ILE I 150 -5.25 -15.98 -30.19
C ILE I 150 -5.45 -17.03 -31.27
N SER I 151 -4.36 -17.60 -31.76
CA SER I 151 -4.46 -18.77 -32.63
C SER I 151 -3.96 -19.98 -31.85
N VAL I 152 -4.63 -21.11 -32.02
CA VAL I 152 -4.21 -22.32 -31.34
C VAL I 152 -3.73 -23.33 -32.34
N ASP I 153 -2.59 -23.94 -32.04
CA ASP I 153 -1.95 -24.84 -32.99
C ASP I 153 -1.52 -26.10 -32.26
N PRO I 154 -1.69 -27.24 -32.93
CA PRO I 154 -1.15 -28.50 -32.43
C PRO I 154 0.27 -28.67 -32.96
N THR I 155 1.13 -29.28 -32.17
CA THR I 155 2.47 -29.65 -32.61
C THR I 155 2.39 -30.95 -33.39
N THR I 156 3.50 -31.39 -33.96
CA THR I 156 3.61 -32.75 -34.50
C THR I 156 4.93 -33.42 -34.08
N ASN I 158 7.17 -36.33 -31.73
CA ASN I 158 6.68 -36.96 -30.49
C ASN I 158 5.61 -37.99 -30.82
N SER I 159 5.95 -38.97 -31.66
CA SER I 159 4.90 -39.83 -32.22
C SER I 159 4.49 -41.08 -31.42
N ASP I 160 5.19 -41.37 -30.33
CA ASP I 160 4.71 -42.42 -29.42
C ASP I 160 3.64 -41.83 -28.48
N ASP I 161 2.41 -42.25 -28.69
CA ASP I 161 1.26 -41.72 -27.96
C ASP I 161 1.22 -42.21 -26.53
N SER I 162 1.86 -43.35 -26.27
CA SER I 162 1.84 -43.95 -24.95
C SER I 162 3.09 -43.64 -24.15
N GLU I 163 3.92 -42.71 -24.64
CA GLU I 163 5.21 -42.46 -24.00
C GLU I 163 5.12 -42.18 -22.49
N TYR I 164 4.10 -41.43 -22.07
CA TYR I 164 3.93 -41.11 -20.65
C TYR I 164 2.71 -41.82 -20.05
N PHE I 165 2.05 -42.64 -20.87
CA PHE I 165 0.81 -43.28 -20.43
C PHE I 165 1.10 -44.37 -19.40
N SER I 166 0.37 -44.36 -18.30
CA SER I 166 0.57 -45.34 -17.23
C SER I 166 0.32 -46.79 -17.68
N GLN I 167 1.29 -47.66 -17.40
CA GLN I 167 1.16 -49.08 -17.70
C GLN I 167 0.13 -49.74 -16.79
N TYR I 168 -0.32 -49.02 -15.76
CA TYR I 168 -1.22 -49.61 -14.76
C TYR I 168 -2.70 -49.27 -14.95
N SER I 169 -3.00 -48.44 -15.93
CA SER I 169 -4.37 -48.14 -16.32
C SER I 169 -5.07 -49.43 -16.76
N ARG I 170 -6.40 -49.49 -16.61
CA ARG I 170 -7.16 -50.61 -17.17
C ARG I 170 -7.30 -50.45 -18.68
N PHE I 171 -6.90 -49.30 -19.19
CA PHE I 171 -7.02 -49.01 -20.60
C PHE I 171 -5.67 -48.85 -21.28
N GLU I 172 -5.68 -48.94 -22.61
CA GLU I 172 -4.49 -48.69 -23.39
C GLU I 172 -4.83 -47.75 -24.54
N ILE I 173 -3.85 -46.97 -24.96
CA ILE I 173 -4.06 -46.01 -26.03
C ILE I 173 -3.66 -46.61 -27.37
N LEU I 174 -4.58 -46.56 -28.33
CA LEU I 174 -4.30 -47.07 -29.66
C LEU I 174 -3.71 -45.97 -30.54
N ASP I 175 -4.18 -44.74 -30.32
CA ASP I 175 -3.78 -43.62 -31.17
C ASP I 175 -4.32 -42.29 -30.65
N VAL I 176 -3.54 -41.24 -30.83
CA VAL I 176 -3.95 -39.88 -30.53
C VAL I 176 -3.70 -38.98 -31.74
N THR I 177 -4.75 -38.35 -32.25
CA THR I 177 -4.59 -37.39 -33.34
C THR I 177 -5.12 -36.02 -32.96
N GLN I 178 -4.56 -35.00 -33.60
CA GLN I 178 -4.86 -33.62 -33.25
C GLN I 178 -5.19 -32.81 -34.50
N LYS I 179 -6.31 -32.11 -34.46
CA LYS I 179 -6.82 -31.34 -35.60
C LYS I 179 -7.04 -29.89 -35.15
N LYS I 180 -6.71 -28.93 -36.00
CA LYS I 180 -7.06 -27.55 -35.70
C LYS I 180 -8.39 -27.17 -36.35
N ASN I 181 -9.25 -26.50 -35.58
CA ASN I 181 -10.48 -25.94 -36.15
C ASN I 181 -10.57 -24.42 -36.02
N SER I 182 -11.37 -23.84 -36.91
CA SER I 182 -11.68 -22.41 -36.85
C SER I 182 -13.16 -22.26 -37.12
N VAL I 183 -13.93 -21.98 -36.06
CA VAL I 183 -15.37 -22.06 -36.11
C VAL I 183 -16.01 -20.71 -35.84
N THR I 184 -17.07 -20.41 -36.58
CA THR I 184 -17.95 -19.32 -36.23
C THR I 184 -19.19 -19.87 -35.53
N TYR I 185 -19.50 -19.28 -34.38
CA TYR I 185 -20.67 -19.61 -33.60
C TYR I 185 -21.78 -18.62 -33.97
N SER I 186 -23.03 -19.04 -33.84
CA SER I 186 -24.15 -18.17 -34.18
C SER I 186 -24.12 -16.83 -33.43
N CYS I 187 -23.64 -16.84 -32.19
CA CYS I 187 -23.69 -15.66 -31.33
C CYS I 187 -22.52 -14.66 -31.43
N CYS I 188 -21.54 -14.92 -32.30
CA CYS I 188 -20.40 -14.00 -32.46
C CYS I 188 -19.92 -13.99 -33.92
N PRO I 189 -19.53 -12.81 -34.43
CA PRO I 189 -19.20 -12.73 -35.87
C PRO I 189 -17.78 -13.19 -36.19
N GLU I 190 -16.90 -13.20 -35.18
CA GLU I 190 -15.48 -13.59 -35.38
C GLU I 190 -15.26 -15.10 -35.33
N ALA I 191 -14.16 -15.56 -35.93
CA ALA I 191 -13.80 -16.98 -35.84
C ALA I 191 -13.00 -17.26 -34.57
N TYR I 192 -13.26 -18.41 -33.95
CA TYR I 192 -12.49 -18.87 -32.80
C TYR I 192 -11.81 -20.18 -33.10
N GLU I 193 -10.52 -20.25 -32.77
CA GLU I 193 -9.75 -21.44 -33.08
C GLU I 193 -9.77 -22.42 -31.93
N ASP I 194 -9.73 -23.71 -32.26
CA ASP I 194 -9.61 -24.74 -31.25
C ASP I 194 -8.73 -25.86 -31.78
N VAL I 195 -8.21 -26.65 -30.86
CA VAL I 195 -7.57 -27.90 -31.21
C VAL I 195 -8.48 -29.02 -30.78
N GLU I 196 -8.71 -29.95 -31.69
CA GLU I 196 -9.50 -31.13 -31.38
C GLU I 196 -8.57 -32.34 -31.22
N VAL I 197 -8.55 -32.92 -30.04
CA VAL I 197 -7.69 -34.08 -29.76
C VAL I 197 -8.54 -35.36 -29.74
N SER I 198 -8.23 -36.29 -30.64
CA SER I 198 -8.95 -37.56 -30.71
C SER I 198 -8.18 -38.69 -30.04
N LEU I 199 -8.74 -39.17 -28.93
CA LEU I 199 -8.11 -40.26 -28.18
C LEU I 199 -8.78 -41.59 -28.52
N ASN I 200 -8.06 -42.45 -29.22
CA ASN I 200 -8.54 -43.79 -29.56
C ASN I 200 -7.98 -44.76 -28.54
N PHE I 201 -8.86 -45.36 -27.73
CA PHE I 201 -8.42 -46.20 -26.62
C PHE I 201 -9.35 -47.38 -26.43
N ARG I 202 -8.90 -48.38 -25.70
CA ARG I 202 -9.75 -49.53 -25.39
C ARG I 202 -9.41 -50.14 -24.03
N LYS I 203 -10.34 -50.93 -23.50
CA LYS I 203 -10.10 -51.68 -22.29
C LYS I 203 -9.14 -52.84 -22.59
N LYS I 204 -8.18 -53.06 -21.72
CA LYS I 204 -7.28 -54.21 -21.86
C LYS I 204 -8.02 -55.48 -21.44
N GLY I 205 -7.79 -56.57 -22.17
CA GLY I 205 -8.45 -57.83 -21.88
C GLY I 205 -7.72 -58.68 -20.86
N LEU J 1 -4.63 4.58 -27.47
CA LEU J 1 -4.71 3.56 -26.44
C LEU J 1 -4.46 2.18 -27.01
N ASP J 2 -3.56 1.43 -26.39
CA ASP J 2 -3.44 0.02 -26.71
C ASP J 2 -4.13 -0.78 -25.60
N ARG J 3 -4.18 -2.10 -25.75
CA ARG J 3 -4.86 -2.95 -24.79
C ARG J 3 -4.30 -2.80 -23.37
N ALA J 4 -2.98 -2.69 -23.26
CA ALA J 4 -2.34 -2.51 -21.96
C ALA J 4 -2.85 -1.27 -21.23
N ASP J 5 -3.02 -0.17 -21.95
CA ASP J 5 -3.54 1.05 -21.35
C ASP J 5 -5.01 0.90 -20.93
N ILE J 6 -5.81 0.34 -21.82
CA ILE J 6 -7.22 0.12 -21.54
C ILE J 6 -7.40 -0.72 -20.27
N LEU J 7 -6.69 -1.83 -20.18
CA LEU J 7 -6.80 -2.72 -19.03
C LEU J 7 -6.23 -2.09 -17.76
N TYR J 8 -5.15 -1.33 -17.88
CA TYR J 8 -4.63 -0.58 -16.75
C TYR J 8 -5.72 0.37 -16.23
N ASN J 9 -6.33 1.14 -17.12
CA ASN J 9 -7.37 2.10 -16.73
C ASN J 9 -8.56 1.44 -16.04
N ILE J 10 -9.03 0.33 -16.61
CA ILE J 10 -10.12 -0.42 -16.02
C ILE J 10 -9.73 -0.95 -14.62
N ARG J 11 -8.57 -1.59 -14.52
CA ARG J 11 -8.09 -2.09 -13.24
C ARG J 11 -7.95 -0.99 -12.17
N GLN J 12 -7.40 0.16 -12.59
CA GLN J 12 -7.18 1.28 -11.68
C GLN J 12 -8.46 1.99 -11.22
N THR J 13 -9.54 1.89 -11.98
CA THR J 13 -10.78 2.59 -11.64
C THR J 13 -11.99 1.66 -11.50
N SER J 14 -11.72 0.47 -10.94
CA SER J 14 -12.65 -0.65 -10.88
C SER J 14 -14.09 -0.34 -10.44
N ARG J 15 -14.28 -0.29 -9.12
CA ARG J 15 -15.61 -0.14 -8.54
C ARG J 15 -16.48 -1.38 -8.78
N PRO J 16 -15.91 -2.56 -8.57
CA PRO J 16 -16.63 -3.82 -8.76
C PRO J 16 -17.88 -3.89 -7.88
N ASP J 17 -17.89 -3.14 -6.78
CA ASP J 17 -19.02 -3.18 -5.86
C ASP J 17 -20.13 -2.19 -6.22
N VAL J 18 -19.90 -1.37 -7.24
CA VAL J 18 -20.83 -0.29 -7.58
C VAL J 18 -21.67 -0.59 -8.83
N ILE J 19 -22.97 -0.77 -8.64
CA ILE J 19 -23.87 -1.00 -9.76
C ILE J 19 -23.83 0.23 -10.68
N PRO J 20 -23.61 0.00 -11.98
CA PRO J 20 -23.43 1.13 -12.90
C PRO J 20 -24.76 1.66 -13.43
N THR J 21 -25.67 2.02 -12.53
CA THR J 21 -26.94 2.61 -12.93
C THR J 21 -26.70 3.98 -13.53
N GLN J 22 -27.51 4.34 -14.52
CA GLN J 22 -27.49 5.68 -15.09
C GLN J 22 -28.82 6.39 -14.90
N ARG J 23 -28.78 7.58 -14.30
CA ARG J 23 -29.96 8.43 -14.18
C ARG J 23 -31.06 7.78 -13.34
N ASP J 24 -30.65 6.89 -12.44
CA ASP J 24 -31.62 6.16 -11.62
C ASP J 24 -32.48 5.21 -12.46
N ARG J 25 -32.08 5.01 -13.71
CA ARG J 25 -32.70 4.00 -14.55
C ARG J 25 -31.99 2.66 -14.31
N PRO J 26 -32.71 1.56 -14.50
CA PRO J 26 -32.14 0.27 -14.16
C PRO J 26 -30.99 -0.10 -15.11
N VAL J 27 -30.05 -0.90 -14.63
CA VAL J 27 -29.11 -1.56 -15.53
C VAL J 27 -29.88 -2.69 -16.25
N ALA J 28 -29.92 -2.63 -17.58
CA ALA J 28 -30.61 -3.68 -18.36
C ALA J 28 -29.70 -4.87 -18.55
N VAL J 29 -30.06 -5.99 -17.94
CA VAL J 29 -29.26 -7.19 -18.03
C VAL J 29 -29.96 -8.23 -18.90
N SER J 30 -29.29 -8.70 -19.94
CA SER J 30 -29.80 -9.77 -20.77
C SER J 30 -29.25 -11.07 -20.28
N VAL J 31 -30.13 -12.05 -20.16
CA VAL J 31 -29.73 -13.38 -19.71
C VAL J 31 -30.38 -14.43 -20.59
N SER J 32 -29.59 -15.41 -20.97
CA SER J 32 -30.04 -16.51 -21.81
C SER J 32 -29.17 -17.77 -21.57
N LEU J 33 -29.80 -18.93 -21.52
CA LEU J 33 -29.06 -20.15 -21.26
C LEU J 33 -28.97 -20.99 -22.52
N LYS J 34 -27.76 -21.43 -22.88
CA LYS J 34 -27.58 -22.36 -23.99
C LYS J 34 -27.16 -23.68 -23.38
N PHE J 35 -28.03 -24.67 -23.47
CA PHE J 35 -27.74 -25.94 -22.82
C PHE J 35 -26.69 -26.73 -23.58
N ILE J 36 -25.68 -27.17 -22.84
CA ILE J 36 -24.59 -27.96 -23.38
C ILE J 36 -24.79 -29.44 -23.10
N ASN J 37 -25.29 -29.76 -21.91
CA ASN J 37 -25.42 -31.16 -21.50
C ASN J 37 -26.39 -31.32 -20.34
N ILE J 38 -27.02 -32.50 -20.28
CA ILE J 38 -27.81 -32.94 -19.15
C ILE J 38 -27.18 -34.24 -18.67
N LEU J 39 -26.64 -34.23 -17.45
CA LEU J 39 -25.71 -35.25 -17.00
C LEU J 39 -26.37 -36.29 -16.13
N GLU J 40 -27.31 -35.83 -15.32
CA GLU J 40 -27.97 -36.72 -14.38
C GLU J 40 -29.37 -36.21 -14.12
N VAL J 41 -30.31 -37.14 -14.08
CA VAL J 41 -31.69 -36.82 -13.84
C VAL J 41 -32.22 -37.84 -12.84
N ASN J 42 -32.95 -37.37 -11.85
CA ASN J 42 -33.53 -38.27 -10.88
C ASN J 42 -35.02 -38.02 -10.79
N GLU J 43 -35.79 -38.93 -11.38
CA GLU J 43 -37.24 -38.77 -11.47
C GLU J 43 -37.92 -38.92 -10.11
N ILE J 44 -37.25 -39.64 -9.21
CA ILE J 44 -37.76 -39.86 -7.86
C ILE J 44 -37.55 -38.67 -6.93
N THR J 45 -36.37 -38.03 -7.01
CA THR J 45 -36.06 -36.87 -6.19
C THR J 45 -36.37 -35.52 -6.88
N ASN J 46 -36.70 -35.56 -8.17
CA ASN J 46 -36.91 -34.34 -8.94
C ASN J 46 -35.69 -33.43 -8.92
N GLU J 47 -34.55 -34.02 -9.23
CA GLU J 47 -33.29 -33.27 -9.34
C GLU J 47 -32.62 -33.49 -10.70
N VAL J 48 -31.99 -32.46 -11.21
CA VAL J 48 -31.25 -32.58 -12.47
C VAL J 48 -29.89 -31.91 -12.33
N ASP J 49 -28.91 -32.46 -13.04
CA ASP J 49 -27.53 -31.96 -13.06
C ASP J 49 -27.30 -31.51 -14.50
N VAL J 50 -27.10 -30.22 -14.72
CA VAL J 50 -27.03 -29.71 -16.08
C VAL J 50 -25.80 -28.86 -16.34
N VAL J 51 -25.36 -28.81 -17.61
CA VAL J 51 -24.29 -27.91 -18.03
C VAL J 51 -24.81 -26.93 -19.07
N PHE J 52 -24.63 -25.63 -18.84
CA PHE J 52 -25.13 -24.59 -19.75
C PHE J 52 -24.15 -23.41 -19.87
N TRP J 53 -24.17 -22.74 -21.02
CA TRP J 53 -23.57 -21.40 -21.13
C TRP J 53 -24.58 -20.33 -20.68
N GLN J 54 -24.22 -19.59 -19.64
CA GLN J 54 -25.03 -18.45 -19.16
C GLN J 54 -24.59 -17.14 -19.81
N GLN J 55 -25.15 -16.88 -20.98
CA GLN J 55 -24.85 -15.70 -21.76
C GLN J 55 -25.47 -14.48 -21.07
N THR J 56 -24.61 -13.62 -20.56
CA THR J 56 -25.03 -12.50 -19.74
C THR J 56 -24.47 -11.22 -20.34
N THR J 57 -25.32 -10.22 -20.47
CA THR J 57 -24.98 -8.98 -21.14
C THR J 57 -25.52 -7.81 -20.37
N TRP J 58 -24.72 -6.77 -20.23
CA TRP J 58 -25.18 -5.50 -19.67
C TRP J 58 -24.25 -4.36 -20.10
N SER J 59 -24.67 -3.14 -19.80
CA SER J 59 -23.89 -1.95 -20.13
C SER J 59 -23.30 -1.33 -18.86
N ASP J 60 -22.00 -0.99 -18.91
CA ASP J 60 -21.37 -0.19 -17.85
C ASP J 60 -20.53 0.95 -18.45
N ARG J 61 -21.13 2.13 -18.55
CA ARG J 61 -20.51 3.27 -19.23
C ARG J 61 -19.19 3.74 -18.63
N THR J 62 -18.97 3.44 -17.35
CA THR J 62 -17.70 3.81 -16.72
C THR J 62 -16.51 3.05 -17.30
N LEU J 63 -16.76 1.99 -18.06
CA LEU J 63 -15.69 1.25 -18.70
C LEU J 63 -15.38 1.77 -20.10
N ALA J 64 -16.25 2.61 -20.65
CA ALA J 64 -16.13 3.05 -22.06
C ALA J 64 -14.82 3.80 -22.33
N TRP J 65 -14.32 3.66 -23.55
CA TRP J 65 -13.16 4.41 -23.99
C TRP J 65 -13.31 4.85 -25.45
N ASN J 66 -12.60 5.89 -25.83
CA ASN J 66 -12.55 6.32 -27.23
C ASN J 66 -11.76 5.30 -28.06
N SER J 67 -12.42 4.64 -29.00
CA SER J 67 -11.75 3.58 -29.76
C SER J 67 -11.44 3.97 -31.20
N SER J 68 -11.42 5.27 -31.47
CA SER J 68 -11.18 5.76 -32.83
C SER J 68 -9.91 5.16 -33.46
N HIS J 69 -8.83 5.10 -32.70
CA HIS J 69 -7.58 4.49 -33.18
C HIS J 69 -7.07 3.48 -32.17
N SER J 70 -7.99 2.66 -31.68
CA SER J 70 -7.70 1.73 -30.60
C SER J 70 -8.50 0.45 -30.78
N PRO J 71 -8.08 -0.61 -30.08
CA PRO J 71 -8.86 -1.85 -30.02
C PRO J 71 -10.25 -1.52 -29.54
N ASP J 72 -11.28 -2.08 -30.14
CA ASP J 72 -12.63 -1.80 -29.67
C ASP J 72 -13.18 -2.86 -28.70
N GLN J 73 -12.38 -3.88 -28.39
CA GLN J 73 -12.74 -4.86 -27.38
C GLN J 73 -11.53 -5.38 -26.63
N VAL J 74 -11.72 -5.70 -25.35
CA VAL J 74 -10.72 -6.41 -24.55
C VAL J 74 -11.39 -7.47 -23.67
N SER J 75 -10.62 -8.48 -23.26
CA SER J 75 -11.05 -9.44 -22.26
C SER J 75 -10.58 -9.00 -20.88
N VAL J 76 -11.47 -9.08 -19.90
CA VAL J 76 -11.22 -8.57 -18.56
C VAL J 76 -11.67 -9.57 -17.48
N PRO J 77 -10.82 -9.81 -16.47
CA PRO J 77 -11.25 -10.67 -15.35
C PRO J 77 -12.48 -10.08 -14.67
N ILE J 78 -13.51 -10.89 -14.40
CA ILE J 78 -14.72 -10.34 -13.78
C ILE J 78 -14.46 -9.80 -12.38
N SER J 79 -13.34 -10.19 -11.79
CA SER J 79 -12.98 -9.64 -10.48
C SER J 79 -12.70 -8.13 -10.56
N SER J 80 -12.39 -7.64 -11.76
CA SER J 80 -12.15 -6.21 -11.95
C SER J 80 -13.40 -5.45 -12.44
N LEU J 81 -14.55 -6.13 -12.47
CA LEU J 81 -15.76 -5.53 -13.01
C LEU J 81 -16.91 -5.70 -12.06
N TRP J 82 -17.85 -4.77 -12.09
CA TRP J 82 -19.15 -5.05 -11.48
C TRP J 82 -19.83 -6.13 -12.32
N VAL J 83 -20.41 -7.14 -11.66
CA VAL J 83 -21.25 -8.11 -12.35
C VAL J 83 -22.60 -8.18 -11.64
N PRO J 84 -23.69 -8.37 -12.40
CA PRO J 84 -25.02 -8.50 -11.78
C PRO J 84 -25.06 -9.70 -10.84
N ASP J 85 -25.76 -9.55 -9.72
CA ASP J 85 -25.79 -10.58 -8.68
C ASP J 85 -26.91 -11.61 -8.96
N LEU J 86 -26.84 -12.26 -10.11
CA LEU J 86 -27.85 -13.25 -10.52
C LEU J 86 -27.74 -14.56 -9.75
N ALA J 87 -28.89 -15.17 -9.48
CA ALA J 87 -28.95 -16.49 -8.88
C ALA J 87 -30.12 -17.26 -9.43
N ALA J 88 -29.96 -18.58 -9.53
CA ALA J 88 -31.06 -19.47 -9.86
C ALA J 88 -31.80 -19.81 -8.58
N TYR J 89 -33.08 -19.47 -8.53
CA TYR J 89 -33.87 -19.67 -7.30
C TYR J 89 -34.06 -21.14 -6.92
N ASN J 90 -34.08 -22.04 -7.89
CA ASN J 90 -34.28 -23.46 -7.59
C ASN J 90 -33.01 -24.29 -7.71
N ALA J 91 -31.85 -23.63 -7.70
CA ALA J 91 -30.57 -24.32 -7.64
C ALA J 91 -30.40 -24.96 -6.27
N ILE J 92 -29.78 -26.14 -6.25
CA ILE J 92 -29.52 -26.82 -4.97
C ILE J 92 -28.04 -27.11 -4.79
N SER J 93 -27.22 -26.56 -5.69
CA SER J 93 -25.78 -26.55 -5.52
C SER J 93 -25.30 -25.19 -5.97
N LYS J 94 -24.13 -24.75 -5.51
CA LYS J 94 -23.62 -23.50 -6.05
C LYS J 94 -23.11 -23.71 -7.48
N PRO J 95 -23.12 -22.63 -8.28
CA PRO J 95 -22.69 -22.78 -9.68
C PRO J 95 -21.25 -23.26 -9.72
N GLU J 96 -20.97 -24.28 -10.52
CA GLU J 96 -19.58 -24.69 -10.74
C GLU J 96 -19.15 -24.09 -12.06
N VAL J 97 -18.35 -23.02 -12.00
CA VAL J 97 -17.93 -22.35 -13.22
C VAL J 97 -16.79 -23.13 -13.87
N LEU J 98 -17.00 -23.60 -15.09
CA LEU J 98 -16.05 -24.49 -15.75
C LEU J 98 -14.99 -23.76 -16.56
N THR J 99 -15.23 -22.49 -16.85
CA THR J 99 -14.38 -21.75 -17.78
C THR J 99 -13.66 -20.57 -17.12
N PRO J 100 -12.65 -20.00 -17.80
CA PRO J 100 -11.96 -18.82 -17.29
C PRO J 100 -12.93 -17.67 -17.07
N GLN J 101 -12.91 -17.07 -15.90
CA GLN J 101 -13.88 -16.03 -15.57
C GLN J 101 -13.46 -14.66 -16.16
N LEU J 102 -13.44 -14.60 -17.49
CA LEU J 102 -13.13 -13.39 -18.23
C LEU J 102 -14.37 -12.93 -18.97
N ALA J 103 -14.61 -11.63 -18.95
CA ALA J 103 -15.69 -11.01 -19.71
C ALA J 103 -15.12 -10.22 -20.89
N ARG J 104 -15.92 -10.04 -21.92
CA ARG J 104 -15.52 -9.25 -23.06
C ARG J 104 -16.13 -7.85 -22.89
N VAL J 105 -15.29 -6.84 -22.97
CA VAL J 105 -15.76 -5.46 -22.79
C VAL J 105 -15.56 -4.71 -24.09
N VAL J 106 -16.63 -4.11 -24.59
CA VAL J 106 -16.60 -3.30 -25.82
C VAL J 106 -16.39 -1.84 -25.47
N SER J 107 -15.84 -1.06 -26.39
CA SER J 107 -15.42 0.32 -26.11
C SER J 107 -16.57 1.25 -25.71
N ASP J 108 -17.80 0.89 -26.07
CA ASP J 108 -18.93 1.72 -25.68
C ASP J 108 -19.42 1.37 -24.27
N GLY J 109 -18.77 0.40 -23.62
CA GLY J 109 -19.13 0.01 -22.27
C GLY J 109 -19.96 -1.27 -22.15
N GLU J 110 -20.27 -1.88 -23.29
CA GLU J 110 -21.03 -3.12 -23.25
C GLU J 110 -20.17 -4.27 -22.69
N VAL J 111 -20.71 -4.99 -21.72
CA VAL J 111 -20.00 -6.12 -21.14
C VAL J 111 -20.69 -7.43 -21.53
N LEU J 112 -19.89 -8.41 -21.96
CA LEU J 112 -20.45 -9.70 -22.32
C LEU J 112 -19.70 -10.80 -21.57
N TYR J 113 -20.40 -11.47 -20.68
CA TYR J 113 -19.84 -12.55 -19.88
C TYR J 113 -20.62 -13.83 -20.17
N MET J 114 -19.92 -14.89 -20.57
CA MET J 114 -20.59 -16.15 -20.92
C MET J 114 -19.83 -17.37 -20.40
N PRO J 115 -19.95 -17.64 -19.12
CA PRO J 115 -19.25 -18.79 -18.55
C PRO J 115 -20.03 -20.06 -18.84
N SER J 116 -19.31 -21.18 -18.90
CA SER J 116 -19.95 -22.48 -18.91
C SER J 116 -20.10 -22.92 -17.46
N ILE J 117 -21.32 -23.31 -17.11
CA ILE J 117 -21.66 -23.61 -15.73
C ILE J 117 -22.26 -25.01 -15.55
N ARG J 118 -21.80 -25.74 -14.55
CA ARG J 118 -22.46 -26.95 -14.16
C ARG J 118 -23.19 -26.72 -12.84
N GLN J 119 -24.47 -27.07 -12.78
CA GLN J 119 -25.27 -26.82 -11.59
C GLN J 119 -26.43 -27.80 -11.44
N ARG J 120 -26.77 -28.11 -10.20
CA ARG J 120 -27.88 -28.99 -9.87
CA ARG J 120 -27.88 -28.99 -9.90
C ARG J 120 -29.13 -28.17 -9.55
N PHE J 121 -30.30 -28.65 -9.99
CA PHE J 121 -31.56 -27.97 -9.75
C PHE J 121 -32.65 -28.91 -9.26
N SER J 122 -33.56 -28.32 -8.49
CA SER J 122 -34.78 -28.99 -8.12
C SER J 122 -35.85 -28.55 -9.12
N CYS J 123 -36.43 -29.51 -9.82
CA CYS J 123 -37.51 -29.19 -10.75
C CYS J 123 -38.30 -30.44 -11.20
N ASP J 124 -39.33 -30.21 -12.01
CA ASP J 124 -40.23 -31.29 -12.43
C ASP J 124 -39.59 -32.24 -13.44
N VAL J 125 -39.22 -33.42 -12.98
CA VAL J 125 -38.58 -34.39 -13.84
C VAL J 125 -39.58 -35.43 -14.39
N SER J 126 -40.84 -35.36 -13.94
CA SER J 126 -41.82 -36.35 -14.40
C SER J 126 -42.00 -36.33 -15.92
N GLY J 127 -42.13 -37.50 -16.51
CA GLY J 127 -42.33 -37.60 -17.95
C GLY J 127 -41.05 -37.67 -18.75
N VAL J 128 -39.90 -37.70 -18.09
CA VAL J 128 -38.62 -37.66 -18.80
C VAL J 128 -38.41 -38.87 -19.70
N ASP J 129 -39.00 -40.01 -19.33
CA ASP J 129 -38.77 -41.25 -20.08
C ASP J 129 -39.99 -41.61 -20.92
N THR J 130 -40.85 -40.62 -21.14
CA THR J 130 -42.00 -40.75 -22.01
C THR J 130 -41.69 -39.90 -23.22
N GLU J 131 -42.62 -39.84 -24.16
CA GLU J 131 -42.31 -39.24 -25.45
C GLU J 131 -42.51 -37.72 -25.46
N SER J 132 -43.36 -37.22 -24.57
CA SER J 132 -43.60 -35.78 -24.56
C SER J 132 -42.52 -35.14 -23.69
N GLY J 133 -41.86 -35.98 -22.90
CA GLY J 133 -40.71 -35.56 -22.12
C GLY J 133 -41.07 -34.85 -20.84
N ALA J 134 -40.03 -34.43 -20.12
CA ALA J 134 -40.19 -33.65 -18.90
C ALA J 134 -40.01 -32.17 -19.23
N THR J 135 -40.55 -31.30 -18.38
CA THR J 135 -40.30 -29.88 -18.51
C THR J 135 -39.74 -29.34 -17.19
N CYS J 136 -38.46 -28.98 -17.22
CA CYS J 136 -37.78 -28.44 -16.06
C CYS J 136 -37.67 -26.91 -16.22
N ARG J 137 -38.05 -26.18 -15.18
CA ARG J 137 -38.03 -24.72 -15.25
C ARG J 137 -36.95 -24.16 -14.33
N ILE J 138 -36.12 -23.28 -14.89
CA ILE J 138 -35.06 -22.64 -14.11
C ILE J 138 -35.33 -21.14 -14.01
N LYS J 139 -35.35 -20.62 -12.80
CA LYS J 139 -35.65 -19.20 -12.57
C LYS J 139 -34.37 -18.45 -12.17
N ILE J 140 -34.01 -17.46 -12.96
CA ILE J 140 -32.83 -16.65 -12.70
C ILE J 140 -33.12 -15.15 -12.60
N GLY J 141 -32.70 -14.53 -11.50
CA GLY J 141 -32.84 -13.10 -11.35
C GLY J 141 -31.84 -12.51 -10.35
N SER J 142 -31.79 -11.18 -10.28
CA SER J 142 -30.97 -10.48 -9.28
C SER J 142 -31.40 -10.89 -7.88
N TRP J 143 -30.44 -11.24 -7.03
CA TRP J 143 -30.78 -11.63 -5.66
C TRP J 143 -31.22 -10.45 -4.80
N THR J 144 -30.55 -9.30 -4.94
CA THR J 144 -30.77 -8.18 -4.03
C THR J 144 -31.20 -6.87 -4.67
N HIS J 145 -31.20 -6.79 -6.00
CA HIS J 145 -31.58 -5.56 -6.70
C HIS J 145 -32.98 -5.66 -7.29
N HIS J 146 -33.88 -4.76 -6.88
CA HIS J 146 -35.23 -4.71 -7.45
C HIS J 146 -35.25 -4.11 -8.86
N SER J 147 -36.45 -4.00 -9.44
CA SER J 147 -36.62 -3.68 -10.85
C SER J 147 -36.17 -2.27 -11.28
N ARG J 148 -36.05 -1.33 -10.34
CA ARG J 148 -35.56 -0.01 -10.70
C ARG J 148 -34.02 0.05 -10.71
N GLU J 149 -33.40 -1.06 -10.32
CA GLU J 149 -31.94 -1.13 -10.26
C GLU J 149 -31.38 -2.14 -11.24
N ILE J 150 -32.04 -3.31 -11.34
CA ILE J 150 -31.68 -4.27 -12.35
C ILE J 150 -32.93 -4.81 -13.05
N SER J 151 -32.97 -4.72 -14.39
CA SER J 151 -33.97 -5.45 -15.15
C SER J 151 -33.32 -6.64 -15.86
N VAL J 152 -34.01 -7.77 -15.89
CA VAL J 152 -33.51 -8.93 -16.62
C VAL J 152 -34.43 -9.22 -17.79
N ASP J 153 -33.88 -9.52 -18.95
CA ASP J 153 -34.70 -9.86 -20.12
C ASP J 153 -34.08 -11.03 -20.86
N PRO J 154 -34.92 -11.93 -21.39
CA PRO J 154 -34.50 -12.96 -22.35
C PRO J 154 -33.84 -12.29 -23.56
N THR J 155 -32.77 -12.90 -24.08
CA THR J 155 -32.12 -12.40 -25.29
C THR J 155 -32.77 -13.04 -26.50
N ASP J 160 -30.95 -22.11 -32.65
CA ASP J 160 -31.51 -23.44 -32.39
C ASP J 160 -31.17 -23.93 -30.99
N ASP J 161 -32.16 -24.54 -30.33
CA ASP J 161 -32.05 -24.97 -28.93
C ASP J 161 -30.96 -26.01 -28.69
N SER J 162 -30.66 -26.81 -29.71
CA SER J 162 -29.68 -27.89 -29.61
C SER J 162 -28.33 -27.60 -30.29
N GLU J 163 -28.13 -26.38 -30.79
CA GLU J 163 -26.94 -26.08 -31.60
C GLU J 163 -25.63 -26.39 -30.89
N TYR J 164 -25.57 -26.18 -29.59
CA TYR J 164 -24.36 -26.45 -28.82
C TYR J 164 -24.58 -27.66 -27.93
N PHE J 165 -25.74 -28.28 -28.03
CA PHE J 165 -26.05 -29.43 -27.19
C PHE J 165 -25.25 -30.67 -27.58
N SER J 166 -24.66 -31.32 -26.59
CA SER J 166 -23.80 -32.48 -26.84
C SER J 166 -24.57 -33.65 -27.45
N GLN J 167 -24.04 -34.20 -28.54
CA GLN J 167 -24.64 -35.36 -29.19
C GLN J 167 -24.43 -36.62 -28.36
N TYR J 168 -23.65 -36.51 -27.29
CA TYR J 168 -23.31 -37.69 -26.48
C TYR J 168 -24.06 -37.78 -25.18
N SER J 169 -24.90 -36.78 -24.90
CA SER J 169 -25.83 -36.84 -23.79
C SER J 169 -26.79 -38.05 -23.92
N ARG J 170 -27.23 -38.57 -22.77
CA ARG J 170 -28.25 -39.61 -22.79
C ARG J 170 -29.61 -39.01 -23.05
N PHE J 171 -29.67 -37.68 -23.01
CA PHE J 171 -30.91 -36.95 -23.22
C PHE J 171 -30.95 -36.15 -24.51
N GLU J 172 -32.14 -35.75 -24.92
CA GLU J 172 -32.29 -34.87 -26.07
C GLU J 172 -33.24 -33.75 -25.71
N ILE J 173 -32.99 -32.58 -26.30
CA ILE J 173 -33.82 -31.41 -26.03
C ILE J 173 -34.95 -31.33 -27.04
N LEU J 174 -36.17 -31.21 -26.54
CA LEU J 174 -37.35 -31.08 -27.40
C LEU J 174 -37.65 -29.61 -27.68
N ASP J 175 -37.37 -28.76 -26.69
CA ASP J 175 -37.69 -27.34 -26.80
C ASP J 175 -37.18 -26.52 -25.62
N VAL J 176 -36.77 -25.30 -25.91
CA VAL J 176 -36.36 -24.34 -24.88
C VAL J 176 -37.12 -23.02 -25.05
N THR J 177 -37.85 -22.60 -24.03
CA THR J 177 -38.51 -21.29 -24.07
C THR J 177 -38.07 -20.44 -22.89
N GLN J 178 -38.03 -19.12 -23.09
CA GLN J 178 -37.66 -18.19 -22.04
C GLN J 178 -38.77 -17.17 -21.87
N LYS J 179 -39.02 -16.74 -20.64
CA LYS J 179 -40.08 -15.77 -20.37
C LYS J 179 -39.75 -14.90 -19.15
N LYS J 180 -39.90 -13.60 -19.31
CA LYS J 180 -39.64 -12.64 -18.26
C LYS J 180 -40.77 -12.59 -17.24
N ASN J 181 -40.42 -12.61 -15.97
CA ASN J 181 -41.40 -12.43 -14.89
C ASN J 181 -41.05 -11.26 -13.96
N SER J 182 -42.07 -10.68 -13.36
CA SER J 182 -41.90 -9.63 -12.37
C SER J 182 -42.80 -9.94 -11.17
N VAL J 183 -42.21 -10.02 -9.99
CA VAL J 183 -42.95 -10.44 -8.80
C VAL J 183 -42.76 -9.43 -7.68
N THR J 184 -43.65 -9.47 -6.69
CA THR J 184 -43.44 -8.73 -5.45
C THR J 184 -43.39 -9.71 -4.27
N TYR J 185 -42.78 -9.28 -3.17
CA TYR J 185 -42.69 -10.12 -1.98
C TYR J 185 -43.41 -9.44 -0.82
N CYS J 188 -43.05 -4.93 1.24
CA CYS J 188 -42.19 -4.05 0.44
C CYS J 188 -42.74 -3.86 -0.97
N PRO J 189 -42.82 -2.60 -1.42
CA PRO J 189 -43.50 -2.28 -2.68
C PRO J 189 -42.73 -2.73 -3.92
N GLU J 190 -41.53 -3.28 -3.71
CA GLU J 190 -40.58 -3.51 -4.80
C GLU J 190 -40.79 -4.80 -5.58
N ALA J 191 -40.73 -4.69 -6.90
CA ALA J 191 -40.79 -5.83 -7.80
C ALA J 191 -39.38 -6.33 -8.12
N TYR J 192 -39.23 -7.64 -8.26
CA TYR J 192 -37.98 -8.24 -8.66
C TYR J 192 -38.17 -9.00 -9.95
N GLU J 193 -37.30 -8.76 -10.91
CA GLU J 193 -37.41 -9.44 -12.19
C GLU J 193 -36.62 -10.75 -12.22
N ASP J 194 -37.15 -11.72 -12.93
CA ASP J 194 -36.43 -12.96 -13.19
C ASP J 194 -36.69 -13.44 -14.61
N VAL J 195 -35.80 -14.29 -15.09
CA VAL J 195 -36.05 -15.00 -16.33
C VAL J 195 -36.31 -16.45 -15.98
N GLU J 196 -37.37 -16.98 -16.59
CA GLU J 196 -37.76 -18.37 -16.41
C GLU J 196 -37.45 -19.10 -17.71
N VAL J 197 -36.57 -20.08 -17.62
CA VAL J 197 -36.20 -20.86 -18.77
C VAL J 197 -36.82 -22.23 -18.62
N SER J 198 -37.66 -22.60 -19.58
CA SER J 198 -38.31 -23.92 -19.58
C SER J 198 -37.60 -24.87 -20.53
N LEU J 199 -37.03 -25.92 -19.95
CA LEU J 199 -36.32 -26.93 -20.72
C LEU J 199 -37.20 -28.19 -20.86
N ASN J 200 -37.68 -28.43 -22.08
CA ASN J 200 -38.44 -29.62 -22.38
C ASN J 200 -37.48 -30.64 -22.97
N PHE J 201 -37.24 -31.73 -22.24
CA PHE J 201 -36.27 -32.74 -22.65
C PHE J 201 -36.75 -34.16 -22.33
N ARG J 202 -36.12 -35.16 -22.94
CA ARG J 202 -36.44 -36.55 -22.65
C ARG J 202 -35.23 -37.46 -22.78
N LYS J 203 -35.34 -38.66 -22.22
CA LYS J 203 -34.32 -39.66 -22.38
C LYS J 203 -34.41 -40.20 -23.81
N LYS J 204 -33.26 -40.39 -24.45
CA LYS J 204 -33.23 -40.93 -25.81
C LYS J 204 -33.73 -42.36 -25.78
N GLY J 205 -34.45 -42.78 -26.81
CA GLY J 205 -35.10 -44.08 -26.73
C GLY J 205 -35.82 -44.67 -27.94
N ARG J 206 -35.17 -44.63 -29.11
CA ARG J 206 -35.59 -45.43 -30.27
C ARG J 206 -37.02 -45.98 -30.18
#